data_8OIA
#
_entry.id   8OIA
#
_cell.length_a   116.995
_cell.length_b   135.622
_cell.length_c   94.075
_cell.angle_alpha   90.000
_cell.angle_beta   104.691
_cell.angle_gamma   90.000
#
_symmetry.space_group_name_H-M   'C 1 2 1'
#
loop_
_entity.id
_entity.type
_entity.pdbx_description
1 polymer 'Inosine-uridine preferring nucleoside hydrolase family protein'
2 non-polymer 'CALCIUM ION'
3 non-polymer alpha-D-ribofuranose
4 non-polymer GLYCEROL
5 non-polymer 'TRIETHYLENE GLYCOL'
6 water water
#
_entity_poly.entity_id   1
_entity_poly.type   'polypeptide(L)'
_entity_poly.pdbx_seq_one_letter_code
;MSIKCALDCDPGHDDLAMIMLAVYSPKLDVQYISTTHGNQTVNKTYQNARRTLNLIKRADKIPVYRGYSKPLTRESVACP
EIHGESGLGGVDWSEIDRTMPRNPALDILGYKDESELRPDDFFKHLHRLVSAAEDKFDIISTGSETNIAQYLLAYPEDAK
KIRMTTMAGNFMIVGNIMPFAEFNVLIDPEAISNILQSGVDYTFAAPLDITHTVLVTEKVINDIKAATEPYSPKFTEMII
KLLFFFKDTYRDVFGFIDPPLHDPVAAFHLIAPEWFEHVRCHVDIETKGEYTYGCCCTNLILKKKDPTKIVKPDNATVCL
KLKEGGHDAFWNQMITVWGEIAKEIGK
;
_entity_poly.pdbx_strand_id   A,B,C,D
#
# COMPACT_ATOMS: atom_id res chain seq x y z
N SER A 2 3.40 46.69 -3.33
CA SER A 2 3.78 45.78 -2.22
C SER A 2 2.83 44.59 -2.19
N ILE A 3 3.31 43.41 -1.79
CA ILE A 3 2.55 42.17 -1.90
C ILE A 3 2.23 41.66 -0.50
N LYS A 4 0.93 41.62 -0.14
CA LYS A 4 0.52 41.08 1.16
C LYS A 4 0.67 39.56 1.12
N CYS A 5 1.16 38.99 2.22
CA CYS A 5 1.46 37.57 2.24
C CYS A 5 1.52 37.10 3.68
N ALA A 6 1.49 35.78 3.88
CA ALA A 6 1.74 35.18 5.18
C ALA A 6 2.85 34.15 5.03
N LEU A 7 3.59 33.89 6.12
CA LEU A 7 4.64 32.89 6.12
C LEU A 7 4.25 31.71 7.00
N ASP A 8 4.33 30.50 6.46
CA ASP A 8 4.16 29.29 7.24
C ASP A 8 5.51 28.56 7.25
N CYS A 9 6.06 28.26 8.43
CA CYS A 9 7.44 27.82 8.51
C CYS A 9 7.73 27.13 9.83
N ASP A 10 8.89 26.45 9.91
CA ASP A 10 9.28 25.66 11.08
C ASP A 10 10.70 26.04 11.52
N PRO A 11 10.98 27.31 11.92
CA PRO A 11 12.36 27.74 12.12
C PRO A 11 13.03 27.02 13.27
N GLY A 12 14.25 26.49 13.07
CA GLY A 12 14.88 26.31 11.77
C GLY A 12 15.72 27.51 11.29
N HIS A 13 17.02 27.28 11.05
CA HIS A 13 17.96 28.33 10.66
CA HIS A 13 17.96 28.34 10.66
C HIS A 13 17.59 28.90 9.29
N ASP A 14 17.24 28.02 8.34
CA ASP A 14 16.81 28.43 7.02
C ASP A 14 15.56 29.32 7.09
N ASP A 15 14.56 28.87 7.85
CA ASP A 15 13.31 29.61 7.98
C ASP A 15 13.62 30.98 8.60
N LEU A 16 14.54 31.01 9.57
CA LEU A 16 14.96 32.27 10.14
C LEU A 16 15.38 33.24 9.03
N ALA A 17 16.21 32.76 8.09
CA ALA A 17 16.72 33.58 6.99
C ALA A 17 15.56 34.05 6.10
N MET A 18 14.56 33.18 5.92
CA MET A 18 13.42 33.45 5.05
CA MET A 18 13.42 33.46 5.05
C MET A 18 12.55 34.56 5.65
N ILE A 19 12.32 34.50 6.97
CA ILE A 19 11.51 35.49 7.68
C ILE A 19 12.19 36.84 7.54
N MET A 20 13.51 36.88 7.78
CA MET A 20 14.28 38.11 7.62
C MET A 20 14.04 38.73 6.25
N LEU A 21 14.20 37.93 5.19
CA LEU A 21 14.09 38.43 3.83
C LEU A 21 12.68 38.96 3.58
N ALA A 22 11.69 38.18 4.04
CA ALA A 22 10.30 38.50 3.71
C ALA A 22 9.85 39.74 4.46
N VAL A 23 10.18 39.77 5.75
CA VAL A 23 9.81 40.86 6.64
C VAL A 23 10.49 42.16 6.16
N TYR A 24 11.80 42.14 5.85
CA TYR A 24 12.51 43.37 5.51
C TYR A 24 12.46 43.73 4.03
N SER A 25 12.10 42.82 3.13
CA SER A 25 11.93 43.22 1.75
C SER A 25 10.78 44.23 1.64
N PRO A 26 10.98 45.41 0.98
CA PRO A 26 9.86 46.35 0.78
C PRO A 26 8.85 45.84 -0.24
N LYS A 27 9.22 44.79 -0.99
CA LYS A 27 8.35 44.22 -1.99
C LYS A 27 7.23 43.40 -1.33
N LEU A 28 7.49 42.85 -0.13
CA LEU A 28 6.55 42.00 0.58
C LEU A 28 5.97 42.71 1.81
N ASP A 29 4.68 42.41 2.11
CA ASP A 29 4.01 42.91 3.30
C ASP A 29 3.49 41.73 4.15
N VAL A 30 4.28 41.29 5.13
CA VAL A 30 3.95 40.11 5.92
C VAL A 30 2.77 40.45 6.84
N GLN A 31 1.69 39.67 6.74
CA GLN A 31 0.50 39.85 7.58
C GLN A 31 0.67 39.10 8.90
N TYR A 32 1.17 37.86 8.84
CA TYR A 32 1.40 37.09 10.05
C TYR A 32 2.41 36.00 9.75
N ILE A 33 2.91 35.37 10.81
CA ILE A 33 3.65 34.12 10.66
C ILE A 33 2.93 33.01 11.42
N SER A 34 2.79 31.84 10.75
CA SER A 34 2.27 30.63 11.40
C SER A 34 3.36 29.56 11.40
N THR A 35 3.58 28.96 12.59
CA THR A 35 4.61 27.93 12.76
C THR A 35 3.99 26.52 12.76
N THR A 36 4.82 25.54 12.40
CA THR A 36 4.39 24.15 12.24
C THR A 36 5.46 23.26 12.87
N HIS A 37 5.14 21.98 12.99
CA HIS A 37 6.08 20.95 13.43
C HIS A 37 7.09 20.67 12.32
N GLY A 38 8.24 20.14 12.78
CA GLY A 38 9.32 19.62 11.95
C GLY A 38 10.28 18.79 12.83
N ASN A 39 11.59 19.00 12.65
CA ASN A 39 12.56 18.40 13.56
C ASN A 39 12.30 18.89 14.99
N GLN A 40 11.78 20.12 15.14
CA GLN A 40 11.33 20.62 16.43
C GLN A 40 9.81 20.78 16.51
N THR A 41 9.33 20.58 17.74
CA THR A 41 7.94 20.73 18.14
C THR A 41 7.43 22.12 17.74
N VAL A 42 6.14 22.22 17.41
CA VAL A 42 5.56 23.48 16.96
C VAL A 42 5.63 24.54 18.07
N ASN A 43 5.81 24.14 19.31
CA ASN A 43 6.02 25.08 20.40
C ASN A 43 7.36 25.78 20.25
N LYS A 44 8.40 25.02 19.91
CA LYS A 44 9.73 25.58 19.71
C LYS A 44 9.76 26.44 18.44
N THR A 45 9.07 25.99 17.38
CA THR A 45 9.12 26.74 16.15
C THR A 45 8.35 28.04 16.30
N TYR A 46 7.31 28.05 17.14
CA TYR A 46 6.68 29.30 17.56
C TYR A 46 7.73 30.22 18.21
N GLN A 47 8.43 29.71 19.23
CA GLN A 47 9.39 30.50 19.97
C GLN A 47 10.47 31.02 19.05
N ASN A 48 10.84 30.22 18.06
CA ASN A 48 11.92 30.55 17.12
C ASN A 48 11.50 31.60 16.10
N ALA A 49 10.22 31.62 15.70
CA ALA A 49 9.74 32.68 14.82
C ALA A 49 9.78 34.02 15.57
N ARG A 50 9.41 33.97 16.87
CA ARG A 50 9.31 35.17 17.68
C ARG A 50 10.72 35.68 18.01
N ARG A 51 11.66 34.75 18.21
CA ARG A 51 13.05 35.11 18.40
C ARG A 51 13.61 35.82 17.16
N THR A 52 13.32 35.28 15.97
CA THR A 52 13.72 35.89 14.71
C THR A 52 13.18 37.31 14.66
N LEU A 53 11.88 37.47 14.91
CA LEU A 53 11.25 38.76 14.83
C LEU A 53 11.87 39.73 15.85
N ASN A 54 12.17 39.27 17.07
CA ASN A 54 12.61 40.16 18.12
C ASN A 54 14.02 40.72 17.80
N LEU A 55 14.90 39.81 17.38
CA LEU A 55 16.23 40.11 16.87
C LEU A 55 16.19 41.18 15.77
N ILE A 56 15.18 41.17 14.90
CA ILE A 56 15.11 42.14 13.82
C ILE A 56 14.16 43.31 14.11
N LYS A 57 13.77 43.50 15.39
CA LYS A 57 13.04 44.68 15.83
C LYS A 57 11.65 44.73 15.19
N ARG A 58 10.92 43.61 15.24
CA ARG A 58 9.67 43.46 14.53
C ARG A 58 8.72 42.52 15.28
N ALA A 59 9.13 42.01 16.45
CA ALA A 59 8.33 41.11 17.26
C ALA A 59 7.04 41.77 17.75
N ASP A 60 7.04 43.10 17.86
CA ASP A 60 5.87 43.87 18.23
C ASP A 60 5.09 44.35 17.00
N LYS A 61 5.42 43.90 15.79
CA LYS A 61 4.65 44.33 14.63
C LYS A 61 3.87 43.17 14.01
N ILE A 62 4.46 41.98 14.00
CA ILE A 62 3.92 40.88 13.21
C ILE A 62 3.27 39.87 14.16
N PRO A 63 1.97 39.54 13.98
CA PRO A 63 1.37 38.45 14.74
C PRO A 63 2.00 37.09 14.37
N VAL A 64 2.30 36.29 15.39
CA VAL A 64 2.75 34.92 15.18
C VAL A 64 1.74 33.94 15.79
N TYR A 65 1.34 32.94 15.00
CA TYR A 65 0.42 31.89 15.43
C TYR A 65 1.19 30.57 15.59
N ARG A 66 0.84 29.84 16.65
CA ARG A 66 1.33 28.49 16.89
C ARG A 66 0.32 27.46 16.38
N GLY A 67 0.74 26.70 15.35
CA GLY A 67 -0.13 25.83 14.57
C GLY A 67 -0.09 24.37 15.05
N TYR A 68 -0.32 23.43 14.12
CA TYR A 68 -0.50 22.02 14.43
C TYR A 68 0.82 21.36 14.77
N SER A 69 0.77 20.44 15.73
CA SER A 69 1.94 19.84 16.36
C SER A 69 2.35 18.52 15.70
N LYS A 70 1.49 17.97 14.83
CA LYS A 70 1.78 16.69 14.22
C LYS A 70 1.13 16.64 12.83
N PRO A 71 1.51 15.67 11.97
CA PRO A 71 0.92 15.54 10.64
C PRO A 71 -0.53 15.07 10.67
N LEU A 72 -1.18 15.13 9.50
CA LEU A 72 -2.60 14.79 9.34
C LEU A 72 -2.87 13.37 9.81
N THR A 73 -2.03 12.40 9.40
CA THR A 73 -2.31 11.00 9.65
C THR A 73 -1.07 10.19 10.08
N ARG A 74 0.07 10.85 10.33
CA ARG A 74 1.27 10.14 10.70
C ARG A 74 1.83 10.70 12.00
N GLU A 75 2.93 10.11 12.47
CA GLU A 75 3.66 10.58 13.63
C GLU A 75 4.68 11.67 13.28
N SER A 76 4.76 12.69 14.14
CA SER A 76 5.87 13.63 14.18
C SER A 76 7.20 12.88 14.19
N VAL A 77 8.25 13.63 13.80
CA VAL A 77 9.63 13.16 13.86
C VAL A 77 10.49 14.14 14.67
N ALA A 78 9.86 14.73 15.71
CA ALA A 78 10.49 15.69 16.61
C ALA A 78 11.12 14.96 17.81
N SER A 86 17.09 23.32 20.56
CA SER A 86 16.18 24.50 20.47
C SER A 86 15.56 24.61 19.07
N GLY A 87 16.31 24.24 18.04
CA GLY A 87 15.88 24.40 16.65
C GLY A 87 16.55 25.58 15.95
N LEU A 88 17.29 26.38 16.73
CA LEU A 88 18.16 27.45 16.25
C LEU A 88 19.46 27.44 17.05
N GLY A 89 20.16 26.31 17.07
CA GLY A 89 21.42 26.22 17.77
C GLY A 89 22.48 27.13 17.14
N GLY A 90 23.52 27.39 17.94
CA GLY A 90 24.66 28.20 17.52
C GLY A 90 24.76 29.53 18.27
N VAL A 91 23.76 29.84 19.10
CA VAL A 91 23.51 31.18 19.61
C VAL A 91 22.90 31.10 20.99
N ASP A 92 23.23 32.09 21.83
CA ASP A 92 22.58 32.31 23.12
C ASP A 92 21.39 33.26 22.93
N TRP A 93 20.18 32.78 23.24
CA TRP A 93 18.95 33.51 22.96
C TRP A 93 18.37 34.12 24.23
N SER A 94 19.13 34.19 25.33
CA SER A 94 18.55 34.58 26.61
C SER A 94 18.08 36.04 26.59
N GLU A 95 18.87 36.89 25.93
CA GLU A 95 18.62 38.32 25.83
C GLU A 95 17.34 38.58 25.02
N ILE A 96 17.26 37.90 23.85
CA ILE A 96 16.12 38.00 22.94
C ILE A 96 14.85 37.50 23.62
N ASP A 97 14.94 36.39 24.36
CA ASP A 97 13.78 35.82 25.02
C ASP A 97 13.27 36.78 26.10
N ARG A 98 14.21 37.37 26.85
CA ARG A 98 13.89 38.19 28.00
C ARG A 98 13.30 39.54 27.58
N THR A 99 13.60 40.03 26.37
CA THR A 99 13.14 41.35 25.95
C THR A 99 12.02 41.21 24.92
N MET A 100 11.44 40.01 24.86
CA MET A 100 10.42 39.69 23.89
C MET A 100 9.16 40.51 24.15
N PRO A 101 8.70 41.36 23.22
CA PRO A 101 7.45 42.08 23.40
C PRO A 101 6.25 41.15 23.26
N ARG A 102 5.09 41.60 23.75
CA ARG A 102 3.86 40.84 23.65
C ARG A 102 3.59 40.52 22.19
N ASN A 103 3.08 39.31 21.93
CA ASN A 103 2.77 38.87 20.58
C ASN A 103 1.44 39.51 20.16
N PRO A 104 1.42 40.33 19.10
CA PRO A 104 0.20 41.02 18.69
C PRO A 104 -0.95 40.09 18.32
N ALA A 105 -0.61 38.82 18.10
CA ALA A 105 -1.62 37.83 17.79
C ALA A 105 -2.63 37.73 18.95
N LEU A 106 -2.08 37.80 20.18
CA LEU A 106 -2.85 37.69 21.41
C LEU A 106 -3.91 38.78 21.49
N ASP A 107 -3.56 40.00 21.08
CA ASP A 107 -4.51 41.10 21.04
C ASP A 107 -5.65 40.78 20.10
N ILE A 108 -5.30 40.28 18.90
CA ILE A 108 -6.30 39.92 17.89
C ILE A 108 -7.22 38.85 18.48
N LEU A 109 -6.68 37.91 19.24
CA LEU A 109 -7.45 36.74 19.67
C LEU A 109 -8.20 36.99 20.99
N GLY A 110 -7.82 38.03 21.74
CA GLY A 110 -8.44 38.29 23.02
C GLY A 110 -7.88 37.41 24.14
N TYR A 111 -6.66 36.91 23.94
CA TYR A 111 -6.01 36.03 24.90
C TYR A 111 -5.16 36.84 25.86
N LYS A 112 -5.12 36.44 27.14
CA LYS A 112 -4.24 37.08 28.10
C LYS A 112 -2.77 36.76 27.81
N ASP A 113 -2.47 35.49 27.51
CA ASP A 113 -1.10 35.04 27.36
C ASP A 113 -1.03 33.89 26.35
N GLU A 114 0.18 33.34 26.19
CA GLU A 114 0.50 32.46 25.08
C GLU A 114 0.02 31.04 25.31
N SER A 115 -0.29 30.68 26.56
CA SER A 115 -0.71 29.31 26.86
C SER A 115 -2.09 29.03 26.26
N GLU A 116 -2.82 30.09 25.88
CA GLU A 116 -4.14 29.98 25.27
C GLU A 116 -4.06 29.80 23.76
N LEU A 117 -2.87 29.84 23.16
CA LEU A 117 -2.75 29.71 21.72
C LEU A 117 -3.21 28.31 21.30
N ARG A 118 -3.99 28.26 20.21
CA ARG A 118 -4.54 27.03 19.66
C ARG A 118 -4.17 26.93 18.19
N PRO A 119 -3.88 25.70 17.70
CA PRO A 119 -3.46 25.48 16.32
C PRO A 119 -4.30 26.15 15.24
N ASP A 120 -5.62 26.27 15.44
CA ASP A 120 -6.50 26.84 14.43
C ASP A 120 -6.68 28.34 14.61
N ASP A 121 -5.92 28.97 15.52
CA ASP A 121 -6.03 30.41 15.77
C ASP A 121 -5.93 31.19 14.46
N PHE A 122 -4.99 30.83 13.56
CA PHE A 122 -4.70 31.63 12.39
C PHE A 122 -5.88 31.67 11.39
N PHE A 123 -6.84 30.76 11.53
CA PHE A 123 -7.82 30.49 10.49
C PHE A 123 -8.61 31.74 10.10
N LYS A 124 -9.15 32.45 11.08
CA LYS A 124 -10.04 33.56 10.79
C LYS A 124 -9.25 34.71 10.18
N HIS A 125 -8.02 34.90 10.63
CA HIS A 125 -7.17 35.94 10.06
C HIS A 125 -6.90 35.64 8.58
N LEU A 126 -6.54 34.40 8.26
CA LEU A 126 -6.24 34.02 6.87
C LEU A 126 -7.48 34.16 6.00
N HIS A 127 -8.65 33.80 6.55
CA HIS A 127 -9.89 33.85 5.81
C HIS A 127 -10.23 35.30 5.47
N ARG A 128 -9.97 36.22 6.40
CA ARG A 128 -10.18 37.62 6.08
C ARG A 128 -9.24 38.08 4.96
N LEU A 129 -8.00 37.59 4.98
CA LEU A 129 -7.02 37.98 3.97
C LEU A 129 -7.38 37.39 2.62
N VAL A 130 -7.84 36.14 2.61
CA VAL A 130 -8.25 35.49 1.37
C VAL A 130 -9.43 36.24 0.76
N SER A 131 -10.42 36.63 1.60
CA SER A 131 -11.62 37.27 1.10
C SER A 131 -11.27 38.62 0.50
N ALA A 132 -10.38 39.34 1.20
CA ALA A 132 -9.99 40.69 0.82
C ALA A 132 -9.14 40.67 -0.45
N ALA A 133 -8.45 39.56 -0.76
CA ALA A 133 -7.56 39.57 -1.91
C ALA A 133 -8.33 39.74 -3.21
N GLU A 134 -7.77 40.52 -4.12
CA GLU A 134 -8.39 40.85 -5.39
C GLU A 134 -8.32 39.67 -6.35
N ASP A 135 -7.27 38.87 -6.25
CA ASP A 135 -7.13 37.65 -7.04
C ASP A 135 -6.86 36.50 -6.07
N LYS A 136 -5.61 36.34 -5.63
CA LYS A 136 -5.26 35.29 -4.68
C LYS A 136 -4.37 35.86 -3.59
N PHE A 137 -4.41 35.25 -2.42
CA PHE A 137 -3.58 35.66 -1.30
C PHE A 137 -2.35 34.77 -1.24
N ASP A 138 -1.19 35.38 -1.00
CA ASP A 138 0.07 34.68 -1.14
C ASP A 138 0.47 34.10 0.22
N ILE A 139 0.71 32.79 0.26
CA ILE A 139 1.32 32.13 1.41
C ILE A 139 2.68 31.60 0.98
N ILE A 140 3.71 31.87 1.77
CA ILE A 140 5.00 31.24 1.62
C ILE A 140 5.11 30.16 2.70
N SER A 141 5.38 28.92 2.24
CA SER A 141 5.38 27.76 3.13
C SER A 141 6.74 27.07 3.00
N THR A 142 7.42 26.84 4.12
CA THR A 142 8.79 26.35 4.09
C THR A 142 9.09 25.37 5.21
N GLY A 143 8.04 24.84 5.84
CA GLY A 143 8.15 23.66 6.68
C GLY A 143 7.13 22.61 6.24
N SER A 144 6.77 21.67 7.12
CA SER A 144 5.61 20.80 6.86
C SER A 144 4.47 21.67 6.41
N GLU A 145 3.56 21.14 5.58
CA GLU A 145 2.47 21.96 5.04
C GLU A 145 1.12 21.57 5.68
N THR A 146 1.20 21.00 6.91
CA THR A 146 0.07 20.52 7.69
C THR A 146 -0.96 21.62 7.94
N ASN A 147 -0.46 22.81 8.35
CA ASN A 147 -1.29 23.96 8.70
C ASN A 147 -2.19 24.35 7.53
N ILE A 148 -1.61 24.38 6.32
CA ILE A 148 -2.36 24.80 5.15
C ILE A 148 -3.38 23.73 4.77
N ALA A 149 -3.00 22.45 4.89
CA ALA A 149 -3.93 21.34 4.68
C ALA A 149 -5.11 21.43 5.65
N GLN A 150 -4.82 21.66 6.95
CA GLN A 150 -5.87 21.84 7.93
C GLN A 150 -6.76 23.03 7.55
N TYR A 151 -6.16 24.17 7.22
CA TYR A 151 -6.98 25.30 6.83
C TYR A 151 -7.95 24.93 5.73
N LEU A 152 -7.45 24.24 4.69
CA LEU A 152 -8.25 23.94 3.51
C LEU A 152 -9.37 22.95 3.85
N LEU A 153 -9.12 22.10 4.86
CA LEU A 153 -10.16 21.17 5.32
C LEU A 153 -11.26 21.96 6.02
N ALA A 154 -10.88 23.02 6.76
CA ALA A 154 -11.88 23.87 7.40
C ALA A 154 -12.51 24.84 6.40
N TYR A 155 -11.73 25.31 5.41
CA TYR A 155 -12.21 26.30 4.44
C TYR A 155 -11.92 25.85 3.00
N PRO A 156 -12.59 24.79 2.48
CA PRO A 156 -12.31 24.29 1.13
C PRO A 156 -12.58 25.31 0.01
N GLU A 157 -13.51 26.24 0.24
CA GLU A 157 -13.94 27.18 -0.78
C GLU A 157 -12.89 28.27 -1.00
N ASP A 158 -11.89 28.35 -0.12
CA ASP A 158 -10.84 29.36 -0.21
C ASP A 158 -9.64 28.91 -1.06
N ALA A 159 -9.55 27.60 -1.33
CA ALA A 159 -8.41 27.04 -2.02
C ALA A 159 -8.17 27.81 -3.32
N LYS A 160 -9.24 28.04 -4.07
CA LYS A 160 -9.17 28.67 -5.38
C LYS A 160 -8.61 30.09 -5.27
N LYS A 161 -8.60 30.69 -4.07
CA LYS A 161 -8.12 32.06 -3.89
C LYS A 161 -6.84 32.08 -3.07
N ILE A 162 -6.15 30.94 -2.98
CA ILE A 162 -4.87 30.88 -2.30
C ILE A 162 -3.79 30.53 -3.32
N ARG A 163 -2.68 31.29 -3.29
CA ARG A 163 -1.47 31.00 -4.04
C ARG A 163 -0.35 30.60 -3.07
N MET A 164 0.17 29.39 -3.25
CA MET A 164 1.23 28.88 -2.42
C MET A 164 2.57 29.08 -3.17
N THR A 165 3.58 29.49 -2.41
CA THR A 165 4.95 29.48 -2.89
C THR A 165 5.79 28.75 -1.86
N THR A 166 6.39 27.61 -2.24
CA THR A 166 6.94 26.70 -1.24
C THR A 166 8.42 26.40 -1.46
N MET A 167 9.08 26.02 -0.36
CA MET A 167 10.32 25.25 -0.38
C MET A 167 9.92 23.82 0.00
N ALA A 168 9.98 22.94 -1.00
CA ALA A 168 9.59 21.55 -0.82
C ALA A 168 9.96 20.74 -2.04
N GLY A 169 10.28 19.47 -1.80
CA GLY A 169 10.34 18.48 -2.86
C GLY A 169 11.71 18.38 -3.51
N ASN A 170 11.83 17.40 -4.41
CA ASN A 170 12.97 17.19 -5.28
C ASN A 170 12.46 16.43 -6.49
N PHE A 171 12.95 16.82 -7.68
CA PHE A 171 12.34 16.40 -8.93
C PHE A 171 13.35 15.67 -9.82
N MET A 172 14.45 16.35 -10.20
CA MET A 172 15.45 15.78 -11.08
C MET A 172 16.69 15.34 -10.29
N ILE A 173 16.65 15.46 -8.96
CA ILE A 173 17.73 14.95 -8.11
C ILE A 173 17.07 14.22 -6.94
N VAL A 174 17.89 13.47 -6.20
CA VAL A 174 17.37 12.62 -5.15
C VAL A 174 17.02 13.51 -3.95
N GLY A 175 16.48 12.91 -2.88
CA GLY A 175 16.00 13.66 -1.73
C GLY A 175 17.11 13.93 -0.72
N ASN A 176 16.76 14.20 0.54
CA ASN A 176 17.77 14.43 1.56
C ASN A 176 17.59 13.44 2.72
N ILE A 177 16.54 13.59 3.54
CA ILE A 177 16.39 12.77 4.74
C ILE A 177 15.90 11.36 4.37
N MET A 178 15.26 11.23 3.21
CA MET A 178 15.03 9.91 2.66
C MET A 178 15.56 9.86 1.22
N PRO A 179 15.87 8.66 0.68
CA PRO A 179 16.55 8.57 -0.60
C PRO A 179 15.98 9.41 -1.72
N PHE A 180 14.65 9.44 -1.87
CA PHE A 180 14.04 10.06 -3.04
C PHE A 180 13.10 11.18 -2.67
N ALA A 181 13.08 11.56 -1.38
CA ALA A 181 12.13 12.54 -0.92
C ALA A 181 12.82 13.57 -0.04
N GLU A 182 12.18 14.75 -0.02
CA GLU A 182 12.65 15.91 0.71
C GLU A 182 11.85 16.07 2.01
N PHE A 183 12.52 16.50 3.09
CA PHE A 183 11.98 16.60 4.45
C PHE A 183 10.54 17.14 4.51
N ASN A 184 10.33 18.35 3.97
CA ASN A 184 9.05 19.06 4.10
C ASN A 184 7.88 18.27 3.53
N VAL A 185 8.12 17.49 2.46
CA VAL A 185 7.06 16.69 1.88
C VAL A 185 6.87 15.41 2.68
N LEU A 186 7.96 14.70 2.99
CA LEU A 186 7.83 13.36 3.56
C LEU A 186 7.22 13.41 4.97
N ILE A 187 7.48 14.49 5.73
CA ILE A 187 7.01 14.59 7.12
C ILE A 187 5.47 14.69 7.15
N ASP A 188 4.84 15.13 6.06
CA ASP A 188 3.38 15.03 5.95
C ASP A 188 2.97 15.07 4.48
N PRO A 189 3.10 13.95 3.73
CA PRO A 189 2.83 13.95 2.28
C PRO A 189 1.35 14.06 1.95
N GLU A 190 0.52 13.56 2.87
CA GLU A 190 -0.93 13.70 2.76
C GLU A 190 -1.33 15.17 2.72
N ALA A 191 -0.68 16.01 3.54
CA ALA A 191 -0.90 17.45 3.50
C ALA A 191 -0.72 18.01 2.07
N ILE A 192 0.44 17.76 1.48
CA ILE A 192 0.74 18.34 0.17
C ILE A 192 -0.16 17.70 -0.88
N SER A 193 -0.39 16.38 -0.77
CA SER A 193 -1.33 15.71 -1.65
C SER A 193 -2.70 16.39 -1.60
N ASN A 194 -3.23 16.63 -0.38
CA ASN A 194 -4.48 17.35 -0.24
C ASN A 194 -4.44 18.69 -0.99
N ILE A 195 -3.39 19.49 -0.73
CA ILE A 195 -3.30 20.86 -1.24
C ILE A 195 -3.30 20.86 -2.76
N LEU A 196 -2.56 19.92 -3.36
CA LEU A 196 -2.45 19.85 -4.81
C LEU A 196 -3.79 19.51 -5.46
N GLN A 197 -4.66 18.79 -4.73
CA GLN A 197 -5.94 18.39 -5.29
C GLN A 197 -7.01 19.45 -5.06
N SER A 198 -6.72 20.46 -4.24
CA SER A 198 -7.77 21.32 -3.66
C SER A 198 -8.19 22.46 -4.58
N GLY A 199 -7.33 22.88 -5.52
CA GLY A 199 -7.60 24.09 -6.29
C GLY A 199 -6.58 25.20 -6.03
N VAL A 200 -5.75 25.05 -4.99
CA VAL A 200 -4.68 26.01 -4.70
C VAL A 200 -3.79 26.16 -5.93
N ASP A 201 -3.31 27.39 -6.16
CA ASP A 201 -2.31 27.69 -7.16
C ASP A 201 -0.95 27.48 -6.49
N TYR A 202 -0.24 26.43 -6.88
CA TYR A 202 0.86 25.90 -6.10
C TYR A 202 2.14 25.95 -6.94
N THR A 203 3.20 26.46 -6.33
CA THR A 203 4.49 26.57 -6.97
C THR A 203 5.55 25.93 -6.08
N PHE A 204 6.20 24.91 -6.63
CA PHE A 204 7.44 24.36 -6.07
C PHE A 204 8.59 25.29 -6.47
N ALA A 205 8.75 26.37 -5.70
CA ALA A 205 9.63 27.46 -6.06
C ALA A 205 11.07 27.15 -5.71
N ALA A 206 11.24 26.31 -4.70
CA ALA A 206 12.58 26.04 -4.19
C ALA A 206 12.70 24.57 -3.78
N PRO A 207 12.68 23.64 -4.78
CA PRO A 207 13.07 22.25 -4.54
C PRO A 207 14.57 22.15 -4.31
N LEU A 208 15.03 20.97 -3.89
CA LEU A 208 16.46 20.75 -3.72
C LEU A 208 17.17 21.02 -5.04
N ASP A 209 16.49 20.75 -6.15
CA ASP A 209 17.00 21.01 -7.48
C ASP A 209 17.69 22.37 -7.53
N ILE A 210 17.00 23.40 -7.02
CA ILE A 210 17.50 24.76 -6.95
C ILE A 210 18.31 24.96 -5.67
N THR A 211 17.79 24.52 -4.51
CA THR A 211 18.36 24.92 -3.23
C THR A 211 19.74 24.28 -3.00
N HIS A 212 20.02 23.15 -3.69
CA HIS A 212 21.29 22.48 -3.53
CA HIS A 212 21.29 22.48 -3.55
C HIS A 212 22.39 23.24 -4.26
N THR A 213 22.01 24.29 -5.03
CA THR A 213 22.98 25.14 -5.71
C THR A 213 23.01 26.53 -5.10
N VAL A 214 22.30 26.75 -4.00
CA VAL A 214 22.33 28.00 -3.27
C VAL A 214 23.09 27.77 -1.97
N LEU A 215 24.41 27.87 -2.07
CA LEU A 215 25.34 27.41 -1.03
C LEU A 215 26.04 28.60 -0.37
N VAL A 216 26.39 28.45 0.92
CA VAL A 216 27.06 29.47 1.71
C VAL A 216 28.58 29.29 1.59
N THR A 217 29.14 29.87 0.52
CA THR A 217 30.55 29.81 0.17
C THR A 217 31.35 30.81 1.00
N GLU A 218 32.68 30.80 0.83
CA GLU A 218 33.53 31.82 1.42
C GLU A 218 33.15 33.19 0.86
N LYS A 219 32.78 33.26 -0.42
CA LYS A 219 32.42 34.52 -1.05
C LYS A 219 31.16 35.11 -0.42
N VAL A 220 30.17 34.25 -0.13
CA VAL A 220 28.96 34.69 0.54
C VAL A 220 29.27 35.19 1.95
N ILE A 221 30.10 34.47 2.72
CA ILE A 221 30.40 34.78 4.11
C ILE A 221 31.04 36.16 4.24
N ASN A 222 31.96 36.49 3.31
CA ASN A 222 32.67 37.77 3.35
C ASN A 222 31.78 38.91 2.87
N ASP A 223 30.85 38.63 1.94
CA ASP A 223 29.88 39.63 1.53
C ASP A 223 28.93 39.93 2.71
N ILE A 224 28.63 38.89 3.50
CA ILE A 224 27.76 39.06 4.66
C ILE A 224 28.48 39.99 5.64
N LYS A 225 29.74 39.66 5.96
CA LYS A 225 30.55 40.43 6.90
C LYS A 225 30.67 41.88 6.43
N ALA A 226 30.89 42.08 5.12
CA ALA A 226 30.97 43.40 4.52
C ALA A 226 29.67 44.19 4.75
N ALA A 227 28.51 43.53 4.55
CA ALA A 227 27.23 44.20 4.72
C ALA A 227 26.86 44.42 6.19
N THR A 228 27.44 43.68 7.16
CA THR A 228 26.92 43.67 8.53
C THR A 228 27.94 44.12 9.58
N GLU A 229 29.21 43.81 9.40
CA GLU A 229 30.19 44.01 10.46
C GLU A 229 30.35 45.50 10.76
N PRO A 230 30.23 46.42 9.77
CA PRO A 230 30.32 47.85 10.07
C PRO A 230 29.28 48.31 11.09
N TYR A 231 28.08 47.71 11.06
CA TYR A 231 26.94 48.25 11.80
C TYR A 231 26.66 47.41 13.05
N SER A 232 26.86 46.09 12.98
CA SER A 232 26.52 45.22 14.11
C SER A 232 27.39 43.96 14.09
N PRO A 233 28.59 44.00 14.72
CA PRO A 233 29.46 42.83 14.81
C PRO A 233 28.81 41.64 15.52
N LYS A 234 27.98 41.91 16.55
CA LYS A 234 27.36 40.81 17.26
C LYS A 234 26.35 40.14 16.32
N PHE A 235 25.62 40.89 15.48
CA PHE A 235 24.71 40.29 14.51
C PHE A 235 25.47 39.51 13.44
N THR A 236 26.66 39.98 13.05
CA THR A 236 27.47 39.27 12.07
C THR A 236 27.77 37.87 12.62
N GLU A 237 28.28 37.87 13.86
CA GLU A 237 28.68 36.65 14.56
C GLU A 237 27.50 35.67 14.64
N MET A 238 26.32 36.20 14.99
CA MET A 238 25.10 35.41 15.14
C MET A 238 24.71 34.76 13.83
N ILE A 239 24.60 35.55 12.76
CA ILE A 239 24.05 35.02 11.52
C ILE A 239 25.04 34.04 10.88
N ILE A 240 26.35 34.18 11.12
CA ILE A 240 27.31 33.25 10.56
C ILE A 240 27.15 31.88 11.26
N LYS A 241 27.10 31.92 12.61
CA LYS A 241 26.97 30.71 13.39
C LYS A 241 25.70 29.96 13.01
N LEU A 242 24.58 30.66 12.89
CA LEU A 242 23.31 30.06 12.53
C LEU A 242 23.43 29.39 11.16
N LEU A 243 24.12 30.05 10.22
CA LEU A 243 24.25 29.53 8.87
C LEU A 243 25.19 28.33 8.85
N PHE A 244 26.18 28.28 9.75
CA PHE A 244 27.13 27.17 9.76
C PHE A 244 26.89 26.16 10.88
N PHE A 245 25.75 26.21 11.59
CA PHE A 245 25.57 25.30 12.73
C PHE A 245 25.56 23.86 12.21
N PHE A 246 24.82 23.62 11.11
CA PHE A 246 24.60 22.28 10.57
C PHE A 246 25.62 21.98 9.45
N LYS A 247 26.79 22.66 9.46
CA LYS A 247 27.80 22.56 8.41
C LYS A 247 28.41 21.14 8.38
N ASP A 248 28.81 20.65 9.55
CA ASP A 248 29.53 19.38 9.67
C ASP A 248 28.69 18.21 9.18
N THR A 249 27.42 18.18 9.58
CA THR A 249 26.52 17.11 9.20
C THR A 249 26.18 17.24 7.71
N TYR A 250 26.04 18.47 7.20
CA TYR A 250 25.81 18.66 5.77
C TYR A 250 26.98 18.15 4.94
N ARG A 251 28.20 18.17 5.51
CA ARG A 251 29.37 17.66 4.82
C ARG A 251 29.45 16.14 4.95
N ASP A 252 29.36 15.62 6.19
CA ASP A 252 29.64 14.23 6.48
C ASP A 252 28.48 13.35 6.03
N VAL A 253 27.27 13.91 6.06
CA VAL A 253 26.09 13.14 5.70
C VAL A 253 25.76 13.36 4.21
N PHE A 254 25.82 14.61 3.70
CA PHE A 254 25.24 14.89 2.39
C PHE A 254 26.28 15.43 1.38
N GLY A 255 27.57 15.36 1.73
CA GLY A 255 28.64 15.57 0.77
C GLY A 255 29.00 17.03 0.48
N PHE A 256 28.16 17.98 0.90
CA PHE A 256 28.36 19.39 0.57
C PHE A 256 29.61 19.92 1.26
N ILE A 257 30.39 20.68 0.50
CA ILE A 257 31.57 21.35 1.02
C ILE A 257 31.09 22.59 1.77
N ASP A 258 30.16 23.30 1.12
CA ASP A 258 29.47 24.45 1.68
C ASP A 258 27.99 24.10 1.82
N PRO A 259 27.33 24.43 2.95
CA PRO A 259 25.95 24.00 3.20
C PRO A 259 24.95 24.87 2.46
N PRO A 260 23.79 24.31 2.08
CA PRO A 260 22.76 25.06 1.34
C PRO A 260 21.94 25.94 2.26
N LEU A 261 21.30 26.96 1.67
CA LEU A 261 20.27 27.75 2.33
C LEU A 261 19.00 27.59 1.50
N HIS A 262 18.00 26.91 2.06
CA HIS A 262 16.86 26.50 1.28
C HIS A 262 15.78 27.57 1.27
N ASP A 263 15.23 27.88 2.45
CA ASP A 263 13.90 28.46 2.56
C ASP A 263 13.81 29.91 2.04
N PRO A 264 14.83 30.78 2.23
CA PRO A 264 14.77 32.11 1.67
C PRO A 264 14.43 32.12 0.18
N VAL A 265 14.79 31.04 -0.52
CA VAL A 265 14.67 31.01 -1.97
C VAL A 265 13.20 31.11 -2.39
N ALA A 266 12.29 30.61 -1.53
CA ALA A 266 10.85 30.65 -1.76
C ALA A 266 10.27 32.05 -1.53
N ALA A 267 10.78 32.75 -0.52
CA ALA A 267 10.44 34.17 -0.38
C ALA A 267 10.99 34.95 -1.58
N PHE A 268 12.18 34.56 -2.05
CA PHE A 268 12.79 35.24 -3.18
C PHE A 268 11.89 35.10 -4.41
N HIS A 269 11.16 33.98 -4.50
CA HIS A 269 10.32 33.73 -5.65
C HIS A 269 9.17 34.73 -5.70
N LEU A 270 8.62 35.08 -4.53
CA LEU A 270 7.53 36.05 -4.47
C LEU A 270 8.08 37.46 -4.71
N ILE A 271 9.30 37.71 -4.20
CA ILE A 271 9.97 39.00 -4.39
C ILE A 271 10.26 39.23 -5.87
N ALA A 272 10.87 38.23 -6.54
CA ALA A 272 11.40 38.39 -7.88
C ALA A 272 11.28 37.06 -8.65
N PRO A 273 10.06 36.70 -9.11
CA PRO A 273 9.85 35.46 -9.86
C PRO A 273 10.71 35.32 -11.13
N GLU A 274 11.09 36.46 -11.72
CA GLU A 274 11.70 36.49 -13.05
C GLU A 274 13.07 35.80 -13.08
N TRP A 275 13.67 35.54 -11.91
CA TRP A 275 14.92 34.83 -11.84
C TRP A 275 14.76 33.31 -11.91
N PHE A 276 13.54 32.75 -12.04
CA PHE A 276 13.36 31.29 -11.97
C PHE A 276 12.85 30.73 -13.30
N GLU A 277 13.35 29.56 -13.69
CA GLU A 277 12.66 28.73 -14.66
C GLU A 277 11.35 28.26 -14.02
N HIS A 278 10.33 28.02 -14.88
CA HIS A 278 9.02 27.56 -14.43
C HIS A 278 8.47 26.57 -15.45
N VAL A 279 7.83 25.49 -14.97
CA VAL A 279 7.05 24.60 -15.83
C VAL A 279 5.79 24.14 -15.09
N ARG A 280 4.66 24.13 -15.83
CA ARG A 280 3.40 23.58 -15.33
C ARG A 280 3.39 22.08 -15.61
N CYS A 281 2.95 21.28 -14.63
CA CYS A 281 2.98 19.84 -14.76
C CYS A 281 2.02 19.21 -13.74
N HIS A 282 1.82 17.89 -13.83
CA HIS A 282 1.07 17.14 -12.83
C HIS A 282 2.06 16.53 -11.85
N VAL A 283 1.93 16.87 -10.56
CA VAL A 283 2.75 16.27 -9.51
C VAL A 283 1.88 15.30 -8.69
N ASP A 284 2.30 14.04 -8.62
CA ASP A 284 1.70 13.08 -7.70
C ASP A 284 2.58 12.93 -6.47
N ILE A 285 2.01 13.08 -5.26
CA ILE A 285 2.74 12.83 -4.03
C ILE A 285 2.50 11.38 -3.59
N GLU A 286 3.59 10.63 -3.49
CA GLU A 286 3.53 9.28 -2.99
C GLU A 286 3.10 9.35 -1.52
N THR A 287 2.05 8.59 -1.21
CA THR A 287 1.56 8.41 0.14
C THR A 287 1.55 6.92 0.52
N LYS A 288 1.43 6.01 -0.45
CA LYS A 288 1.29 4.59 -0.18
C LYS A 288 2.65 3.93 -0.02
N GLY A 289 3.69 4.47 -0.67
CA GLY A 289 5.01 3.89 -0.62
C GLY A 289 5.54 3.76 0.79
N GLU A 290 6.19 2.63 1.06
CA GLU A 290 6.75 2.31 2.36
C GLU A 290 8.06 3.07 2.58
N TYR A 291 8.89 3.12 1.53
CA TYR A 291 10.22 3.69 1.60
C TYR A 291 10.34 4.98 0.80
N THR A 292 9.23 5.43 0.18
CA THR A 292 9.24 6.45 -0.86
C THR A 292 8.10 7.46 -0.67
N TYR A 293 7.49 7.51 0.52
CA TYR A 293 6.47 8.52 0.77
C TYR A 293 7.12 9.90 0.72
N GLY A 294 6.39 10.87 0.16
CA GLY A 294 6.88 12.22 0.04
C GLY A 294 7.53 12.49 -1.33
N CYS A 295 7.76 11.45 -2.15
CA CYS A 295 8.32 11.62 -3.49
C CYS A 295 7.36 12.46 -4.32
N CYS A 296 7.93 13.46 -5.02
CA CYS A 296 7.21 14.28 -5.96
C CYS A 296 7.40 13.69 -7.35
N CYS A 297 6.40 12.96 -7.85
CA CYS A 297 6.51 12.18 -9.07
C CYS A 297 5.80 12.87 -10.24
N THR A 298 6.61 13.17 -11.28
CA THR A 298 6.24 13.82 -12.51
C THR A 298 6.91 13.05 -13.65
N ASN A 299 6.57 13.46 -14.88
CA ASN A 299 7.15 12.93 -16.10
C ASN A 299 8.20 13.92 -16.66
N LEU A 300 8.89 14.66 -15.78
CA LEU A 300 9.79 15.72 -16.24
C LEU A 300 11.02 15.15 -16.96
N ILE A 301 11.48 13.96 -16.59
CA ILE A 301 12.57 13.27 -17.26
C ILE A 301 12.23 13.00 -18.73
N LEU A 302 10.95 12.75 -19.03
CA LEU A 302 10.58 12.34 -20.38
C LEU A 302 10.45 13.58 -21.27
N LYS A 303 11.01 13.51 -22.48
CA LYS A 303 10.73 14.46 -23.53
C LYS A 303 9.72 13.89 -24.54
N LYS A 304 8.95 12.84 -24.22
CA LYS A 304 7.87 12.46 -25.11
C LYS A 304 6.73 11.76 -24.35
N LYS A 312 -3.23 13.29 -17.04
CA LYS A 312 -3.86 13.85 -15.81
C LYS A 312 -3.46 15.31 -15.68
N PRO A 313 -4.41 16.25 -15.46
CA PRO A 313 -4.16 17.68 -15.69
C PRO A 313 -3.15 18.30 -14.73
N ASP A 314 -2.55 19.41 -15.16
CA ASP A 314 -1.54 20.11 -14.37
C ASP A 314 -2.15 20.55 -13.05
N ASN A 315 -1.32 20.57 -12.01
CA ASN A 315 -1.77 20.92 -10.67
C ASN A 315 -0.68 21.69 -9.92
N ALA A 316 0.42 22.06 -10.59
CA ALA A 316 1.50 22.79 -9.92
C ALA A 316 2.40 23.47 -10.95
N THR A 317 3.14 24.48 -10.47
CA THR A 317 4.29 25.01 -11.17
C THR A 317 5.52 24.43 -10.50
N VAL A 318 6.49 23.98 -11.31
CA VAL A 318 7.76 23.51 -10.79
C VAL A 318 8.89 24.37 -11.32
N CYS A 319 9.72 24.85 -10.38
CA CYS A 319 10.91 25.64 -10.68
C CYS A 319 12.13 24.76 -10.43
N LEU A 320 12.78 24.39 -11.55
CA LEU A 320 13.85 23.40 -11.54
C LEU A 320 15.21 24.06 -11.43
N LYS A 321 15.37 25.27 -12.00
CA LYS A 321 16.63 25.99 -11.92
C LYS A 321 16.36 27.51 -11.87
N LEU A 322 17.36 28.24 -11.34
CA LEU A 322 17.41 29.69 -11.42
C LEU A 322 17.92 30.08 -12.80
N LYS A 323 17.32 31.12 -13.39
CA LYS A 323 17.81 31.69 -14.63
C LYS A 323 19.17 32.33 -14.39
N GLU A 324 19.89 32.60 -15.48
CA GLU A 324 21.23 33.14 -15.38
C GLU A 324 21.21 34.51 -14.69
N GLY A 325 22.12 34.66 -13.71
CA GLY A 325 22.18 35.80 -12.81
C GLY A 325 21.30 35.62 -11.59
N GLY A 326 20.64 34.46 -11.51
CA GLY A 326 19.65 34.22 -10.48
C GLY A 326 20.29 34.10 -9.10
N HIS A 327 21.48 33.47 -9.05
CA HIS A 327 22.16 33.18 -7.81
C HIS A 327 22.62 34.48 -7.18
N ASP A 328 23.17 35.35 -8.04
CA ASP A 328 23.65 36.66 -7.61
C ASP A 328 22.48 37.55 -7.21
N ALA A 329 21.41 37.58 -8.00
CA ALA A 329 20.22 38.34 -7.64
C ALA A 329 19.76 37.94 -6.24
N PHE A 330 19.76 36.63 -5.96
CA PHE A 330 19.29 36.09 -4.69
C PHE A 330 20.17 36.57 -3.53
N TRP A 331 21.49 36.38 -3.61
CA TRP A 331 22.39 36.77 -2.54
C TRP A 331 22.43 38.29 -2.29
N ASN A 332 22.35 39.11 -3.34
N ASN A 332 22.35 39.11 -3.34
CA ASN A 332 22.38 40.56 -3.18
CA ASN A 332 22.37 40.55 -3.16
C ASN A 332 21.14 40.99 -2.37
C ASN A 332 21.14 40.98 -2.38
N GLN A 333 20.00 40.35 -2.65
CA GLN A 333 18.76 40.65 -1.96
C GLN A 333 18.83 40.17 -0.51
N MET A 334 19.39 38.97 -0.31
CA MET A 334 19.51 38.39 1.02
C MET A 334 20.50 39.18 1.88
N ILE A 335 21.63 39.58 1.28
CA ILE A 335 22.72 40.22 2.01
C ILE A 335 22.36 41.68 2.27
N THR A 336 21.61 42.31 1.38
CA THR A 336 21.12 43.66 1.63
C THR A 336 20.17 43.68 2.83
N VAL A 337 19.33 42.66 2.95
CA VAL A 337 18.42 42.57 4.08
C VAL A 337 19.22 42.40 5.37
N TRP A 338 20.23 41.53 5.35
CA TRP A 338 21.06 41.31 6.52
C TRP A 338 21.77 42.59 6.91
N GLY A 339 22.13 43.42 5.91
CA GLY A 339 22.79 44.70 6.12
C GLY A 339 21.87 45.74 6.75
N GLU A 340 20.60 45.76 6.33
CA GLU A 340 19.60 46.64 6.90
C GLU A 340 19.25 46.22 8.34
N ILE A 341 19.13 44.92 8.57
CA ILE A 341 18.88 44.39 9.90
C ILE A 341 20.00 44.84 10.85
N ALA A 342 21.25 44.60 10.44
CA ALA A 342 22.42 44.95 11.24
C ALA A 342 22.42 46.45 11.57
N LYS A 343 21.89 47.29 10.65
CA LYS A 343 21.77 48.73 10.87
C LYS A 343 20.80 48.99 12.02
N GLU A 344 19.59 48.43 11.93
CA GLU A 344 18.58 48.61 12.96
C GLU A 344 19.08 48.10 14.32
N ILE A 345 19.86 47.00 14.35
CA ILE A 345 20.34 46.46 15.62
C ILE A 345 21.43 47.37 16.19
N GLY A 346 22.45 47.66 15.39
CA GLY A 346 23.63 48.37 15.86
C GLY A 346 24.45 47.53 16.83
N SER B 2 39.85 -18.37 -15.85
CA SER B 2 38.62 -18.10 -16.63
C SER B 2 37.42 -18.37 -15.73
N ILE B 3 36.36 -17.54 -15.85
CA ILE B 3 35.25 -17.57 -14.90
C ILE B 3 33.99 -18.05 -15.64
N LYS B 4 33.46 -19.19 -15.21
CA LYS B 4 32.21 -19.71 -15.77
C LYS B 4 31.04 -18.86 -15.28
N CYS B 5 30.11 -18.57 -16.18
CA CYS B 5 29.04 -17.67 -15.84
C CYS B 5 27.89 -17.88 -16.82
N ALA B 6 26.71 -17.34 -16.49
CA ALA B 6 25.60 -17.33 -17.41
C ALA B 6 25.10 -15.90 -17.52
N LEU B 7 24.49 -15.56 -18.66
CA LEU B 7 23.92 -14.25 -18.89
C LEU B 7 22.40 -14.34 -18.92
N ASP B 8 21.73 -13.51 -18.12
CA ASP B 8 20.30 -13.33 -18.19
C ASP B 8 20.03 -11.90 -18.65
N CYS B 9 19.28 -11.75 -19.75
CA CYS B 9 19.24 -10.47 -20.43
C CYS B 9 18.03 -10.37 -21.35
N ASP B 10 17.73 -9.14 -21.81
CA ASP B 10 16.55 -8.85 -22.59
C ASP B 10 16.93 -8.01 -23.81
N PRO B 11 17.78 -8.50 -24.75
CA PRO B 11 18.33 -7.64 -25.79
C PRO B 11 17.25 -7.14 -26.75
N GLY B 12 17.22 -5.81 -27.02
CA GLY B 12 17.97 -4.76 -26.31
C GLY B 12 19.38 -4.48 -26.88
N HIS B 13 19.63 -3.23 -27.30
CA HIS B 13 20.89 -2.82 -27.92
C HIS B 13 22.07 -2.97 -26.93
N ASP B 14 21.88 -2.53 -25.69
CA ASP B 14 22.96 -2.62 -24.73
C ASP B 14 23.15 -4.06 -24.30
N ASP B 15 22.11 -4.90 -24.17
CA ASP B 15 22.32 -6.32 -23.89
C ASP B 15 23.14 -6.93 -25.03
N LEU B 16 22.85 -6.53 -26.26
CA LEU B 16 23.60 -7.04 -27.39
C LEU B 16 25.10 -6.79 -27.15
N ALA B 17 25.45 -5.56 -26.73
CA ALA B 17 26.83 -5.18 -26.47
C ALA B 17 27.43 -6.03 -25.33
N MET B 18 26.60 -6.35 -24.35
CA MET B 18 27.03 -7.08 -23.16
C MET B 18 27.37 -8.53 -23.54
N ILE B 19 26.52 -9.14 -24.39
CA ILE B 19 26.71 -10.52 -24.84
C ILE B 19 28.06 -10.58 -25.58
N MET B 20 28.27 -9.62 -26.50
CA MET B 20 29.53 -9.54 -27.24
C MET B 20 30.72 -9.58 -26.29
N LEU B 21 30.72 -8.70 -25.30
CA LEU B 21 31.84 -8.54 -24.40
C LEU B 21 32.04 -9.85 -23.63
N ALA B 22 30.94 -10.42 -23.14
CA ALA B 22 31.04 -11.52 -22.20
C ALA B 22 31.49 -12.78 -22.94
N VAL B 23 30.87 -12.99 -24.11
CA VAL B 23 31.17 -14.14 -24.95
C VAL B 23 32.63 -14.06 -25.41
N TYR B 24 33.11 -12.90 -25.90
CA TYR B 24 34.46 -12.85 -26.46
C TYR B 24 35.56 -12.54 -25.44
N SER B 25 35.24 -12.04 -24.26
CA SER B 25 36.27 -11.83 -23.25
C SER B 25 36.88 -13.17 -22.85
N PRO B 26 38.22 -13.35 -22.88
CA PRO B 26 38.84 -14.59 -22.42
C PRO B 26 38.74 -14.78 -20.90
N LYS B 27 38.39 -13.72 -20.17
CA LYS B 27 38.27 -13.79 -18.72
C LYS B 27 36.99 -14.52 -18.31
N LEU B 28 35.97 -14.50 -19.17
CA LEU B 28 34.67 -15.08 -18.93
C LEU B 28 34.45 -16.35 -19.77
N ASP B 29 33.75 -17.35 -19.21
CA ASP B 29 33.35 -18.55 -19.93
C ASP B 29 31.83 -18.71 -19.90
N VAL B 30 31.12 -18.20 -20.91
CA VAL B 30 29.66 -18.18 -20.91
C VAL B 30 29.15 -19.61 -21.07
N GLN B 31 28.32 -20.07 -20.13
CA GLN B 31 27.72 -21.41 -20.18
C GLN B 31 26.45 -21.38 -21.03
N TYR B 32 25.60 -20.35 -20.83
CA TYR B 32 24.40 -20.22 -21.63
C TYR B 32 23.92 -18.79 -21.54
N ILE B 33 22.94 -18.46 -22.38
CA ILE B 33 22.19 -17.22 -22.23
C ILE B 33 20.71 -17.56 -22.02
N SER B 34 20.10 -16.91 -21.01
CA SER B 34 18.66 -16.98 -20.78
C SER B 34 18.05 -15.59 -21.00
N THR B 35 16.98 -15.52 -21.80
CA THR B 35 16.30 -14.28 -22.11
C THR B 35 15.04 -14.13 -21.24
N THR B 36 14.65 -12.86 -21.04
CA THR B 36 13.55 -12.50 -20.16
C THR B 36 12.74 -11.44 -20.88
N HIS B 37 11.58 -11.14 -20.30
CA HIS B 37 10.77 -10.01 -20.75
C HIS B 37 11.43 -8.69 -20.32
N GLY B 38 11.09 -7.60 -20.96
CA GLY B 38 11.70 -6.35 -20.56
C GLY B 38 11.69 -5.42 -21.74
N ASN B 39 12.85 -5.21 -22.39
CA ASN B 39 12.89 -4.32 -23.56
C ASN B 39 11.89 -4.78 -24.62
N GLN B 40 11.64 -6.12 -24.67
CA GLN B 40 10.57 -6.65 -25.49
C GLN B 40 10.06 -7.96 -24.84
N THR B 41 9.01 -8.53 -25.50
CA THR B 41 8.49 -9.86 -25.21
C THR B 41 9.61 -10.88 -25.20
N VAL B 42 9.54 -11.89 -24.32
CA VAL B 42 10.66 -12.81 -24.12
C VAL B 42 10.88 -13.64 -25.38
N ASN B 43 9.89 -13.71 -26.28
CA ASN B 43 10.08 -14.42 -27.53
C ASN B 43 11.03 -13.64 -28.43
N LYS B 44 10.85 -12.31 -28.49
CA LYS B 44 11.73 -11.44 -29.25
C LYS B 44 13.12 -11.39 -28.63
N THR B 45 13.21 -11.35 -27.29
CA THR B 45 14.52 -11.24 -26.66
C THR B 45 15.28 -12.54 -26.85
N TYR B 46 14.56 -13.68 -26.91
CA TYR B 46 15.17 -14.93 -27.36
C TYR B 46 15.78 -14.76 -28.74
N GLN B 47 14.95 -14.33 -29.70
CA GLN B 47 15.39 -14.20 -31.08
C GLN B 47 16.58 -13.24 -31.17
N ASN B 48 16.57 -12.19 -30.34
CA ASN B 48 17.59 -11.15 -30.36
C ASN B 48 18.92 -11.63 -29.75
N ALA B 49 18.87 -12.51 -28.75
CA ALA B 49 20.10 -13.08 -28.23
C ALA B 49 20.75 -13.95 -29.30
N ARG B 50 19.92 -14.70 -30.04
CA ARG B 50 20.39 -15.64 -31.04
C ARG B 50 20.93 -14.86 -32.24
N ARG B 51 20.28 -13.74 -32.57
CA ARG B 51 20.79 -12.86 -33.61
C ARG B 51 22.17 -12.29 -33.24
N THR B 52 22.33 -11.85 -32.00
CA THR B 52 23.61 -11.39 -31.48
C THR B 52 24.66 -12.48 -31.68
N LEU B 53 24.35 -13.70 -31.21
CA LEU B 53 25.27 -14.81 -31.29
C LEU B 53 25.62 -15.12 -32.75
N ASN B 54 24.65 -15.07 -33.67
CA ASN B 54 24.89 -15.50 -35.03
C ASN B 54 25.84 -14.53 -35.75
N LEU B 55 25.55 -13.24 -35.58
CA LEU B 55 26.41 -12.14 -36.02
C LEU B 55 27.87 -12.30 -35.55
N ILE B 56 28.10 -12.83 -34.34
CA ILE B 56 29.45 -12.99 -33.83
C ILE B 56 29.99 -14.42 -33.94
N LYS B 57 29.34 -15.26 -34.77
CA LYS B 57 29.85 -16.60 -35.11
C LYS B 57 29.89 -17.50 -33.89
N ARG B 58 28.78 -17.56 -33.16
CA ARG B 58 28.72 -18.25 -31.88
C ARG B 58 27.34 -18.84 -31.62
N ALA B 59 26.40 -18.66 -32.57
CA ALA B 59 25.03 -19.12 -32.40
C ALA B 59 24.96 -20.64 -32.28
N ASP B 60 25.92 -21.36 -32.83
CA ASP B 60 25.97 -22.81 -32.69
C ASP B 60 26.84 -23.25 -31.50
N LYS B 61 27.30 -22.34 -30.66
CA LYS B 61 28.21 -22.74 -29.59
C LYS B 61 27.60 -22.50 -28.21
N ILE B 62 26.82 -21.42 -28.09
CA ILE B 62 26.24 -21.04 -26.81
C ILE B 62 24.76 -21.42 -26.78
N PRO B 63 24.31 -22.22 -25.80
CA PRO B 63 22.88 -22.48 -25.66
C PRO B 63 22.13 -21.22 -25.23
N VAL B 64 20.97 -20.97 -25.87
CA VAL B 64 20.09 -19.90 -25.46
C VAL B 64 18.75 -20.47 -24.99
N TYR B 65 18.30 -20.02 -23.81
CA TYR B 65 17.03 -20.43 -23.24
C TYR B 65 16.04 -19.27 -23.33
N ARG B 66 14.79 -19.60 -23.67
CA ARG B 66 13.68 -18.66 -23.61
C ARG B 66 12.91 -18.80 -22.29
N GLY B 67 12.98 -17.74 -21.47
CA GLY B 67 12.48 -17.75 -20.10
C GLY B 67 11.06 -17.20 -19.98
N TYR B 68 10.78 -16.61 -18.80
CA TYR B 68 9.43 -16.18 -18.43
C TYR B 68 9.03 -14.92 -19.20
N SER B 69 7.74 -14.86 -19.55
CA SER B 69 7.21 -13.85 -20.44
C SER B 69 6.66 -12.64 -19.68
N LYS B 70 6.46 -12.77 -18.36
CA LYS B 70 5.85 -11.71 -17.60
C LYS B 70 6.39 -11.72 -16.17
N PRO B 71 6.21 -10.62 -15.41
CA PRO B 71 6.66 -10.55 -14.03
C PRO B 71 5.88 -11.47 -13.10
N LEU B 72 6.39 -11.57 -11.87
CA LEU B 72 5.88 -12.48 -10.85
C LEU B 72 4.40 -12.18 -10.57
N THR B 73 4.07 -10.89 -10.42
CA THR B 73 2.75 -10.48 -9.99
C THR B 73 2.27 -9.23 -10.72
N ARG B 74 2.93 -8.76 -11.78
CA ARG B 74 2.46 -7.57 -12.48
C ARG B 74 2.34 -7.87 -13.96
N GLU B 75 1.85 -6.91 -14.75
CA GLU B 75 1.80 -7.06 -16.20
C GLU B 75 3.10 -6.56 -16.83
N SER B 76 3.57 -7.27 -17.87
CA SER B 76 4.68 -6.86 -18.71
C SER B 76 4.60 -5.38 -19.11
N VAL B 77 5.78 -4.77 -19.22
CA VAL B 77 5.99 -3.44 -19.80
C VAL B 77 7.28 -3.53 -20.62
N ALA B 78 7.14 -3.40 -21.95
CA ALA B 78 8.25 -3.37 -22.89
C ALA B 78 8.75 -1.92 -23.07
N CYS B 79 9.80 -1.75 -23.89
CA CYS B 79 10.37 -0.44 -24.12
C CYS B 79 10.68 -0.24 -25.61
N PRO B 80 9.68 -0.34 -26.50
CA PRO B 80 9.90 -0.04 -27.91
C PRO B 80 10.35 1.42 -28.08
N GLU B 81 9.88 2.33 -27.22
CA GLU B 81 10.28 3.72 -27.32
C GLU B 81 11.81 3.80 -27.39
N ILE B 82 12.55 2.91 -26.71
CA ILE B 82 14.01 2.94 -26.79
C ILE B 82 14.55 1.97 -27.83
N HIS B 83 13.96 0.76 -27.90
CA HIS B 83 14.62 -0.35 -28.58
C HIS B 83 13.90 -0.82 -29.85
N GLY B 84 12.87 -0.10 -30.29
CA GLY B 84 12.06 -0.47 -31.44
C GLY B 84 11.11 -1.64 -31.11
N GLU B 85 10.13 -1.89 -32.00
CA GLU B 85 9.14 -2.94 -31.81
C GLU B 85 9.83 -4.31 -31.81
N SER B 86 10.95 -4.47 -32.54
CA SER B 86 11.70 -5.72 -32.57
C SER B 86 12.54 -5.91 -31.31
N GLY B 87 13.01 -4.79 -30.76
CA GLY B 87 13.91 -4.83 -29.61
C GLY B 87 15.36 -4.52 -30.00
N LEU B 88 15.66 -4.57 -31.31
CA LEU B 88 16.97 -4.29 -31.87
C LEU B 88 16.80 -3.56 -33.19
N GLY B 89 16.14 -2.39 -33.15
CA GLY B 89 15.97 -1.59 -34.34
C GLY B 89 17.33 -1.08 -34.85
N GLY B 90 17.33 -0.63 -36.10
CA GLY B 90 18.49 0.03 -36.67
C GLY B 90 19.03 -0.70 -37.89
N VAL B 91 18.63 -1.97 -38.08
CA VAL B 91 19.28 -2.88 -39.00
C VAL B 91 18.27 -3.91 -39.50
N ASP B 92 18.58 -4.45 -40.70
CA ASP B 92 17.85 -5.54 -41.30
C ASP B 92 18.48 -6.87 -40.89
N TRP B 93 17.70 -7.74 -40.24
CA TRP B 93 18.21 -8.96 -39.64
C TRP B 93 17.85 -10.19 -40.49
N SER B 94 17.40 -10.00 -41.73
CA SER B 94 16.95 -11.10 -42.57
C SER B 94 18.04 -12.14 -42.79
N GLU B 95 19.27 -11.67 -43.02
CA GLU B 95 20.38 -12.55 -43.37
C GLU B 95 20.80 -13.39 -42.16
N ILE B 96 20.90 -12.73 -41.01
CA ILE B 96 21.21 -13.35 -39.73
C ILE B 96 20.15 -14.40 -39.36
N ASP B 97 18.88 -14.07 -39.56
CA ASP B 97 17.79 -14.98 -39.24
C ASP B 97 17.85 -16.21 -40.14
N ARG B 98 18.13 -16.00 -41.43
CA ARG B 98 18.08 -17.04 -42.44
C ARG B 98 19.26 -18.00 -42.31
N THR B 99 20.38 -17.58 -41.70
CA THR B 99 21.56 -18.43 -41.60
C THR B 99 21.74 -18.91 -40.17
N MET B 100 20.68 -18.77 -39.37
CA MET B 100 20.71 -19.09 -37.95
C MET B 100 20.89 -20.60 -37.79
N PRO B 101 21.99 -21.08 -37.16
CA PRO B 101 22.15 -22.50 -36.90
C PRO B 101 21.20 -22.97 -35.78
N ARG B 102 21.01 -24.27 -35.66
CA ARG B 102 20.20 -24.85 -34.62
C ARG B 102 20.74 -24.41 -33.25
N ASN B 103 19.83 -24.15 -32.31
CA ASN B 103 20.18 -23.71 -30.97
C ASN B 103 20.66 -24.92 -30.16
N PRO B 104 21.93 -24.93 -29.70
CA PRO B 104 22.49 -26.07 -28.95
C PRO B 104 21.74 -26.38 -27.65
N ALA B 105 20.89 -25.44 -27.22
CA ALA B 105 20.06 -25.64 -26.05
C ALA B 105 19.14 -26.84 -26.27
N LEU B 106 18.64 -26.95 -27.50
CA LEU B 106 17.71 -28.00 -27.89
C LEU B 106 18.35 -29.37 -27.73
N ASP B 107 19.64 -29.47 -28.08
CA ASP B 107 20.40 -30.70 -27.93
C ASP B 107 20.45 -31.06 -26.44
N ILE B 108 20.76 -30.06 -25.60
CA ILE B 108 20.86 -30.26 -24.16
C ILE B 108 19.52 -30.75 -23.63
N LEU B 109 18.42 -30.21 -24.15
CA LEU B 109 17.09 -30.48 -23.59
C LEU B 109 16.45 -31.73 -24.19
N GLY B 110 16.96 -32.23 -25.32
CA GLY B 110 16.37 -33.39 -25.98
C GLY B 110 15.16 -33.01 -26.81
N TYR B 111 15.07 -31.75 -27.24
CA TYR B 111 13.95 -31.24 -28.00
C TYR B 111 14.23 -31.37 -29.49
N LYS B 112 13.21 -31.69 -30.27
CA LYS B 112 13.30 -31.71 -31.71
C LYS B 112 13.45 -30.30 -32.26
N ASP B 113 12.64 -29.35 -31.77
CA ASP B 113 12.64 -27.99 -32.31
C ASP B 113 12.24 -26.99 -31.23
N GLU B 114 12.07 -25.71 -31.62
CA GLU B 114 11.96 -24.58 -30.71
C GLU B 114 10.56 -24.46 -30.11
N SER B 115 9.55 -25.10 -30.70
CA SER B 115 8.20 -25.01 -30.19
C SER B 115 8.07 -25.70 -28.83
N GLU B 116 9.05 -26.54 -28.47
CA GLU B 116 9.09 -27.22 -27.19
C GLU B 116 9.75 -26.39 -26.11
N LEU B 117 10.28 -25.20 -26.43
CA LEU B 117 10.97 -24.39 -25.43
C LEU B 117 9.98 -23.94 -24.36
N ARG B 118 10.39 -24.06 -23.09
CA ARG B 118 9.59 -23.70 -21.94
C ARG B 118 10.40 -22.78 -21.04
N PRO B 119 9.73 -21.80 -20.38
CA PRO B 119 10.40 -20.85 -19.49
C PRO B 119 11.32 -21.47 -18.44
N ASP B 120 11.02 -22.68 -17.93
CA ASP B 120 11.85 -23.28 -16.89
C ASP B 120 12.94 -24.20 -17.47
N ASP B 121 13.12 -24.17 -18.80
CA ASP B 121 14.13 -25.00 -19.45
C ASP B 121 15.50 -24.84 -18.78
N PHE B 122 15.91 -23.60 -18.48
CA PHE B 122 17.28 -23.33 -18.05
C PHE B 122 17.59 -23.95 -16.69
N PHE B 123 16.56 -24.33 -15.93
CA PHE B 123 16.69 -24.63 -14.51
C PHE B 123 17.72 -25.73 -14.27
N LYS B 124 17.60 -26.85 -14.97
CA LYS B 124 18.44 -28.01 -14.71
C LYS B 124 19.90 -27.70 -15.06
N HIS B 125 20.12 -26.94 -16.13
CA HIS B 125 21.46 -26.56 -16.53
C HIS B 125 22.10 -25.71 -15.44
N LEU B 126 21.36 -24.70 -14.94
CA LEU B 126 21.88 -23.82 -13.91
C LEU B 126 22.18 -24.58 -12.63
N HIS B 127 21.31 -25.55 -12.29
CA HIS B 127 21.45 -26.29 -11.06
C HIS B 127 22.71 -27.15 -11.13
N ARG B 128 23.00 -27.70 -12.31
CA ARG B 128 24.26 -28.43 -12.46
C ARG B 128 25.46 -27.51 -12.26
N LEU B 129 25.35 -26.29 -12.78
CA LEU B 129 26.46 -25.33 -12.67
C LEU B 129 26.62 -24.86 -11.24
N VAL B 130 25.50 -24.63 -10.54
CA VAL B 130 25.56 -24.21 -9.16
C VAL B 130 26.21 -25.31 -8.30
N SER B 131 25.84 -26.58 -8.55
CA SER B 131 26.36 -27.69 -7.76
C SER B 131 27.86 -27.84 -7.96
N ALA B 132 28.27 -27.70 -9.23
CA ALA B 132 29.65 -27.86 -9.64
C ALA B 132 30.52 -26.71 -9.14
N ALA B 133 29.94 -25.53 -8.87
CA ALA B 133 30.77 -24.39 -8.48
C ALA B 133 31.45 -24.64 -7.13
N GLU B 134 32.71 -24.22 -7.04
CA GLU B 134 33.53 -24.43 -5.86
C GLU B 134 33.13 -23.45 -4.77
N ASP B 135 32.65 -22.28 -5.15
CA ASP B 135 32.18 -21.28 -4.20
C ASP B 135 30.77 -20.85 -4.63
N LYS B 136 30.68 -19.93 -5.60
CA LYS B 136 29.40 -19.50 -6.12
C LYS B 136 29.46 -19.43 -7.64
N PHE B 137 28.29 -19.61 -8.28
CA PHE B 137 28.20 -19.54 -9.72
C PHE B 137 27.72 -18.15 -10.12
N ASP B 138 28.37 -17.61 -11.16
CA ASP B 138 28.18 -16.22 -11.51
C ASP B 138 27.06 -16.10 -12.54
N ILE B 139 26.06 -15.28 -12.20
CA ILE B 139 25.04 -14.88 -13.16
C ILE B 139 25.19 -13.39 -13.40
N ILE B 140 25.20 -13.01 -14.68
CA ILE B 140 25.12 -11.61 -15.06
C ILE B 140 23.69 -11.37 -15.53
N SER B 141 23.04 -10.39 -14.90
CA SER B 141 21.63 -10.14 -15.16
C SER B 141 21.47 -8.68 -15.56
N THR B 142 20.84 -8.44 -16.69
CA THR B 142 20.80 -7.09 -17.26
C THR B 142 19.46 -6.77 -17.91
N GLY B 143 18.44 -7.59 -17.62
CA GLY B 143 17.04 -7.27 -17.89
C GLY B 143 16.24 -7.41 -16.60
N SER B 144 14.91 -7.57 -16.71
CA SER B 144 14.11 -8.00 -15.57
C SER B 144 14.81 -9.19 -14.92
N GLU B 145 14.62 -9.35 -13.61
CA GLU B 145 15.29 -10.43 -12.89
C GLU B 145 14.29 -11.53 -12.49
N THR B 146 13.18 -11.62 -13.26
CA THR B 146 12.09 -12.57 -13.06
C THR B 146 12.61 -14.03 -13.13
N ASN B 147 13.44 -14.33 -14.13
CA ASN B 147 13.97 -15.67 -14.35
C ASN B 147 14.73 -16.16 -13.12
N ILE B 148 15.56 -15.31 -12.53
CA ILE B 148 16.33 -15.71 -11.36
C ILE B 148 15.42 -15.86 -10.14
N ALA B 149 14.42 -14.98 -9.99
CA ALA B 149 13.39 -15.12 -8.94
C ALA B 149 12.68 -16.46 -9.07
N GLN B 150 12.25 -16.80 -10.30
CA GLN B 150 11.59 -18.07 -10.56
C GLN B 150 12.53 -19.22 -10.21
N TYR B 151 13.78 -19.16 -10.68
CA TYR B 151 14.71 -20.22 -10.35
C TYR B 151 14.76 -20.44 -8.84
N LEU B 152 14.90 -19.35 -8.08
CA LEU B 152 15.12 -19.42 -6.63
C LEU B 152 13.88 -19.97 -5.95
N LEU B 153 12.70 -19.73 -6.53
CA LEU B 153 11.47 -20.28 -5.96
C LEU B 153 11.46 -21.80 -6.18
N ALA B 154 12.00 -22.26 -7.32
CA ALA B 154 12.09 -23.69 -7.57
C ALA B 154 13.27 -24.30 -6.81
N TYR B 155 14.39 -23.54 -6.67
CA TYR B 155 15.61 -24.02 -6.03
C TYR B 155 16.10 -23.07 -4.94
N PRO B 156 15.37 -22.92 -3.80
CA PRO B 156 15.78 -21.97 -2.75
C PRO B 156 17.15 -22.29 -2.11
N GLU B 157 17.54 -23.55 -2.12
CA GLU B 157 18.75 -23.98 -1.43
C GLU B 157 20.00 -23.59 -2.22
N ASP B 158 19.83 -23.15 -3.47
CA ASP B 158 20.93 -22.74 -4.34
C ASP B 158 21.29 -21.26 -4.17
N ALA B 159 20.41 -20.47 -3.56
CA ALA B 159 20.61 -19.04 -3.45
C ALA B 159 21.99 -18.74 -2.87
N LYS B 160 22.33 -19.45 -1.78
CA LYS B 160 23.59 -19.23 -1.07
C LYS B 160 24.80 -19.54 -1.97
N LYS B 161 24.59 -20.25 -3.09
CA LYS B 161 25.70 -20.58 -3.99
C LYS B 161 25.58 -19.83 -5.31
N ILE B 162 24.77 -18.77 -5.33
CA ILE B 162 24.64 -17.92 -6.52
C ILE B 162 25.19 -16.53 -6.21
N ARG B 163 26.01 -16.00 -7.13
CA ARG B 163 26.48 -14.63 -7.11
C ARG B 163 25.91 -13.87 -8.30
N MET B 164 25.14 -12.83 -8.02
CA MET B 164 24.52 -12.02 -9.05
C MET B 164 25.38 -10.77 -9.29
N THR B 165 25.53 -10.42 -10.57
CA THR B 165 26.17 -9.18 -10.95
C THR B 165 25.25 -8.50 -11.96
N THR B 166 24.68 -7.34 -11.59
CA THR B 166 23.53 -6.83 -12.32
C THR B 166 23.73 -5.42 -12.86
N MET B 167 22.96 -5.13 -13.92
CA MET B 167 22.62 -3.78 -14.31
C MET B 167 21.17 -3.57 -13.86
N ALA B 168 21.01 -2.73 -12.84
CA ALA B 168 19.70 -2.39 -12.31
C ALA B 168 19.83 -1.24 -11.33
N GLY B 169 18.77 -0.44 -11.26
CA GLY B 169 18.56 0.48 -10.16
C GLY B 169 19.17 1.86 -10.41
N ASN B 170 18.86 2.77 -9.48
CA ASN B 170 19.46 4.09 -9.41
C ASN B 170 19.39 4.50 -7.94
N PHE B 171 20.47 5.12 -7.46
CA PHE B 171 20.68 5.31 -6.03
C PHE B 171 20.80 6.80 -5.68
N MET B 172 21.79 7.50 -6.26
CA MET B 172 22.07 8.89 -5.96
C MET B 172 21.60 9.79 -7.09
N ILE B 173 20.98 9.23 -8.12
CA ILE B 173 20.33 10.02 -9.18
C ILE B 173 18.96 9.41 -9.43
N VAL B 174 18.14 10.15 -10.17
CA VAL B 174 16.76 9.76 -10.39
C VAL B 174 16.72 8.61 -11.38
N GLY B 175 15.53 8.10 -11.69
CA GLY B 175 15.38 6.92 -12.53
C GLY B 175 15.28 7.31 -14.00
N ASN B 176 14.71 6.43 -14.84
CA ASN B 176 14.56 6.74 -16.25
C ASN B 176 13.08 6.63 -16.66
N ILE B 177 12.54 5.42 -16.76
CA ILE B 177 11.19 5.19 -17.25
C ILE B 177 10.15 5.59 -16.21
N MET B 178 10.54 5.62 -14.93
CA MET B 178 9.73 6.26 -13.92
C MET B 178 10.59 7.27 -13.16
N PRO B 179 9.99 8.28 -12.52
CA PRO B 179 10.77 9.37 -11.93
C PRO B 179 11.95 8.96 -11.07
N PHE B 180 11.78 7.97 -10.20
CA PHE B 180 12.80 7.65 -9.20
C PHE B 180 13.27 6.21 -9.34
N ALA B 181 12.83 5.51 -10.40
CA ALA B 181 13.17 4.11 -10.55
C ALA B 181 13.65 3.80 -11.97
N GLU B 182 14.44 2.72 -12.02
CA GLU B 182 15.09 2.27 -13.24
C GLU B 182 14.32 1.08 -13.83
N PHE B 183 14.25 1.02 -15.18
CA PHE B 183 13.47 0.04 -15.93
C PHE B 183 13.55 -1.39 -15.37
N ASN B 184 14.76 -1.95 -15.23
CA ASN B 184 14.96 -3.35 -14.87
C ASN B 184 14.35 -3.70 -13.51
N VAL B 185 14.38 -2.75 -12.58
CA VAL B 185 13.78 -3.00 -11.28
C VAL B 185 12.27 -2.80 -11.34
N LEU B 186 11.79 -1.71 -11.92
CA LEU B 186 10.37 -1.38 -11.84
C LEU B 186 9.49 -2.42 -12.57
N ILE B 187 10.02 -3.03 -13.64
CA ILE B 187 9.22 -3.95 -14.44
CA ILE B 187 9.24 -3.95 -14.45
C ILE B 187 8.95 -5.24 -13.68
N ASP B 188 9.75 -5.54 -12.65
CA ASP B 188 9.43 -6.62 -11.71
C ASP B 188 10.19 -6.43 -10.40
N PRO B 189 9.74 -5.51 -9.51
CA PRO B 189 10.48 -5.22 -8.27
C PRO B 189 10.39 -6.34 -7.25
N GLU B 190 9.26 -7.08 -7.29
CA GLU B 190 9.07 -8.25 -6.45
C GLU B 190 10.17 -9.28 -6.70
N ALA B 191 10.55 -9.47 -7.98
CA ALA B 191 11.66 -10.36 -8.32
C ALA B 191 12.94 -9.97 -7.57
N ILE B 192 13.36 -8.72 -7.67
CA ILE B 192 14.61 -8.28 -7.05
C ILE B 192 14.45 -8.33 -5.53
N SER B 193 13.30 -7.92 -5.04
CA SER B 193 13.02 -8.02 -3.60
C SER B 193 13.18 -9.46 -3.13
N ASN B 194 12.58 -10.43 -3.84
CA ASN B 194 12.76 -11.84 -3.50
C ASN B 194 14.25 -12.19 -3.43
N ILE B 195 15.00 -11.84 -4.49
CA ILE B 195 16.40 -12.24 -4.63
C ILE B 195 17.22 -11.69 -3.47
N LEU B 196 16.97 -10.42 -3.08
CA LEU B 196 17.72 -9.79 -2.00
C LEU B 196 17.49 -10.50 -0.67
N GLN B 197 16.30 -11.09 -0.49
CA GLN B 197 15.97 -11.73 0.77
C GLN B 197 16.43 -13.19 0.80
N SER B 198 16.88 -13.73 -0.34
CA SER B 198 17.02 -15.17 -0.52
C SER B 198 18.33 -15.74 0.00
N GLY B 199 19.39 -14.91 0.10
CA GLY B 199 20.72 -15.41 0.43
C GLY B 199 21.73 -15.28 -0.72
N VAL B 200 21.24 -14.91 -1.92
CA VAL B 200 22.10 -14.58 -3.05
C VAL B 200 23.09 -13.50 -2.64
N ASP B 201 24.31 -13.61 -3.18
CA ASP B 201 25.32 -12.58 -3.06
C ASP B 201 25.10 -11.65 -4.26
N TYR B 202 24.62 -10.43 -3.99
CA TYR B 202 24.05 -9.56 -5.01
C TYR B 202 24.85 -8.26 -5.09
N THR B 203 25.18 -7.87 -6.32
CA THR B 203 25.93 -6.66 -6.58
C THR B 203 25.18 -5.83 -7.62
N PHE B 204 24.83 -4.60 -7.22
CA PHE B 204 24.38 -3.57 -8.14
C PHE B 204 25.62 -2.96 -8.80
N ALA B 205 26.12 -3.63 -9.85
CA ALA B 205 27.39 -3.32 -10.46
C ALA B 205 27.27 -2.12 -11.40
N ALA B 206 26.10 -1.93 -11.96
CA ALA B 206 25.91 -0.94 -13.00
C ALA B 206 24.54 -0.29 -12.86
N PRO B 207 24.32 0.52 -11.79
CA PRO B 207 23.15 1.41 -11.73
C PRO B 207 23.29 2.56 -12.71
N LEU B 208 22.23 3.35 -12.89
CA LEU B 208 22.29 4.53 -13.75
C LEU B 208 23.42 5.44 -13.25
N ASP B 209 23.64 5.45 -11.95
CA ASP B 209 24.70 6.24 -11.33
C ASP B 209 25.99 6.09 -12.12
N ILE B 210 26.34 4.84 -12.47
CA ILE B 210 27.52 4.54 -13.27
C ILE B 210 27.19 4.61 -14.75
N THR B 211 26.08 4.00 -15.18
CA THR B 211 25.84 3.81 -16.61
C THR B 211 25.55 5.14 -17.32
N HIS B 212 25.09 6.14 -16.57
CA HIS B 212 24.82 7.45 -17.14
C HIS B 212 26.11 8.22 -17.42
N THR B 213 27.26 7.67 -17.02
CA THR B 213 28.57 8.23 -17.34
C THR B 213 29.33 7.36 -18.34
N VAL B 214 28.69 6.29 -18.83
CA VAL B 214 29.30 5.40 -19.80
C VAL B 214 28.58 5.62 -21.12
N LEU B 215 28.98 6.67 -21.84
CA LEU B 215 28.22 7.18 -22.96
C LEU B 215 28.93 6.90 -24.28
N VAL B 216 28.15 6.68 -25.34
CA VAL B 216 28.63 6.40 -26.68
C VAL B 216 28.80 7.71 -27.42
N THR B 217 29.97 8.33 -27.22
CA THR B 217 30.33 9.64 -27.76
C THR B 217 30.78 9.51 -29.22
N GLU B 218 31.07 10.66 -29.85
CA GLU B 218 31.71 10.62 -31.16
C GLU B 218 33.08 9.96 -31.07
N LYS B 219 33.79 10.13 -29.95
CA LYS B 219 35.11 9.54 -29.75
C LYS B 219 35.02 8.01 -29.71
N VAL B 220 34.00 7.49 -29.02
CA VAL B 220 33.77 6.05 -28.98
C VAL B 220 33.45 5.53 -30.39
N ILE B 221 32.58 6.22 -31.14
CA ILE B 221 32.10 5.75 -32.43
C ILE B 221 33.24 5.59 -33.42
N ASN B 222 34.17 6.55 -33.42
CA ASN B 222 35.32 6.56 -34.31
C ASN B 222 36.37 5.54 -33.88
N ASP B 223 36.50 5.29 -32.56
CA ASP B 223 37.37 4.24 -32.08
C ASP B 223 36.82 2.88 -32.51
N ILE B 224 35.49 2.76 -32.56
CA ILE B 224 34.85 1.51 -32.96
C ILE B 224 35.20 1.25 -34.42
N LYS B 225 34.94 2.28 -35.26
CA LYS B 225 35.19 2.18 -36.69
C LYS B 225 36.66 1.85 -36.97
N ALA B 226 37.55 2.51 -36.22
CA ALA B 226 38.98 2.28 -36.34
C ALA B 226 39.34 0.83 -35.99
N ALA B 227 38.75 0.26 -34.93
CA ALA B 227 39.03 -1.11 -34.54
C ALA B 227 38.37 -2.15 -35.46
N THR B 228 37.33 -1.79 -36.25
CA THR B 228 36.52 -2.80 -36.94
C THR B 228 36.55 -2.68 -38.47
N GLU B 229 36.62 -1.45 -38.97
CA GLU B 229 36.44 -1.23 -40.40
C GLU B 229 37.55 -1.91 -41.21
N PRO B 230 38.80 -2.02 -40.71
CA PRO B 230 39.86 -2.73 -41.45
C PRO B 230 39.50 -4.18 -41.73
N TYR B 231 38.80 -4.84 -40.81
CA TYR B 231 38.63 -6.30 -40.89
C TYR B 231 37.24 -6.67 -41.39
N SER B 232 36.22 -5.89 -41.04
CA SER B 232 34.86 -6.24 -41.41
C SER B 232 34.02 -4.99 -41.52
N PRO B 233 33.95 -4.36 -42.72
CA PRO B 233 33.03 -3.24 -42.95
C PRO B 233 31.57 -3.61 -42.72
N LYS B 234 31.18 -4.85 -43.03
CA LYS B 234 29.79 -5.26 -42.81
C LYS B 234 29.47 -5.20 -41.32
N PHE B 235 30.40 -5.68 -40.47
CA PHE B 235 30.19 -5.66 -39.03
C PHE B 235 30.21 -4.23 -38.50
N THR B 236 31.04 -3.38 -39.09
CA THR B 236 31.11 -1.99 -38.66
C THR B 236 29.74 -1.37 -38.85
N GLU B 237 29.21 -1.54 -40.07
CA GLU B 237 27.91 -1.03 -40.49
C GLU B 237 26.83 -1.48 -39.51
N MET B 238 26.83 -2.77 -39.15
CA MET B 238 25.83 -3.32 -38.25
C MET B 238 25.89 -2.66 -36.87
N ILE B 239 27.07 -2.70 -36.24
CA ILE B 239 27.18 -2.27 -34.85
C ILE B 239 26.97 -0.74 -34.75
N ILE B 240 27.34 -0.01 -35.80
CA ILE B 240 27.21 1.45 -35.80
C ILE B 240 25.72 1.78 -35.90
N LYS B 241 25.01 1.13 -36.82
CA LYS B 241 23.60 1.42 -37.02
C LYS B 241 22.81 1.15 -35.74
N LEU B 242 23.09 0.01 -35.09
CA LEU B 242 22.44 -0.33 -33.84
C LEU B 242 22.72 0.76 -32.80
N LEU B 243 23.95 1.26 -32.76
CA LEU B 243 24.31 2.28 -31.79
C LEU B 243 23.67 3.63 -32.11
N PHE B 244 23.52 3.94 -33.40
CA PHE B 244 22.93 5.20 -33.82
C PHE B 244 21.41 5.17 -33.56
N PHE B 245 20.75 4.06 -33.86
CA PHE B 245 19.34 3.91 -33.51
C PHE B 245 19.15 4.11 -31.99
N PHE B 246 20.01 3.48 -31.17
CA PHE B 246 19.93 3.60 -29.73
C PHE B 246 20.12 5.05 -29.27
N LYS B 247 21.05 5.75 -29.92
CA LYS B 247 21.34 7.16 -29.68
C LYS B 247 20.13 8.04 -29.97
N ASP B 248 19.51 7.87 -31.15
CA ASP B 248 18.41 8.72 -31.59
C ASP B 248 17.20 8.65 -30.65
N THR B 249 16.85 7.44 -30.19
CA THR B 249 15.72 7.26 -29.30
C THR B 249 16.08 7.80 -27.91
N TYR B 250 17.34 7.65 -27.48
CA TYR B 250 17.76 8.21 -26.20
C TYR B 250 17.71 9.74 -26.23
N ARG B 251 17.87 10.33 -27.42
CA ARG B 251 17.80 11.77 -27.59
C ARG B 251 16.35 12.23 -27.64
N ASP B 252 15.51 11.58 -28.48
CA ASP B 252 14.09 11.91 -28.60
C ASP B 252 13.31 11.64 -27.31
N VAL B 253 13.72 10.61 -26.54
CA VAL B 253 12.97 10.22 -25.36
C VAL B 253 13.51 10.94 -24.12
N PHE B 254 14.83 10.98 -23.90
CA PHE B 254 15.36 11.46 -22.63
C PHE B 254 16.25 12.68 -22.76
N GLY B 255 16.35 13.25 -23.97
CA GLY B 255 17.22 14.40 -24.22
C GLY B 255 18.72 14.10 -24.19
N PHE B 256 19.19 12.87 -23.93
CA PHE B 256 20.61 12.55 -23.93
C PHE B 256 21.22 12.76 -25.32
N ILE B 257 22.40 13.38 -25.36
CA ILE B 257 23.08 13.69 -26.59
C ILE B 257 23.75 12.40 -27.06
N ASP B 258 24.43 11.74 -26.11
CA ASP B 258 25.08 10.47 -26.37
C ASP B 258 24.45 9.45 -25.43
N PRO B 259 24.03 8.25 -25.91
CA PRO B 259 23.25 7.33 -25.11
C PRO B 259 24.15 6.51 -24.20
N PRO B 260 23.66 6.09 -23.02
CA PRO B 260 24.44 5.27 -22.09
C PRO B 260 24.41 3.79 -22.49
N LEU B 261 25.56 3.14 -22.46
CA LEU B 261 25.60 1.76 -22.88
C LEU B 261 25.63 0.93 -21.60
N HIS B 262 24.44 0.63 -21.06
CA HIS B 262 24.34 0.27 -19.67
C HIS B 262 24.92 -1.12 -19.37
N ASP B 263 24.43 -2.12 -20.09
CA ASP B 263 24.54 -3.51 -19.67
C ASP B 263 25.96 -4.06 -19.77
N PRO B 264 26.80 -3.70 -20.77
CA PRO B 264 28.16 -4.22 -20.80
C PRO B 264 28.90 -3.97 -19.50
N VAL B 265 28.51 -2.92 -18.77
CA VAL B 265 29.23 -2.46 -17.60
C VAL B 265 29.18 -3.53 -16.50
N ALA B 266 28.08 -4.31 -16.48
CA ALA B 266 27.88 -5.37 -15.51
C ALA B 266 28.74 -6.58 -15.84
N ALA B 267 28.86 -6.91 -17.12
CA ALA B 267 29.81 -7.91 -17.56
C ALA B 267 31.22 -7.44 -17.22
N PHE B 268 31.48 -6.13 -17.40
CA PHE B 268 32.79 -5.59 -17.11
C PHE B 268 33.12 -5.80 -15.62
N HIS B 269 32.10 -5.78 -14.75
CA HIS B 269 32.35 -5.92 -13.33
C HIS B 269 32.89 -7.31 -13.02
N LEU B 270 32.38 -8.34 -13.72
CA LEU B 270 32.85 -9.69 -13.51
C LEU B 270 34.23 -9.87 -14.13
N ILE B 271 34.46 -9.21 -15.28
CA ILE B 271 35.75 -9.22 -15.95
C ILE B 271 36.82 -8.59 -15.05
N ALA B 272 36.53 -7.39 -14.51
CA ALA B 272 37.52 -6.58 -13.83
C ALA B 272 36.86 -5.75 -12.72
N PRO B 273 36.52 -6.39 -11.57
CA PRO B 273 35.89 -5.68 -10.45
C PRO B 273 36.69 -4.49 -9.92
N GLU B 274 38.02 -4.51 -10.09
CA GLU B 274 38.93 -3.56 -9.46
C GLU B 274 38.71 -2.13 -9.99
N TRP B 275 37.99 -1.96 -11.10
CA TRP B 275 37.69 -0.64 -11.62
C TRP B 275 36.45 -0.01 -10.96
N PHE B 276 35.79 -0.66 -9.98
CA PHE B 276 34.54 -0.12 -9.44
C PHE B 276 34.67 0.24 -7.97
N GLU B 277 34.04 1.35 -7.57
CA GLU B 277 33.75 1.57 -6.17
C GLU B 277 32.72 0.52 -5.73
N HIS B 278 32.76 0.17 -4.43
CA HIS B 278 31.88 -0.82 -3.85
CA HIS B 278 31.87 -0.83 -3.85
C HIS B 278 31.50 -0.39 -2.44
N VAL B 279 30.21 -0.56 -2.07
CA VAL B 279 29.79 -0.39 -0.69
C VAL B 279 28.71 -1.44 -0.35
N ARG B 280 28.83 -2.02 0.86
CA ARG B 280 27.84 -2.96 1.37
C ARG B 280 26.77 -2.15 2.10
N CYS B 281 25.50 -2.48 1.90
CA CYS B 281 24.41 -1.78 2.56
C CYS B 281 23.14 -2.64 2.53
N HIS B 282 22.08 -2.16 3.19
CA HIS B 282 20.75 -2.77 3.07
C HIS B 282 19.96 -2.05 1.98
N VAL B 283 19.55 -2.77 0.95
CA VAL B 283 18.69 -2.23 -0.09
C VAL B 283 17.28 -2.77 0.07
N ASP B 284 16.30 -1.86 0.23
CA ASP B 284 14.90 -2.20 0.15
C ASP B 284 14.37 -1.81 -1.24
N ILE B 285 13.67 -2.73 -1.88
CA ILE B 285 12.94 -2.43 -3.11
C ILE B 285 11.50 -2.04 -2.77
N GLU B 286 11.11 -0.82 -3.16
CA GLU B 286 9.72 -0.42 -3.08
C GLU B 286 8.87 -1.34 -3.95
N THR B 287 7.84 -1.93 -3.31
CA THR B 287 6.83 -2.72 -3.99
C THR B 287 5.42 -2.16 -3.78
N LYS B 288 5.19 -1.45 -2.67
CA LYS B 288 3.86 -0.96 -2.32
C LYS B 288 3.56 0.39 -2.97
N GLY B 289 4.60 1.19 -3.24
CA GLY B 289 4.42 2.53 -3.79
C GLY B 289 3.66 2.50 -5.12
N GLU B 290 2.73 3.44 -5.28
CA GLU B 290 1.91 3.56 -6.49
C GLU B 290 2.70 4.17 -7.64
N TYR B 291 3.53 5.17 -7.33
CA TYR B 291 4.27 5.93 -8.34
C TYR B 291 5.78 5.69 -8.24
N THR B 292 6.21 4.83 -7.29
CA THR B 292 7.61 4.71 -6.91
C THR B 292 8.04 3.24 -6.78
N TYR B 293 7.29 2.30 -7.36
CA TYR B 293 7.72 0.91 -7.28
C TYR B 293 9.01 0.74 -8.09
N GLY B 294 9.90 -0.11 -7.61
CA GLY B 294 11.19 -0.32 -8.26
C GLY B 294 12.31 0.54 -7.68
N CYS B 295 11.97 1.53 -6.82
CA CYS B 295 12.98 2.38 -6.20
C CYS B 295 13.88 1.52 -5.31
N CYS B 296 15.19 1.75 -5.47
CA CYS B 296 16.22 1.13 -4.64
C CYS B 296 16.57 2.09 -3.50
N CYS B 297 16.05 1.77 -2.31
CA CYS B 297 16.14 2.65 -1.15
C CYS B 297 17.14 2.05 -0.17
N THR B 298 18.17 2.81 0.21
CA THR B 298 19.24 2.20 0.96
C THR B 298 19.34 2.83 2.34
N ASN B 299 20.16 2.20 3.19
CA ASN B 299 20.45 2.71 4.52
C ASN B 299 21.79 3.43 4.54
N LEU B 300 22.26 3.93 3.38
CA LEU B 300 23.56 4.60 3.29
C LEU B 300 23.55 5.92 4.09
N ILE B 301 22.42 6.63 4.07
CA ILE B 301 22.26 7.89 4.80
C ILE B 301 22.40 7.64 6.30
N LEU B 302 21.92 6.49 6.77
CA LEU B 302 21.74 6.26 8.19
C LEU B 302 23.05 5.80 8.80
N LYS B 303 23.85 5.06 8.01
CA LYS B 303 25.19 4.67 8.44
C LYS B 303 26.03 5.94 8.58
N LYS B 304 25.95 6.84 7.59
CA LYS B 304 26.66 8.11 7.61
C LYS B 304 26.20 8.92 8.83
N LYS B 305 24.89 9.15 8.99
CA LYS B 305 24.35 9.91 10.09
C LYS B 305 24.67 9.23 11.43
N ASP B 306 23.93 8.17 11.76
CA ASP B 306 23.98 7.56 13.08
C ASP B 306 24.49 6.11 12.95
N PRO B 307 25.82 5.91 12.77
CA PRO B 307 26.36 4.66 12.24
C PRO B 307 26.11 3.41 13.08
N THR B 308 26.23 3.52 14.41
CA THR B 308 26.27 2.35 15.28
C THR B 308 24.86 1.99 15.77
N LYS B 309 23.79 2.49 15.14
CA LYS B 309 22.44 2.14 15.53
C LYS B 309 21.78 1.27 14.47
N ILE B 310 22.49 0.96 13.36
CA ILE B 310 21.85 0.36 12.19
C ILE B 310 21.09 -0.89 12.62
N VAL B 311 19.79 -0.88 12.29
CA VAL B 311 18.94 -2.04 12.47
C VAL B 311 19.30 -3.09 11.41
N LYS B 312 19.09 -2.76 10.12
CA LYS B 312 18.89 -3.78 9.10
C LYS B 312 20.24 -4.31 8.61
N PRO B 313 20.43 -5.65 8.53
CA PRO B 313 21.70 -6.18 8.00
C PRO B 313 21.85 -5.93 6.49
N ASP B 314 23.12 -5.88 6.04
CA ASP B 314 23.44 -5.67 4.65
C ASP B 314 22.89 -6.84 3.83
N ASN B 315 22.54 -6.56 2.58
CA ASN B 315 22.03 -7.59 1.70
C ASN B 315 22.49 -7.37 0.25
N ALA B 316 23.40 -6.42 0.02
CA ALA B 316 23.85 -6.16 -1.35
C ALA B 316 25.16 -5.39 -1.34
N THR B 317 25.88 -5.48 -2.46
CA THR B 317 26.94 -4.55 -2.78
C THR B 317 26.40 -3.54 -3.78
N VAL B 318 26.70 -2.24 -3.54
CA VAL B 318 26.31 -1.20 -4.47
C VAL B 318 27.57 -0.53 -5.02
N CYS B 319 27.61 -0.42 -6.35
CA CYS B 319 28.69 0.27 -7.06
C CYS B 319 28.14 1.59 -7.60
N LEU B 320 28.61 2.69 -6.99
CA LEU B 320 28.07 4.01 -7.26
C LEU B 320 28.86 4.72 -8.36
N LYS B 321 30.17 4.48 -8.42
CA LYS B 321 31.03 5.09 -9.41
C LYS B 321 32.15 4.12 -9.86
N LEU B 322 32.70 4.40 -11.05
CA LEU B 322 33.92 3.76 -11.51
C LEU B 322 35.13 4.42 -10.84
N LYS B 323 36.12 3.60 -10.45
CA LYS B 323 37.38 4.11 -9.96
C LYS B 323 38.09 4.81 -11.10
N GLU B 324 39.12 5.59 -10.74
CA GLU B 324 39.85 6.36 -11.72
C GLU B 324 40.54 5.43 -12.70
N GLY B 325 40.37 5.77 -13.99
CA GLY B 325 40.79 4.98 -15.14
C GLY B 325 39.73 3.96 -15.55
N GLY B 326 38.60 3.97 -14.85
CA GLY B 326 37.60 2.94 -15.02
C GLY B 326 36.93 3.02 -16.38
N HIS B 327 36.65 4.25 -16.84
CA HIS B 327 35.90 4.45 -18.08
C HIS B 327 36.74 4.02 -19.26
N ASP B 328 38.03 4.36 -19.18
CA ASP B 328 39.04 3.98 -20.16
C ASP B 328 39.19 2.46 -20.22
N ALA B 329 39.41 1.86 -19.05
CA ALA B 329 39.53 0.42 -18.93
C ALA B 329 38.33 -0.26 -19.61
N PHE B 330 37.12 0.28 -19.36
CA PHE B 330 35.90 -0.30 -19.89
C PHE B 330 35.85 -0.24 -21.42
N TRP B 331 36.07 0.94 -22.01
CA TRP B 331 36.03 1.09 -23.46
C TRP B 331 37.12 0.30 -24.19
N ASN B 332 38.33 0.21 -23.63
CA ASN B 332 39.41 -0.56 -24.26
CA ASN B 332 39.42 -0.55 -24.24
C ASN B 332 39.00 -2.01 -24.33
N GLN B 333 38.36 -2.52 -23.28
N GLN B 333 38.35 -2.52 -23.27
CA GLN B 333 37.90 -3.90 -23.23
CA GLN B 333 37.89 -3.90 -23.22
C GLN B 333 36.77 -4.13 -24.23
C GLN B 333 36.77 -4.12 -24.23
N MET B 334 35.83 -3.18 -24.29
CA MET B 334 34.69 -3.27 -25.18
C MET B 334 35.13 -3.15 -26.65
N ILE B 335 36.04 -2.22 -26.95
CA ILE B 335 36.44 -1.94 -28.33
C ILE B 335 37.41 -3.02 -28.83
N THR B 336 38.22 -3.59 -27.93
CA THR B 336 39.03 -4.74 -28.31
C THR B 336 38.17 -5.93 -28.70
N VAL B 337 37.07 -6.13 -28.00
CA VAL B 337 36.17 -7.24 -28.32
C VAL B 337 35.52 -6.99 -29.68
N TRP B 338 35.07 -5.75 -29.93
CA TRP B 338 34.47 -5.42 -31.21
C TRP B 338 35.48 -5.66 -32.34
N GLY B 339 36.77 -5.38 -32.06
CA GLY B 339 37.85 -5.58 -33.01
C GLY B 339 38.13 -7.06 -33.30
N GLU B 340 38.06 -7.91 -32.27
CA GLU B 340 38.25 -9.35 -32.43
C GLU B 340 37.06 -9.97 -33.18
N ILE B 341 35.84 -9.52 -32.86
CA ILE B 341 34.63 -9.95 -33.55
C ILE B 341 34.79 -9.71 -35.05
N ALA B 342 35.11 -8.45 -35.39
CA ALA B 342 35.27 -8.04 -36.77
C ALA B 342 36.31 -8.89 -37.50
N LYS B 343 37.35 -9.32 -36.78
CA LYS B 343 38.38 -10.19 -37.33
C LYS B 343 37.76 -11.53 -37.71
N GLU B 344 37.08 -12.19 -36.76
CA GLU B 344 36.45 -13.47 -37.04
C GLU B 344 35.44 -13.36 -38.19
N ILE B 345 34.70 -12.25 -38.29
CA ILE B 345 33.66 -12.13 -39.32
C ILE B 345 34.30 -11.94 -40.69
N GLY B 346 35.23 -10.97 -40.78
CA GLY B 346 35.86 -10.64 -42.05
C GLY B 346 34.89 -10.01 -43.03
N SER C 2 -26.95 12.45 36.29
CA SER C 2 -27.13 12.77 34.84
C SER C 2 -25.76 12.92 34.19
N ILE C 3 -25.62 12.51 32.93
CA ILE C 3 -24.31 12.43 32.27
C ILE C 3 -24.25 13.46 31.15
N LYS C 4 -23.34 14.44 31.29
CA LYS C 4 -23.14 15.44 30.28
C LYS C 4 -22.40 14.81 29.11
N CYS C 5 -22.82 15.15 27.88
CA CYS C 5 -22.29 14.47 26.73
C CYS C 5 -22.55 15.34 25.51
N ALA C 6 -21.87 15.04 24.40
CA ALA C 6 -22.15 15.66 23.12
C ALA C 6 -22.38 14.55 22.10
N LEU C 7 -23.15 14.87 21.07
CA LEU C 7 -23.46 13.95 19.98
C LEU C 7 -22.76 14.42 18.70
N ASP C 8 -21.99 13.53 18.08
CA ASP C 8 -21.44 13.79 16.76
C ASP C 8 -22.08 12.78 15.79
N CYS C 9 -22.72 13.28 14.74
CA CYS C 9 -23.61 12.42 13.97
C CYS C 9 -23.86 12.99 12.57
N ASP C 10 -24.44 12.17 11.70
CA ASP C 10 -24.67 12.53 10.31
C ASP C 10 -26.10 12.20 9.89
N PRO C 11 -27.15 12.79 10.51
CA PRO C 11 -28.52 12.30 10.30
C PRO C 11 -28.99 12.53 8.87
N GLY C 12 -29.57 11.48 8.23
CA GLY C 12 -29.56 10.09 8.68
C GLY C 12 -30.74 9.70 9.58
N HIS C 13 -31.54 8.70 9.16
CA HIS C 13 -32.74 8.26 9.88
C HIS C 13 -32.38 7.69 11.25
N ASP C 14 -31.33 6.86 11.31
CA ASP C 14 -30.98 6.29 12.60
C ASP C 14 -30.33 7.34 13.48
N ASP C 15 -29.54 8.29 12.97
CA ASP C 15 -29.04 9.36 13.81
C ASP C 15 -30.22 10.15 14.38
N LEU C 16 -31.25 10.37 13.56
CA LEU C 16 -32.43 11.06 14.03
C LEU C 16 -32.96 10.38 15.30
N ALA C 17 -33.06 9.03 15.25
CA ALA C 17 -33.56 8.24 16.38
C ALA C 17 -32.65 8.39 17.59
N MET C 18 -31.33 8.49 17.34
CA MET C 18 -30.33 8.55 18.40
C MET C 18 -30.44 9.89 19.13
N ILE C 19 -30.63 10.99 18.37
CA ILE C 19 -30.74 12.32 18.93
C ILE C 19 -31.96 12.33 19.87
N MET C 20 -33.09 11.81 19.37
CA MET C 20 -34.31 11.72 20.17
C MET C 20 -34.02 11.06 21.52
N LEU C 21 -33.38 9.89 21.48
CA LEU C 21 -33.16 9.10 22.68
C LEU C 21 -32.25 9.89 23.63
N ALA C 22 -31.19 10.48 23.08
CA ALA C 22 -30.16 11.07 23.91
C ALA C 22 -30.69 12.34 24.56
N VAL C 23 -31.36 13.15 23.73
CA VAL C 23 -31.91 14.42 24.16
C VAL C 23 -32.98 14.17 25.23
N TYR C 24 -33.91 13.22 25.01
CA TYR C 24 -35.02 13.04 25.94
C TYR C 24 -34.74 12.06 27.07
N SER C 25 -33.70 11.22 27.00
CA SER C 25 -33.41 10.36 28.15
C SER C 25 -32.97 11.25 29.32
N PRO C 26 -33.55 11.12 30.53
CA PRO C 26 -33.11 11.92 31.68
C PRO C 26 -31.74 11.50 32.21
N LYS C 27 -31.24 10.34 31.75
CA LYS C 27 -29.93 9.87 32.16
C LYS C 27 -28.80 10.68 31.48
N LEU C 28 -29.09 11.25 30.31
CA LEU C 28 -28.12 12.01 29.52
C LEU C 28 -28.44 13.51 29.54
N ASP C 29 -27.39 14.34 29.53
CA ASP C 29 -27.51 15.78 29.44
C ASP C 29 -26.73 16.30 28.22
N VAL C 30 -27.41 16.45 27.07
CA VAL C 30 -26.77 16.79 25.83
C VAL C 30 -26.32 18.25 25.91
N GLN C 31 -25.02 18.49 25.68
CA GLN C 31 -24.44 19.82 25.63
C GLN C 31 -24.64 20.45 24.26
N TYR C 32 -24.35 19.67 23.21
CA TYR C 32 -24.50 20.16 21.85
C TYR C 32 -24.58 18.98 20.90
N ILE C 33 -24.92 19.28 19.65
CA ILE C 33 -24.76 18.32 18.57
C ILE C 33 -23.82 18.92 17.52
N SER C 34 -22.83 18.10 17.08
CA SER C 34 -21.97 18.43 15.95
C SER C 34 -22.26 17.46 14.81
N THR C 35 -22.47 17.98 13.59
CA THR C 35 -22.74 17.18 12.42
C THR C 35 -21.46 17.03 11.57
N THR C 36 -21.45 15.92 10.80
CA THR C 36 -20.30 15.54 10.00
C THR C 36 -20.82 15.10 8.64
N HIS C 37 -19.88 14.89 7.72
CA HIS C 37 -20.18 14.30 6.42
C HIS C 37 -20.43 12.79 6.60
N GLY C 38 -21.09 12.18 5.64
CA GLY C 38 -21.35 10.76 5.81
C GLY C 38 -22.60 10.42 5.04
N ASN C 39 -23.74 10.20 5.74
CA ASN C 39 -24.98 9.88 5.06
C ASN C 39 -25.32 10.96 4.01
N GLN C 40 -24.90 12.21 4.31
CA GLN C 40 -25.00 13.30 3.35
C GLN C 40 -23.88 14.31 3.65
N THR C 41 -23.82 15.34 2.77
CA THR C 41 -23.00 16.53 2.95
C THR C 41 -23.25 17.14 4.32
N VAL C 42 -22.20 17.69 4.96
CA VAL C 42 -22.29 18.14 6.34
C VAL C 42 -23.26 19.31 6.45
N ASN C 43 -23.56 19.98 5.33
CA ASN C 43 -24.52 21.05 5.36
C ASN C 43 -25.93 20.48 5.57
N LYS C 44 -26.24 19.39 4.88
CA LYS C 44 -27.53 18.71 5.02
C LYS C 44 -27.63 18.05 6.40
N THR C 45 -26.54 17.45 6.89
CA THR C 45 -26.63 16.78 8.18
C THR C 45 -26.78 17.80 9.29
N TYR C 46 -26.22 19.00 9.10
CA TYR C 46 -26.55 20.12 9.99
C TYR C 46 -28.06 20.37 9.98
N GLN C 47 -28.62 20.59 8.79
CA GLN C 47 -30.02 20.93 8.65
C GLN C 47 -30.89 19.82 9.26
N ASN C 48 -30.44 18.57 9.11
CA ASN C 48 -31.19 17.40 9.56
C ASN C 48 -31.15 17.24 11.08
N ALA C 49 -30.05 17.62 11.73
CA ALA C 49 -30.01 17.60 13.19
C ALA C 49 -31.00 18.64 13.72
N ARG C 50 -31.06 19.81 13.06
CA ARG C 50 -31.88 20.92 13.51
C ARG C 50 -33.35 20.59 13.26
N ARG C 51 -33.64 19.89 12.16
CA ARG C 51 -34.98 19.41 11.90
C ARG C 51 -35.43 18.42 12.97
N THR C 52 -34.57 17.48 13.33
CA THR C 52 -34.83 16.52 14.40
C THR C 52 -35.18 17.30 15.68
N LEU C 53 -34.32 18.26 16.05
CA LEU C 53 -34.52 19.03 17.26
C LEU C 53 -35.84 19.81 17.19
N ASN C 54 -36.19 20.38 16.03
CA ASN C 54 -37.36 21.25 15.95
C ASN C 54 -38.65 20.43 16.13
N LEU C 55 -38.72 19.30 15.43
CA LEU C 55 -39.76 18.29 15.59
C LEU C 55 -39.96 17.88 17.06
N ILE C 56 -38.90 17.79 17.87
CA ILE C 56 -39.04 17.39 19.26
C ILE C 56 -39.00 18.57 20.25
N LYS C 57 -39.21 19.80 19.74
CA LYS C 57 -39.39 20.99 20.57
C LYS C 57 -38.14 21.31 21.38
N ARG C 58 -36.99 21.34 20.70
CA ARG C 58 -35.70 21.45 21.34
C ARG C 58 -34.70 22.21 20.47
N ALA C 59 -35.13 22.67 19.29
CA ALA C 59 -34.24 23.35 18.35
C ALA C 59 -33.72 24.67 18.92
N ASP C 60 -34.45 25.29 19.87
CA ASP C 60 -33.95 26.50 20.50
C ASP C 60 -33.26 26.18 21.83
N LYS C 61 -33.00 24.92 22.16
CA LYS C 61 -32.40 24.61 23.44
C LYS C 61 -31.01 24.02 23.29
N ILE C 62 -30.80 23.20 22.25
CA ILE C 62 -29.54 22.52 22.06
C ILE C 62 -28.76 23.22 20.94
N PRO C 63 -27.51 23.64 21.20
CA PRO C 63 -26.67 24.16 20.12
C PRO C 63 -26.30 23.05 19.12
N VAL C 64 -26.35 23.39 17.83
CA VAL C 64 -25.88 22.49 16.79
C VAL C 64 -24.73 23.16 16.04
N TYR C 65 -23.63 22.41 15.84
CA TYR C 65 -22.46 22.88 15.11
C TYR C 65 -22.38 22.14 13.78
N ARG C 66 -22.02 22.88 12.73
CA ARG C 66 -21.71 22.32 11.42
C ARG C 66 -20.20 22.12 11.27
N GLY C 67 -19.80 20.83 11.18
CA GLY C 67 -18.40 20.43 11.20
C GLY C 67 -17.80 20.25 9.80
N TYR C 68 -16.83 19.34 9.71
CA TYR C 68 -16.01 19.16 8.51
C TYR C 68 -16.81 18.45 7.42
N SER C 69 -16.54 18.86 6.17
CA SER C 69 -17.33 18.47 5.02
C SER C 69 -16.76 17.26 4.31
N LYS C 70 -15.51 16.88 4.63
CA LYS C 70 -14.86 15.79 3.93
C LYS C 70 -13.88 15.12 4.87
N PRO C 71 -13.42 13.88 4.54
CA PRO C 71 -12.46 13.15 5.36
C PRO C 71 -11.09 13.80 5.37
N LEU C 72 -10.23 13.26 6.24
CA LEU C 72 -8.90 13.78 6.49
C LEU C 72 -8.08 13.81 5.20
N THR C 73 -8.12 12.71 4.46
CA THR C 73 -7.25 12.51 3.30
C THR C 73 -7.97 11.80 2.16
N ARG C 74 -9.30 11.66 2.21
CA ARG C 74 -10.02 10.98 1.13
C ARG C 74 -11.13 11.86 0.62
N GLU C 75 -11.84 11.40 -0.42
CA GLU C 75 -13.01 12.11 -0.93
C GLU C 75 -14.28 11.65 -0.20
N SER C 76 -15.18 12.60 0.10
CA SER C 76 -16.51 12.31 0.61
C SER C 76 -17.20 11.19 -0.17
N VAL C 77 -17.96 10.36 0.58
CA VAL C 77 -18.88 9.37 0.03
C VAL C 77 -20.16 9.44 0.86
N ALA C 78 -21.27 9.88 0.25
CA ALA C 78 -22.59 9.93 0.89
C ALA C 78 -23.33 8.61 0.70
N CYS C 79 -24.55 8.51 1.27
CA CYS C 79 -25.34 7.30 1.16
C CYS C 79 -26.79 7.65 0.86
N PRO C 80 -27.08 8.36 -0.24
CA PRO C 80 -28.46 8.60 -0.62
C PRO C 80 -29.19 7.28 -0.91
N GLU C 81 -28.47 6.26 -1.38
CA GLU C 81 -29.09 4.97 -1.63
C GLU C 81 -29.89 4.53 -0.40
N ILE C 82 -29.43 4.85 0.82
CA ILE C 82 -30.16 4.48 2.01
C ILE C 82 -31.03 5.62 2.52
N HIS C 83 -30.52 6.87 2.49
CA HIS C 83 -31.11 7.94 3.28
C HIS C 83 -31.73 9.06 2.44
N GLY C 84 -31.82 8.87 1.12
CA GLY C 84 -32.36 9.87 0.21
C GLY C 84 -31.35 11.00 -0.05
N GLU C 85 -31.61 11.81 -1.09
CA GLU C 85 -30.73 12.92 -1.44
C GLU C 85 -30.66 13.93 -0.30
N SER C 86 -31.76 14.10 0.47
CA SER C 86 -31.83 15.02 1.61
C SER C 86 -31.07 14.47 2.82
N GLY C 87 -31.08 13.15 2.97
CA GLY C 87 -30.51 12.49 4.14
C GLY C 87 -31.57 12.01 5.14
N LEU C 88 -32.81 12.51 4.99
CA LEU C 88 -33.95 12.13 5.81
C LEU C 88 -35.19 12.06 4.93
N GLY C 89 -35.16 11.17 3.93
CA GLY C 89 -36.31 10.98 3.07
C GLY C 89 -37.48 10.40 3.84
N GLY C 90 -38.66 10.52 3.24
CA GLY C 90 -39.86 9.85 3.74
C GLY C 90 -40.96 10.82 4.11
N VAL C 91 -40.62 12.12 4.24
CA VAL C 91 -41.49 13.10 4.86
C VAL C 91 -41.23 14.48 4.25
N ASP C 92 -42.26 15.32 4.33
CA ASP C 92 -42.17 16.71 3.96
C ASP C 92 -41.75 17.57 5.17
N TRP C 93 -40.62 18.27 5.06
CA TRP C 93 -40.02 19.00 6.17
C TRP C 93 -40.27 20.51 6.06
N SER C 94 -41.19 20.94 5.18
CA SER C 94 -41.41 22.36 4.93
C SER C 94 -41.82 23.11 6.21
N GLU C 95 -42.70 22.48 7.00
CA GLU C 95 -43.27 23.14 8.18
C GLU C 95 -42.20 23.28 9.26
N ILE C 96 -41.43 22.20 9.48
CA ILE C 96 -40.31 22.17 10.41
C ILE C 96 -39.25 23.20 10.03
N ASP C 97 -38.93 23.32 8.74
CA ASP C 97 -37.93 24.26 8.28
C ASP C 97 -38.41 25.70 8.50
N ARG C 98 -39.69 25.94 8.24
CA ARG C 98 -40.27 27.27 8.26
C ARG C 98 -40.45 27.78 9.70
N THR C 99 -40.52 26.89 10.70
CA THR C 99 -40.75 27.31 12.07
C THR C 99 -39.49 27.12 12.88
N MET C 100 -38.36 26.96 12.19
CA MET C 100 -37.09 26.65 12.81
C MET C 100 -36.63 27.87 13.63
N PRO C 101 -36.46 27.76 14.96
CA PRO C 101 -35.91 28.87 15.73
C PRO C 101 -34.42 29.03 15.48
N ARG C 102 -33.88 30.18 15.84
CA ARG C 102 -32.47 30.48 15.72
C ARG C 102 -31.68 29.43 16.49
N ASN C 103 -30.52 29.05 15.94
CA ASN C 103 -29.64 28.04 16.52
C ASN C 103 -28.87 28.66 17.68
N PRO C 104 -29.05 28.16 18.92
CA PRO C 104 -28.37 28.71 20.09
C PRO C 104 -26.84 28.65 20.03
N ALA C 105 -26.33 27.88 19.07
CA ALA C 105 -24.90 27.80 18.84
C ALA C 105 -24.37 29.18 18.46
N LEU C 106 -25.17 29.91 17.66
CA LEU C 106 -24.81 31.22 17.14
C LEU C 106 -24.61 32.19 18.31
N ASP C 107 -25.47 32.09 19.32
CA ASP C 107 -25.37 32.91 20.52
C ASP C 107 -24.02 32.62 21.20
N ILE C 108 -23.70 31.34 21.36
CA ILE C 108 -22.45 30.92 21.99
C ILE C 108 -21.27 31.49 21.20
N LEU C 109 -21.36 31.49 19.87
CA LEU C 109 -20.22 31.83 19.03
C LEU C 109 -20.12 33.34 18.76
N GLY C 110 -21.18 34.11 19.04
CA GLY C 110 -21.17 35.54 18.77
C GLY C 110 -21.43 35.86 17.30
N TYR C 111 -22.07 34.93 16.61
CA TYR C 111 -22.37 35.05 15.19
C TYR C 111 -23.74 35.69 15.00
N LYS C 112 -23.86 36.55 13.99
CA LYS C 112 -25.13 37.14 13.62
C LYS C 112 -26.05 36.09 13.00
N ASP C 113 -25.52 35.24 12.11
CA ASP C 113 -26.31 34.28 11.37
C ASP C 113 -25.46 33.07 10.99
N GLU C 114 -26.04 32.17 10.18
CA GLU C 114 -25.50 30.84 9.93
C GLU C 114 -24.39 30.86 8.90
N SER C 115 -24.27 31.93 8.10
CA SER C 115 -23.26 31.98 7.06
C SER C 115 -21.85 32.06 7.68
N GLU C 116 -21.77 32.38 8.97
CA GLU C 116 -20.51 32.45 9.70
C GLU C 116 -20.09 31.10 10.28
N LEU C 117 -20.91 30.06 10.13
CA LEU C 117 -20.59 28.78 10.74
C LEU C 117 -19.36 28.19 10.08
N ARG C 118 -18.42 27.68 10.90
CA ARG C 118 -17.16 27.13 10.45
C ARG C 118 -16.97 25.76 11.09
N PRO C 119 -16.37 24.80 10.35
CA PRO C 119 -16.14 23.45 10.87
C PRO C 119 -15.51 23.35 12.26
N ASP C 120 -14.63 24.29 12.64
CA ASP C 120 -13.96 24.20 13.93
C ASP C 120 -14.72 24.96 15.03
N ASP C 121 -15.95 25.40 14.73
CA ASP C 121 -16.74 26.15 15.70
C ASP C 121 -16.83 25.40 17.04
N PHE C 122 -17.07 24.09 17.03
CA PHE C 122 -17.39 23.33 18.23
C PHE C 122 -16.19 23.25 19.18
N PHE C 123 -14.98 23.55 18.69
CA PHE C 123 -13.74 23.21 19.39
C PHE C 123 -13.71 23.82 20.79
N LYS C 124 -13.97 25.12 20.91
CA LYS C 124 -13.81 25.81 22.18
C LYS C 124 -14.86 25.32 23.18
N HIS C 125 -16.08 25.04 22.69
CA HIS C 125 -17.15 24.52 23.55
C HIS C 125 -16.72 23.17 24.12
N LEU C 126 -16.21 22.27 23.27
CA LEU C 126 -15.82 20.93 23.71
C LEU C 126 -14.67 21.02 24.70
N HIS C 127 -13.72 21.94 24.44
CA HIS C 127 -12.54 22.07 25.28
C HIS C 127 -12.96 22.55 26.67
N ARG C 128 -13.95 23.45 26.75
CA ARG C 128 -14.46 23.83 28.06
C ARG C 128 -15.07 22.63 28.79
N LEU C 129 -15.79 21.78 28.05
CA LEU C 129 -16.45 20.62 28.64
C LEU C 129 -15.41 19.60 29.08
N VAL C 130 -14.36 19.40 28.27
CA VAL C 130 -13.32 18.45 28.62
C VAL C 130 -12.59 18.93 29.86
N SER C 131 -12.31 20.24 29.97
CA SER C 131 -11.56 20.76 31.11
C SER C 131 -12.38 20.59 32.39
N ALA C 132 -13.67 20.88 32.27
CA ALA C 132 -14.61 20.84 33.38
C ALA C 132 -14.85 19.41 33.85
N ALA C 133 -14.68 18.40 32.97
CA ALA C 133 -15.01 17.04 33.35
C ALA C 133 -14.12 16.55 34.49
N GLU C 134 -14.76 15.85 35.44
CA GLU C 134 -14.10 15.32 36.62
C GLU C 134 -13.26 14.12 36.25
N ASP C 135 -13.66 13.37 35.22
CA ASP C 135 -12.90 12.23 34.75
C ASP C 135 -12.71 12.39 33.24
N LYS C 136 -13.72 11.98 32.47
CA LYS C 136 -13.69 12.12 31.02
C LYS C 136 -15.03 12.64 30.53
N PHE C 137 -15.00 13.35 29.40
CA PHE C 137 -16.20 13.89 28.81
C PHE C 137 -16.69 12.95 27.71
N ASP C 138 -18.00 12.71 27.69
CA ASP C 138 -18.55 11.68 26.84
C ASP C 138 -18.96 12.27 25.50
N ILE C 139 -18.43 11.67 24.44
CA ILE C 139 -18.90 11.95 23.10
C ILE C 139 -19.55 10.68 22.56
N ILE C 140 -20.74 10.83 21.98
CA ILE C 140 -21.37 9.78 21.21
C ILE C 140 -21.17 10.13 19.74
N SER C 141 -20.57 9.18 19.00
CA SER C 141 -20.22 9.42 17.61
C SER C 141 -20.86 8.34 16.76
N THR C 142 -21.63 8.74 15.74
CA THR C 142 -22.44 7.79 15.00
C THR C 142 -22.49 8.10 13.52
N GLY C 143 -21.58 8.97 13.06
CA GLY C 143 -21.26 9.14 11.64
C GLY C 143 -19.75 8.95 11.43
N SER C 144 -19.20 9.48 10.35
CA SER C 144 -17.76 9.64 10.21
C SER C 144 -17.23 10.25 11.51
N GLU C 145 -15.98 9.95 11.85
CA GLU C 145 -15.41 10.42 13.09
C GLU C 145 -14.33 11.48 12.82
N THR C 146 -14.48 12.16 11.64
CA THR C 146 -13.56 13.18 11.16
C THR C 146 -13.46 14.34 12.15
N ASN C 147 -14.60 14.82 12.66
CA ASN C 147 -14.69 15.95 13.56
C ASN C 147 -13.85 15.69 14.82
N ILE C 148 -13.94 14.48 15.36
CA ILE C 148 -13.22 14.17 16.59
C ILE C 148 -11.71 14.06 16.30
N ALA C 149 -11.34 13.47 15.14
CA ALA C 149 -9.95 13.44 14.68
C ALA C 149 -9.40 14.87 14.55
N GLN C 150 -10.17 15.75 13.91
CA GLN C 150 -9.77 17.14 13.77
C GLN C 150 -9.61 17.79 15.15
N TYR C 151 -10.58 17.61 16.02
CA TYR C 151 -10.44 18.18 17.36
C TYR C 151 -9.12 17.75 17.99
N LEU C 152 -8.81 16.45 17.94
CA LEU C 152 -7.65 15.89 18.62
C LEU C 152 -6.35 16.42 18.02
N LEU C 153 -6.38 16.74 16.71
CA LEU C 153 -5.22 17.33 16.08
C LEU C 153 -5.01 18.75 16.60
N ALA C 154 -6.09 19.47 16.86
CA ALA C 154 -6.00 20.81 17.43
C ALA C 154 -5.75 20.74 18.93
N TYR C 155 -6.31 19.71 19.62
CA TYR C 155 -6.19 19.58 21.07
C TYR C 155 -5.71 18.19 21.48
N PRO C 156 -4.44 17.80 21.19
CA PRO C 156 -3.95 16.46 21.51
C PRO C 156 -3.95 16.12 23.01
N GLU C 157 -3.81 17.14 23.86
CA GLU C 157 -3.68 16.96 25.30
C GLU C 157 -5.02 16.56 25.93
N ASP C 158 -6.12 16.70 25.18
CA ASP C 158 -7.46 16.40 25.67
C ASP C 158 -7.87 14.94 25.46
N ALA C 159 -7.13 14.22 24.60
CA ALA C 159 -7.50 12.87 24.24
C ALA C 159 -7.71 12.02 25.49
N LYS C 160 -6.77 12.13 26.44
CA LYS C 160 -6.80 11.33 27.65
C LYS C 160 -8.04 11.63 28.49
N LYS C 161 -8.73 12.76 28.23
CA LYS C 161 -9.92 13.12 29.01
C LYS C 161 -11.17 13.04 28.16
N ILE C 162 -11.09 12.33 27.03
CA ILE C 162 -12.26 12.09 26.19
C ILE C 162 -12.60 10.60 26.21
N ARG C 163 -13.90 10.31 26.40
CA ARG C 163 -14.43 8.96 26.26
C ARG C 163 -15.38 8.92 25.06
N MET C 164 -15.05 8.08 24.10
CA MET C 164 -15.84 7.95 22.89
C MET C 164 -16.75 6.72 23.03
N THR C 165 -18.00 6.88 22.58
CA THR C 165 -18.92 5.77 22.51
C THR C 165 -19.54 5.82 21.12
N THR C 166 -19.27 4.80 20.29
CA THR C 166 -19.51 4.93 18.87
C THR C 166 -20.43 3.85 18.31
N MET C 167 -21.09 4.19 17.20
CA MET C 167 -21.62 3.23 16.24
C MET C 167 -20.64 3.24 15.07
N ALA C 168 -19.91 2.13 14.93
CA ALA C 168 -18.94 1.97 13.86
C ALA C 168 -18.45 0.53 13.84
N GLY C 169 -18.11 0.08 12.63
CA GLY C 169 -17.31 -1.12 12.46
C GLY C 169 -18.16 -2.38 12.35
N ASN C 170 -17.47 -3.47 12.06
CA ASN C 170 -18.01 -4.82 12.06
C ASN C 170 -16.82 -5.73 12.33
N PHE C 171 -17.04 -6.75 13.17
CA PHE C 171 -15.96 -7.54 13.73
C PHE C 171 -16.12 -9.03 13.36
N MET C 172 -17.23 -9.67 13.77
CA MET C 172 -17.46 -11.09 13.55
C MET C 172 -18.45 -11.32 12.40
N ILE C 173 -18.90 -10.25 11.75
CA ILE C 173 -19.71 -10.36 10.53
C ILE C 173 -19.14 -9.36 9.52
N VAL C 174 -19.59 -9.52 8.28
CA VAL C 174 -19.06 -8.74 7.18
C VAL C 174 -19.60 -7.31 7.29
N GLY C 175 -19.20 -6.43 6.36
CA GLY C 175 -19.56 -5.02 6.42
C GLY C 175 -20.86 -4.76 5.69
N ASN C 176 -21.10 -3.52 5.27
CA ASN C 176 -22.31 -3.19 4.52
C ASN C 176 -21.95 -2.56 3.17
N ILE C 177 -21.45 -1.33 3.16
CA ILE C 177 -21.20 -0.59 1.92
C ILE C 177 -19.93 -1.10 1.24
N MET C 178 -19.04 -1.74 1.99
CA MET C 178 -17.97 -2.51 1.38
C MET C 178 -18.00 -3.92 1.97
N PRO C 179 -17.44 -4.92 1.27
CA PRO C 179 -17.57 -6.31 1.71
C PRO C 179 -17.27 -6.57 3.18
N PHE C 180 -16.18 -6.00 3.71
CA PHE C 180 -15.71 -6.36 5.04
C PHE C 180 -15.66 -5.14 5.95
N ALA C 181 -16.20 -4.00 5.50
CA ALA C 181 -16.11 -2.79 6.28
C ALA C 181 -17.47 -2.08 6.35
N GLU C 182 -17.61 -1.32 7.44
CA GLU C 182 -18.83 -0.60 7.75
C GLU C 182 -18.67 0.89 7.37
N PHE C 183 -19.77 1.49 6.86
CA PHE C 183 -19.80 2.85 6.34
C PHE C 183 -19.01 3.87 7.17
N ASN C 184 -19.30 3.99 8.47
CA ASN C 184 -18.74 5.02 9.33
C ASN C 184 -17.22 4.95 9.41
N VAL C 185 -16.66 3.73 9.36
CA VAL C 185 -15.22 3.59 9.39
C VAL C 185 -14.63 3.83 8.00
N LEU C 186 -15.20 3.24 6.96
CA LEU C 186 -14.56 3.27 5.64
C LEU C 186 -14.53 4.70 5.06
N ILE C 187 -15.53 5.52 5.39
CA ILE C 187 -15.62 6.85 4.82
C ILE C 187 -14.51 7.77 5.35
N ASP C 188 -13.90 7.41 6.49
CA ASP C 188 -12.68 8.08 6.94
C ASP C 188 -11.95 7.20 7.94
N PRO C 189 -11.22 6.13 7.50
CA PRO C 189 -10.58 5.20 8.43
C PRO C 189 -9.38 5.80 9.13
N GLU C 190 -8.73 6.75 8.45
CA GLU C 190 -7.62 7.51 9.03
C GLU C 190 -8.09 8.24 10.29
N ALA C 191 -9.29 8.80 10.27
CA ALA C 191 -9.87 9.44 11.46
C ALA C 191 -9.89 8.47 12.65
N ILE C 192 -10.50 7.30 12.48
CA ILE C 192 -10.62 6.37 13.59
C ILE C 192 -9.25 5.84 13.98
N SER C 193 -8.40 5.58 12.97
CA SER C 193 -7.03 5.17 13.26
C SER C 193 -6.32 6.22 14.12
N ASN C 194 -6.41 7.50 13.75
CA ASN C 194 -5.85 8.56 14.58
C ASN C 194 -6.38 8.47 16.02
N ILE C 195 -7.71 8.38 16.18
CA ILE C 195 -8.36 8.45 17.48
C ILE C 195 -7.89 7.31 18.36
N LEU C 196 -7.77 6.10 17.78
CA LEU C 196 -7.36 4.92 18.52
C LEU C 196 -5.94 5.06 19.06
N GLN C 197 -5.09 5.82 18.35
CA GLN C 197 -3.70 5.95 18.73
C GLN C 197 -3.50 7.10 19.71
N SER C 198 -4.55 7.91 19.94
CA SER C 198 -4.38 9.22 20.57
C SER C 198 -4.39 9.15 22.09
N GLY C 199 -4.98 8.11 22.69
CA GLY C 199 -5.16 8.05 24.14
C GLY C 199 -6.64 8.19 24.57
N VAL C 200 -7.55 8.45 23.62
CA VAL C 200 -8.97 8.41 23.86
C VAL C 200 -9.36 7.04 24.42
N ASP C 201 -10.35 7.05 25.33
CA ASP C 201 -10.97 5.84 25.81
C ASP C 201 -12.13 5.55 24.85
N TYR C 202 -11.97 4.47 24.05
CA TYR C 202 -12.80 4.26 22.87
C TYR C 202 -13.57 2.96 23.00
N THR C 203 -14.88 3.02 22.71
CA THR C 203 -15.76 1.87 22.78
C THR C 203 -16.52 1.74 21.47
N PHE C 204 -16.33 0.60 20.82
CA PHE C 204 -17.16 0.16 19.72
C PHE C 204 -18.45 -0.42 20.31
N ALA C 205 -19.40 0.46 20.65
CA ALA C 205 -20.58 0.10 21.40
C ALA C 205 -21.64 -0.53 20.51
N ALA C 206 -21.63 -0.17 19.24
CA ALA C 206 -22.69 -0.61 18.36
C ALA C 206 -22.15 -0.91 16.97
N PRO C 207 -21.34 -1.99 16.81
CA PRO C 207 -20.97 -2.51 15.49
C PRO C 207 -22.18 -3.16 14.82
N LEU C 208 -22.05 -3.51 13.54
CA LEU C 208 -23.12 -4.21 12.85
C LEU C 208 -23.42 -5.50 13.61
N ASP C 209 -22.39 -6.09 14.22
CA ASP C 209 -22.55 -7.30 15.03
C ASP C 209 -23.78 -7.19 15.92
N ILE C 210 -23.92 -6.05 16.61
CA ILE C 210 -25.05 -5.76 17.48
C ILE C 210 -26.20 -5.15 16.68
N THR C 211 -25.92 -4.15 15.84
CA THR C 211 -26.98 -3.35 15.22
C THR C 211 -27.80 -4.16 14.20
N HIS C 212 -27.22 -5.23 13.65
CA HIS C 212 -27.91 -6.07 12.70
C HIS C 212 -28.91 -6.98 13.41
N THR C 213 -28.94 -6.96 14.76
CA THR C 213 -29.96 -7.67 15.53
C THR C 213 -30.92 -6.70 16.21
N VAL C 214 -30.78 -5.39 15.94
CA VAL C 214 -31.67 -4.39 16.50
C VAL C 214 -32.51 -3.87 15.33
N LEU C 215 -33.57 -4.60 15.01
CA LEU C 215 -34.31 -4.42 13.79
C LEU C 215 -35.70 -3.82 14.09
N VAL C 216 -36.21 -3.03 13.13
CA VAL C 216 -37.50 -2.37 13.24
C VAL C 216 -38.54 -3.29 12.62
N THR C 217 -39.05 -4.19 13.47
CA THR C 217 -40.02 -5.23 13.08
C THR C 217 -41.42 -4.63 13.04
N GLU C 218 -42.39 -5.46 12.65
CA GLU C 218 -43.79 -5.10 12.79
C GLU C 218 -44.14 -4.85 14.25
N LYS C 219 -43.54 -5.63 15.17
CA LYS C 219 -43.82 -5.51 16.59
C LYS C 219 -43.37 -4.15 17.11
N VAL C 220 -42.18 -3.71 16.68
CA VAL C 220 -41.67 -2.40 17.05
C VAL C 220 -42.58 -1.30 16.50
N ILE C 221 -43.01 -1.38 15.23
CA ILE C 221 -43.79 -0.34 14.58
C ILE C 221 -45.11 -0.09 15.30
N ASN C 222 -45.77 -1.18 15.72
CA ASN C 222 -47.06 -1.13 16.40
C ASN C 222 -46.90 -0.64 17.84
N ASP C 223 -45.77 -0.98 18.49
CA ASP C 223 -45.48 -0.44 19.81
C ASP C 223 -45.24 1.05 19.72
N ILE C 224 -44.66 1.51 18.61
CA ILE C 224 -44.40 2.92 18.41
C ILE C 224 -45.75 3.64 18.32
N LYS C 225 -46.62 3.12 17.43
CA LYS C 225 -47.93 3.72 17.21
C LYS C 225 -48.74 3.75 18.52
N ALA C 226 -48.66 2.64 19.29
CA ALA C 226 -49.33 2.54 20.57
C ALA C 226 -48.81 3.60 21.55
N ALA C 227 -47.50 3.85 21.60
CA ALA C 227 -46.93 4.84 22.49
C ALA C 227 -47.17 6.27 22.04
N THR C 228 -47.48 6.52 20.74
CA THR C 228 -47.46 7.88 20.19
C THR C 228 -48.81 8.36 19.66
N GLU C 229 -49.59 7.46 19.07
CA GLU C 229 -50.81 7.86 18.37
C GLU C 229 -51.80 8.51 19.34
N PRO C 230 -51.90 8.07 20.62
CA PRO C 230 -52.83 8.70 21.55
C PRO C 230 -52.56 10.18 21.75
N TYR C 231 -51.28 10.58 21.71
CA TYR C 231 -50.90 11.94 22.12
C TYR C 231 -50.63 12.82 20.91
N SER C 232 -50.06 12.26 19.83
CA SER C 232 -49.69 13.07 18.69
C SER C 232 -49.72 12.24 17.42
N PRO C 233 -50.87 12.18 16.72
CA PRO C 233 -50.96 11.54 15.41
C PRO C 233 -49.99 12.15 14.38
N LYS C 234 -49.76 13.46 14.44
CA LYS C 234 -48.84 14.08 13.49
C LYS C 234 -47.44 13.52 13.68
N PHE C 235 -47.01 13.37 14.94
CA PHE C 235 -45.69 12.83 15.24
C PHE C 235 -45.61 11.34 14.87
N THR C 236 -46.73 10.62 15.04
CA THR C 236 -46.75 9.21 14.69
C THR C 236 -46.45 9.09 13.20
N GLU C 237 -47.20 9.86 12.41
CA GLU C 237 -47.09 9.89 10.96
C GLU C 237 -45.65 10.17 10.56
N MET C 238 -45.01 11.16 11.19
CA MET C 238 -43.65 11.55 10.87
C MET C 238 -42.66 10.41 11.13
N ILE C 239 -42.66 9.88 12.36
CA ILE C 239 -41.64 8.91 12.75
C ILE C 239 -41.84 7.58 12.00
N ILE C 240 -43.10 7.26 11.67
CA ILE C 240 -43.41 6.03 10.98
C ILE C 240 -42.91 6.13 9.55
N LYS C 241 -43.21 7.24 8.87
CA LYS C 241 -42.79 7.43 7.50
C LYS C 241 -41.28 7.36 7.37
N LEU C 242 -40.57 8.04 8.29
CA LEU C 242 -39.12 8.02 8.28
C LEU C 242 -38.62 6.58 8.42
N LEU C 243 -39.27 5.80 9.27
CA LEU C 243 -38.84 4.43 9.50
C LEU C 243 -39.20 3.53 8.32
N PHE C 244 -40.32 3.80 7.66
CA PHE C 244 -40.73 3.02 6.50
C PHE C 244 -39.82 3.32 5.31
N PHE C 245 -39.48 4.59 5.10
CA PHE C 245 -38.54 4.95 4.05
C PHE C 245 -37.21 4.22 4.29
N PHE C 246 -36.72 4.22 5.54
CA PHE C 246 -35.48 3.57 5.90
C PHE C 246 -35.54 2.07 5.64
N LYS C 247 -36.70 1.45 5.95
CA LYS C 247 -36.98 0.04 5.72
C LYS C 247 -36.92 -0.31 4.22
N ASP C 248 -37.60 0.48 3.38
CA ASP C 248 -37.71 0.19 1.95
C ASP C 248 -36.34 0.19 1.25
N THR C 249 -35.50 1.17 1.56
CA THR C 249 -34.18 1.25 0.95
C THR C 249 -33.29 0.14 1.51
N TYR C 250 -33.44 -0.20 2.80
CA TYR C 250 -32.67 -1.32 3.35
C TYR C 250 -33.06 -2.64 2.70
N ARG C 251 -34.29 -2.74 2.21
CA ARG C 251 -34.77 -3.92 1.53
C ARG C 251 -34.27 -3.94 0.09
N ASP C 252 -34.47 -2.83 -0.65
CA ASP C 252 -34.02 -2.70 -2.03
C ASP C 252 -32.50 -2.76 -2.18
N VAL C 253 -31.76 -2.26 -1.18
CA VAL C 253 -30.31 -2.20 -1.27
C VAL C 253 -29.66 -3.46 -0.69
N PHE C 254 -30.07 -3.93 0.50
CA PHE C 254 -29.32 -4.98 1.19
C PHE C 254 -30.15 -6.23 1.45
N GLY C 255 -31.38 -6.29 0.91
CA GLY C 255 -32.24 -7.43 1.11
C GLY C 255 -32.87 -7.55 2.50
N PHE C 256 -32.53 -6.69 3.48
CA PHE C 256 -33.08 -6.79 4.82
C PHE C 256 -34.60 -6.58 4.82
N ILE C 257 -35.31 -7.43 5.57
CA ILE C 257 -36.75 -7.39 5.64
C ILE C 257 -37.15 -6.25 6.54
N ASP C 258 -36.49 -6.20 7.70
CA ASP C 258 -36.70 -5.14 8.68
C ASP C 258 -35.36 -4.44 8.86
N PRO C 259 -35.28 -3.09 8.83
CA PRO C 259 -34.00 -2.38 8.79
C PRO C 259 -33.41 -2.26 10.19
N PRO C 260 -32.07 -2.24 10.31
CA PRO C 260 -31.42 -2.09 11.62
C PRO C 260 -31.36 -0.62 12.04
N LEU C 261 -31.67 -0.36 13.30
CA LEU C 261 -31.69 1.01 13.75
C LEU C 261 -30.40 1.21 14.53
N HIS C 262 -29.34 1.59 13.81
CA HIS C 262 -28.00 1.38 14.33
C HIS C 262 -27.66 2.32 15.49
N ASP C 263 -27.78 3.63 15.22
CA ASP C 263 -27.12 4.65 16.00
C ASP C 263 -27.70 4.82 17.42
N PRO C 264 -29.03 4.71 17.64
CA PRO C 264 -29.53 4.82 19.01
C PRO C 264 -28.82 3.89 19.97
N VAL C 265 -28.28 2.77 19.46
CA VAL C 265 -27.72 1.72 20.29
C VAL C 265 -26.49 2.24 21.03
N ALA C 266 -25.77 3.19 20.41
CA ALA C 266 -24.58 3.79 20.98
C ALA C 266 -24.94 4.78 22.09
N ALA C 267 -26.01 5.55 21.89
CA ALA C 267 -26.56 6.35 22.96
C ALA C 267 -27.04 5.43 24.09
N PHE C 268 -27.63 4.29 23.73
CA PHE C 268 -28.13 3.37 24.73
C PHE C 268 -26.97 2.88 25.61
N HIS C 269 -25.77 2.77 25.01
CA HIS C 269 -24.62 2.26 25.74
C HIS C 269 -24.24 3.24 26.85
N LEU C 270 -24.36 4.54 26.60
CA LEU C 270 -24.05 5.55 27.60
C LEU C 270 -25.15 5.59 28.66
N ILE C 271 -26.40 5.39 28.20
CA ILE C 271 -27.55 5.37 29.10
C ILE C 271 -27.43 4.18 30.06
N ALA C 272 -27.15 2.99 29.53
CA ALA C 272 -27.20 1.75 30.28
C ALA C 272 -26.17 0.76 29.75
N PRO C 273 -24.86 0.96 30.06
CA PRO C 273 -23.82 0.02 29.64
C PRO C 273 -24.04 -1.44 30.02
N GLU C 274 -24.78 -1.68 31.11
CA GLU C 274 -25.00 -2.98 31.75
C GLU C 274 -25.55 -4.03 30.78
N TRP C 275 -26.24 -3.56 29.73
CA TRP C 275 -26.88 -4.44 28.78
C TRP C 275 -25.91 -4.96 27.71
N PHE C 276 -24.61 -4.59 27.72
CA PHE C 276 -23.72 -4.94 26.61
C PHE C 276 -22.60 -5.86 27.06
N GLU C 277 -22.27 -6.84 26.21
CA GLU C 277 -21.00 -7.52 26.33
C GLU C 277 -19.89 -6.51 26.04
N HIS C 278 -18.72 -6.73 26.64
CA HIS C 278 -17.56 -5.88 26.43
C HIS C 278 -16.30 -6.73 26.42
N VAL C 279 -15.38 -6.42 25.49
CA VAL C 279 -14.04 -6.98 25.53
C VAL C 279 -13.00 -5.92 25.14
N ARG C 280 -11.89 -5.90 25.89
CA ARG C 280 -10.76 -5.01 25.60
C ARG C 280 -9.86 -5.75 24.63
N CYS C 281 -9.37 -5.04 23.61
CA CYS C 281 -8.49 -5.65 22.61
C CYS C 281 -7.75 -4.55 21.85
N HIS C 282 -6.82 -4.95 20.98
CA HIS C 282 -6.18 -4.05 20.03
C HIS C 282 -6.94 -4.07 18.71
N VAL C 283 -7.46 -2.91 18.29
CA VAL C 283 -8.11 -2.78 16.99
C VAL C 283 -7.20 -2.00 16.05
N ASP C 284 -6.84 -2.61 14.92
CA ASP C 284 -6.17 -1.92 13.83
C ASP C 284 -7.20 -1.59 12.75
N ILE C 285 -7.20 -0.35 12.29
CA ILE C 285 -8.02 0.05 11.16
C ILE C 285 -7.18 -0.03 9.89
N GLU C 286 -7.62 -0.86 8.94
CA GLU C 286 -7.00 -0.89 7.62
C GLU C 286 -7.14 0.48 6.96
N THR C 287 -6.00 1.03 6.54
CA THR C 287 -5.94 2.26 5.76
C THR C 287 -5.26 2.05 4.41
N LYS C 288 -4.36 1.05 4.29
CA LYS C 288 -3.58 0.85 3.08
C LYS C 288 -4.35 -0.01 2.07
N GLY C 289 -5.24 -0.89 2.54
CA GLY C 289 -5.97 -1.80 1.68
C GLY C 289 -6.77 -1.08 0.59
N GLU C 290 -6.71 -1.64 -0.62
CA GLU C 290 -7.40 -1.09 -1.78
C GLU C 290 -8.89 -1.38 -1.71
N TYR C 291 -9.25 -2.60 -1.30
CA TYR C 291 -10.64 -3.05 -1.30
C TYR C 291 -11.20 -3.22 0.11
N THR C 292 -10.38 -2.94 1.14
CA THR C 292 -10.64 -3.33 2.51
C THR C 292 -10.33 -2.21 3.50
N TYR C 293 -10.27 -0.95 3.03
CA TYR C 293 -10.05 0.15 3.98
C TYR C 293 -11.28 0.27 4.86
N GLY C 294 -11.06 0.60 6.13
CA GLY C 294 -12.14 0.70 7.09
C GLY C 294 -12.36 -0.59 7.90
N CYS C 295 -11.73 -1.71 7.50
CA CYS C 295 -11.88 -2.97 8.21
C CYS C 295 -11.31 -2.82 9.63
N CYS C 296 -12.10 -3.30 10.60
CA CYS C 296 -11.70 -3.32 12.00
C CYS C 296 -11.12 -4.69 12.33
N CYS C 297 -9.78 -4.75 12.42
CA CYS C 297 -9.05 -6.01 12.53
C CYS C 297 -8.50 -6.14 13.95
N THR C 298 -8.86 -7.21 14.66
CA THR C 298 -8.57 -7.23 16.09
C THR C 298 -7.64 -8.38 16.41
N ASN C 299 -7.13 -8.37 17.64
CA ASN C 299 -6.27 -9.44 18.14
C ASN C 299 -7.07 -10.39 19.05
N LEU C 300 -8.39 -10.47 18.84
CA LEU C 300 -9.26 -11.32 19.63
C LEU C 300 -8.96 -12.81 19.40
N ILE C 301 -8.58 -13.18 18.18
CA ILE C 301 -8.23 -14.56 17.84
C ILE C 301 -7.00 -14.99 18.65
N LEU C 302 -6.08 -14.04 18.87
CA LEU C 302 -4.75 -14.37 19.36
C LEU C 302 -4.79 -14.48 20.88
N LYS C 303 -5.64 -13.67 21.52
CA LYS C 303 -5.90 -13.78 22.95
C LYS C 303 -6.51 -15.15 23.24
N LYS C 304 -7.53 -15.52 22.45
CA LYS C 304 -8.22 -16.80 22.61
C LYS C 304 -7.20 -17.93 22.37
N LYS C 305 -6.48 -17.91 21.25
CA LYS C 305 -5.49 -18.95 20.97
C LYS C 305 -4.38 -18.92 22.03
N ASP C 306 -3.44 -17.98 21.89
CA ASP C 306 -2.20 -17.97 22.64
C ASP C 306 -2.16 -16.68 23.47
N PRO C 307 -2.85 -16.63 24.64
CA PRO C 307 -3.17 -15.37 25.31
C PRO C 307 -1.97 -14.54 25.77
N THR C 308 -0.91 -15.20 26.26
CA THR C 308 0.16 -14.51 26.94
C THR C 308 1.29 -14.08 25.99
N LYS C 309 1.04 -14.09 24.66
CA LYS C 309 2.02 -13.65 23.70
C LYS C 309 1.57 -12.37 23.00
N ILE C 310 0.49 -11.73 23.49
CA ILE C 310 -0.02 -10.50 22.88
C ILE C 310 1.14 -9.51 22.71
N VAL C 311 1.36 -9.09 21.47
CA VAL C 311 2.32 -8.04 21.20
C VAL C 311 1.68 -6.70 21.58
N LYS C 312 0.57 -6.35 20.89
CA LYS C 312 0.08 -5.00 20.84
C LYS C 312 -0.77 -4.73 22.07
N PRO C 313 -0.60 -3.58 22.77
CA PRO C 313 -1.52 -3.20 23.86
C PRO C 313 -2.93 -2.88 23.37
N ASP C 314 -3.89 -3.05 24.28
CA ASP C 314 -5.28 -2.78 23.99
C ASP C 314 -5.44 -1.30 23.70
N ASN C 315 -6.43 -0.96 22.86
CA ASN C 315 -6.70 0.44 22.55
C ASN C 315 -8.19 0.71 22.41
N ALA C 316 -9.05 -0.27 22.74
CA ALA C 316 -10.49 -0.08 22.56
C ALA C 316 -11.25 -1.12 23.36
N THR C 317 -12.52 -0.78 23.62
CA THR C 317 -13.50 -1.76 24.06
C THR C 317 -14.35 -2.12 22.85
N VAL C 318 -14.62 -3.42 22.66
CA VAL C 318 -15.51 -3.87 21.62
C VAL C 318 -16.72 -4.56 22.25
N CYS C 319 -17.91 -4.15 21.78
CA CYS C 319 -19.16 -4.76 22.20
C CYS C 319 -19.73 -5.56 21.05
N LEU C 320 -19.70 -6.89 21.20
CA LEU C 320 -20.04 -7.82 20.14
C LEU C 320 -21.52 -8.23 20.19
N LYS C 321 -22.07 -8.29 21.40
CA LYS C 321 -23.44 -8.68 21.63
C LYS C 321 -24.08 -7.84 22.74
N LEU C 322 -25.42 -7.76 22.70
CA LEU C 322 -26.22 -7.37 23.86
C LEU C 322 -26.33 -8.54 24.83
N LYS C 323 -26.23 -8.26 26.13
CA LYS C 323 -26.51 -9.24 27.16
C LYS C 323 -28.00 -9.57 27.12
N GLU C 324 -28.34 -10.67 27.81
CA GLU C 324 -29.71 -11.13 27.91
C GLU C 324 -30.61 -10.03 28.48
N GLY C 325 -31.73 -9.80 27.77
CA GLY C 325 -32.70 -8.75 28.06
C GLY C 325 -32.30 -7.43 27.39
N GLY C 326 -31.20 -7.45 26.66
CA GLY C 326 -30.62 -6.22 26.14
C GLY C 326 -31.51 -5.56 25.08
N HIS C 327 -32.09 -6.38 24.20
CA HIS C 327 -32.86 -5.91 23.07
C HIS C 327 -34.14 -5.27 23.56
N ASP C 328 -34.73 -5.92 24.57
CA ASP C 328 -35.95 -5.46 25.22
C ASP C 328 -35.69 -4.15 25.96
N ALA C 329 -34.62 -4.13 26.78
CA ALA C 329 -34.25 -2.93 27.50
C ALA C 329 -34.12 -1.75 26.53
N PHE C 330 -33.50 -2.02 25.36
CA PHE C 330 -33.24 -0.99 24.36
C PHE C 330 -34.55 -0.43 23.80
N TRP C 331 -35.44 -1.29 23.32
CA TRP C 331 -36.70 -0.84 22.74
C TRP C 331 -37.62 -0.13 23.73
N ASN C 332 -37.66 -0.58 24.98
CA ASN C 332 -38.50 0.05 25.98
C ASN C 332 -38.03 1.48 26.21
N GLN C 333 -36.71 1.68 26.21
CA GLN C 333 -36.12 2.99 26.41
C GLN C 333 -36.39 3.88 25.19
N MET C 334 -36.24 3.32 24.00
CA MET C 334 -36.47 4.04 22.76
C MET C 334 -37.95 4.40 22.59
N ILE C 335 -38.85 3.46 22.89
CA ILE C 335 -40.29 3.66 22.65
C ILE C 335 -40.87 4.59 23.72
N THR C 336 -40.33 4.54 24.95
CA THR C 336 -40.73 5.47 25.98
C THR C 336 -40.38 6.91 25.58
N VAL C 337 -39.22 7.09 24.97
CA VAL C 337 -38.81 8.41 24.54
C VAL C 337 -39.75 8.90 23.43
N TRP C 338 -40.08 8.03 22.47
CA TRP C 338 -40.98 8.40 21.39
C TRP C 338 -42.34 8.80 21.96
N GLY C 339 -42.76 8.11 23.04
CA GLY C 339 -44.01 8.38 23.72
C GLY C 339 -44.02 9.73 24.44
N GLU C 340 -42.89 10.09 25.08
CA GLU C 340 -42.73 11.37 25.76
C GLU C 340 -42.69 12.52 24.74
N ILE C 341 -41.98 12.31 23.63
CA ILE C 341 -41.91 13.29 22.56
C ILE C 341 -43.32 13.62 22.07
N ALA C 342 -44.07 12.57 21.73
CA ALA C 342 -45.43 12.71 21.24
C ALA C 342 -46.30 13.48 22.24
N LYS C 343 -46.04 13.32 23.55
CA LYS C 343 -46.76 14.04 24.58
C LYS C 343 -46.46 15.54 24.45
N GLU C 344 -45.17 15.90 24.43
CA GLU C 344 -44.80 17.31 24.29
C GLU C 344 -45.36 17.93 23.02
N ILE C 345 -45.41 17.17 21.91
CA ILE C 345 -45.87 17.72 20.65
C ILE C 345 -47.38 17.91 20.67
N GLY C 346 -48.13 16.88 21.07
CA GLY C 346 -49.58 16.93 21.08
C GLY C 346 -50.17 16.99 19.67
N SER D 2 -16.53 -40.56 -16.72
CA SER D 2 -15.52 -40.36 -15.65
C SER D 2 -14.72 -39.09 -15.99
N ILE D 3 -14.30 -38.35 -14.96
CA ILE D 3 -13.71 -37.02 -15.15
C ILE D 3 -12.25 -37.04 -14.74
N LYS D 4 -11.36 -36.81 -15.72
CA LYS D 4 -9.93 -36.77 -15.44
C LYS D 4 -9.61 -35.45 -14.74
N CYS D 5 -8.75 -35.52 -13.72
CA CYS D 5 -8.51 -34.35 -12.90
C CYS D 5 -7.18 -34.54 -12.17
N ALA D 6 -6.66 -33.45 -11.61
CA ALA D 6 -5.50 -33.50 -10.73
C ALA D 6 -5.87 -32.80 -9.41
N LEU D 7 -5.22 -33.21 -8.32
CA LEU D 7 -5.43 -32.61 -7.01
C LEU D 7 -4.19 -31.82 -6.58
N ASP D 8 -4.38 -30.56 -6.21
CA ASP D 8 -3.33 -29.76 -5.62
C ASP D 8 -3.73 -29.45 -4.18
N CYS D 9 -2.88 -29.79 -3.20
CA CYS D 9 -3.34 -29.81 -1.81
C CYS D 9 -2.17 -29.80 -0.84
N ASP D 10 -2.45 -29.55 0.45
CA ASP D 10 -1.44 -29.40 1.49
C ASP D 10 -1.79 -30.28 2.70
N PRO D 11 -1.91 -31.62 2.57
CA PRO D 11 -2.45 -32.43 3.64
C PRO D 11 -1.58 -32.44 4.89
N GLY D 12 -2.17 -32.20 6.08
CA GLY D 12 -3.52 -31.68 6.26
C GLY D 12 -4.60 -32.77 6.35
N HIS D 13 -5.35 -32.81 7.47
CA HIS D 13 -6.39 -33.81 7.71
C HIS D 13 -7.54 -33.66 6.70
N ASP D 14 -7.96 -32.43 6.46
CA ASP D 14 -9.00 -32.14 5.47
C ASP D 14 -8.60 -32.62 4.08
N ASP D 15 -7.37 -32.29 3.67
CA ASP D 15 -6.90 -32.67 2.35
C ASP D 15 -6.87 -34.20 2.26
N LEU D 16 -6.45 -34.85 3.36
CA LEU D 16 -6.47 -36.29 3.40
C LEU D 16 -7.86 -36.80 3.00
N ALA D 17 -8.91 -36.22 3.57
CA ALA D 17 -10.29 -36.62 3.32
C ALA D 17 -10.66 -36.38 1.85
N MET D 18 -10.14 -35.29 1.28
CA MET D 18 -10.42 -34.91 -0.09
C MET D 18 -9.80 -35.90 -1.08
N ILE D 19 -8.56 -36.31 -0.81
CA ILE D 19 -7.83 -37.26 -1.64
C ILE D 19 -8.62 -38.57 -1.65
N MET D 20 -9.03 -39.03 -0.46
CA MET D 20 -9.82 -40.24 -0.34
C MET D 20 -11.05 -40.18 -1.26
N LEU D 21 -11.81 -39.09 -1.16
CA LEU D 21 -13.05 -38.98 -1.91
C LEU D 21 -12.75 -38.97 -3.42
N ALA D 22 -11.71 -38.23 -3.81
CA ALA D 22 -11.45 -38.01 -5.22
C ALA D 22 -10.91 -39.29 -5.86
N VAL D 23 -9.96 -39.90 -5.15
CA VAL D 23 -9.31 -41.12 -5.61
C VAL D 23 -10.35 -42.26 -5.71
N TYR D 24 -11.21 -42.44 -4.68
CA TYR D 24 -12.13 -43.58 -4.69
C TYR D 24 -13.45 -43.31 -5.39
N SER D 25 -13.83 -42.06 -5.62
CA SER D 25 -15.04 -41.81 -6.38
C SER D 25 -14.90 -42.37 -7.80
N PRO D 26 -15.85 -43.20 -8.31
CA PRO D 26 -15.78 -43.65 -9.71
C PRO D 26 -16.08 -42.53 -10.70
N LYS D 27 -16.62 -41.41 -10.20
CA LYS D 27 -16.95 -40.28 -11.05
C LYS D 27 -15.67 -39.53 -11.46
N LEU D 28 -14.62 -39.61 -10.64
CA LEU D 28 -13.36 -38.90 -10.87
C LEU D 28 -12.23 -39.87 -11.25
N ASP D 29 -11.31 -39.41 -12.12
CA ASP D 29 -10.12 -40.16 -12.51
C ASP D 29 -8.86 -39.33 -12.20
N VAL D 30 -8.25 -39.53 -11.03
CA VAL D 30 -7.13 -38.72 -10.59
C VAL D 30 -5.91 -39.06 -11.42
N GLN D 31 -5.31 -38.05 -12.09
CA GLN D 31 -4.11 -38.25 -12.89
C GLN D 31 -2.85 -38.16 -12.02
N TYR D 32 -2.81 -37.18 -11.12
CA TYR D 32 -1.69 -37.06 -10.18
C TYR D 32 -2.13 -36.23 -8.98
N ILE D 33 -1.29 -36.23 -7.95
CA ILE D 33 -1.43 -35.27 -6.86
C ILE D 33 -0.16 -34.39 -6.79
N SER D 34 -0.35 -33.07 -6.67
CA SER D 34 0.73 -32.13 -6.41
C SER D 34 0.53 -31.47 -5.06
N THR D 35 1.60 -31.44 -4.23
CA THR D 35 1.53 -30.88 -2.89
C THR D 35 2.17 -29.46 -2.85
N THR D 36 1.74 -28.67 -1.86
CA THR D 36 2.14 -27.28 -1.73
C THR D 36 2.43 -27.01 -0.26
N HIS D 37 3.01 -25.85 0.02
CA HIS D 37 3.19 -25.36 1.39
C HIS D 37 1.87 -24.93 2.00
N GLY D 38 1.86 -24.94 3.34
CA GLY D 38 0.82 -24.39 4.20
C GLY D 38 1.36 -24.29 5.64
N ASN D 39 0.58 -24.74 6.63
CA ASN D 39 1.08 -24.85 8.00
C ASN D 39 2.29 -25.78 8.03
N GLN D 40 2.31 -26.77 7.13
CA GLN D 40 3.46 -27.64 6.96
C GLN D 40 4.18 -27.41 5.63
N THR D 41 5.50 -27.56 5.73
CA THR D 41 6.45 -27.51 4.62
C THR D 41 5.99 -28.45 3.51
N VAL D 42 6.27 -28.08 2.24
CA VAL D 42 5.81 -28.86 1.10
C VAL D 42 6.44 -30.25 1.11
N ASN D 43 7.55 -30.44 1.83
CA ASN D 43 8.14 -31.75 1.97
C ASN D 43 7.23 -32.65 2.80
N LYS D 44 6.67 -32.12 3.88
CA LYS D 44 5.75 -32.87 4.73
C LYS D 44 4.44 -33.14 4.01
N THR D 45 3.95 -32.14 3.26
CA THR D 45 2.67 -32.33 2.58
C THR D 45 2.83 -33.35 1.45
N TYR D 46 4.02 -33.41 0.83
CA TYR D 46 4.35 -34.51 -0.05
C TYR D 46 4.20 -35.85 0.69
N GLN D 47 4.90 -35.99 1.81
CA GLN D 47 4.92 -37.22 2.56
C GLN D 47 3.50 -37.61 2.97
N ASN D 48 2.68 -36.60 3.29
CA ASN D 48 1.32 -36.80 3.77
C ASN D 48 0.37 -37.23 2.66
N ALA D 49 0.58 -36.76 1.43
CA ALA D 49 -0.22 -37.22 0.31
C ALA D 49 0.06 -38.70 0.07
N ARG D 50 1.35 -39.07 0.18
CA ARG D 50 1.79 -40.43 -0.12
C ARG D 50 1.32 -41.37 0.99
N ARG D 51 1.31 -40.88 2.24
CA ARG D 51 0.75 -41.63 3.34
C ARG D 51 -0.73 -41.90 3.12
N THR D 52 -1.49 -40.88 2.72
CA THR D 52 -2.90 -41.02 2.40
C THR D 52 -3.06 -42.12 1.36
N LEU D 53 -2.31 -42.02 0.27
CA LEU D 53 -2.43 -42.97 -0.83
C LEU D 53 -2.08 -44.39 -0.36
N ASN D 54 -1.06 -44.54 0.50
CA ASN D 54 -0.59 -45.86 0.87
C ASN D 54 -1.64 -46.57 1.73
N LEU D 55 -2.16 -45.84 2.73
CA LEU D 55 -3.27 -46.24 3.57
C LEU D 55 -4.48 -46.73 2.75
N ILE D 56 -4.75 -46.12 1.59
CA ILE D 56 -5.90 -46.51 0.79
C ILE D 56 -5.52 -47.42 -0.39
N LYS D 57 -4.31 -48.01 -0.37
CA LYS D 57 -3.90 -49.01 -1.33
C LYS D 57 -3.85 -48.44 -2.75
N ARG D 58 -3.20 -47.29 -2.91
CA ARG D 58 -3.18 -46.56 -4.16
C ARG D 58 -1.87 -45.79 -4.36
N ALA D 59 -0.93 -45.92 -3.41
CA ALA D 59 0.36 -45.24 -3.47
C ALA D 59 1.19 -45.69 -4.68
N ASP D 60 0.95 -46.92 -5.16
CA ASP D 60 1.63 -47.41 -6.35
C ASP D 60 0.82 -47.15 -7.62
N LYS D 61 -0.28 -46.39 -7.57
CA LYS D 61 -1.03 -46.13 -8.78
C LYS D 61 -0.93 -44.66 -9.20
N ILE D 62 -0.93 -43.75 -8.22
CA ILE D 62 -1.08 -42.33 -8.51
C ILE D 62 0.28 -41.64 -8.35
N PRO D 63 0.78 -40.93 -9.38
CA PRO D 63 2.00 -40.12 -9.20
C PRO D 63 1.74 -38.94 -8.25
N VAL D 64 2.69 -38.70 -7.35
CA VAL D 64 2.64 -37.53 -6.47
C VAL D 64 3.88 -36.65 -6.75
N TYR D 65 3.63 -35.33 -6.93
CA TYR D 65 4.67 -34.35 -7.17
C TYR D 65 4.82 -33.45 -5.93
N ARG D 66 6.07 -33.13 -5.59
CA ARG D 66 6.40 -32.16 -4.55
C ARG D 66 6.68 -30.78 -5.15
N GLY D 67 5.80 -29.81 -4.82
CA GLY D 67 5.77 -28.50 -5.47
C GLY D 67 6.54 -27.42 -4.68
N TYR D 68 6.08 -26.17 -4.80
CA TYR D 68 6.81 -25.01 -4.29
C TYR D 68 6.68 -24.90 -2.78
N SER D 69 7.75 -24.44 -2.13
CA SER D 69 7.89 -24.48 -0.67
C SER D 69 7.47 -23.17 -0.01
N LYS D 70 7.27 -22.13 -0.80
CA LYS D 70 6.92 -20.82 -0.26
C LYS D 70 6.06 -20.06 -1.28
N PRO D 71 5.38 -18.95 -0.85
CA PRO D 71 4.55 -18.17 -1.76
C PRO D 71 5.35 -17.40 -2.81
N LEU D 72 4.64 -16.81 -3.76
CA LEU D 72 5.21 -16.06 -4.86
C LEU D 72 6.10 -14.93 -4.37
N THR D 73 5.60 -14.15 -3.40
CA THR D 73 6.28 -12.92 -3.00
C THR D 73 6.26 -12.69 -1.49
N ARG D 74 5.80 -13.67 -0.69
CA ARG D 74 5.77 -13.48 0.76
C ARG D 74 6.47 -14.66 1.43
N GLU D 75 6.53 -14.60 2.77
CA GLU D 75 7.06 -15.68 3.57
C GLU D 75 6.00 -16.74 3.89
N SER D 76 6.42 -18.00 3.86
CA SER D 76 5.69 -19.12 4.45
C SER D 76 5.28 -18.79 5.88
N VAL D 77 4.28 -19.52 6.41
CA VAL D 77 4.02 -19.57 7.85
C VAL D 77 4.11 -21.01 8.40
N ALA D 78 5.08 -21.78 7.86
CA ALA D 78 5.35 -23.16 8.25
C ALA D 78 6.36 -23.22 9.40
N SER D 86 3.75 -33.09 12.26
CA SER D 86 3.75 -33.91 11.01
C SER D 86 2.82 -33.29 9.96
N GLY D 87 1.70 -32.72 10.40
CA GLY D 87 0.68 -32.21 9.49
C GLY D 87 -0.54 -33.14 9.37
N LEU D 88 -0.41 -34.34 9.96
CA LEU D 88 -1.50 -35.31 10.10
C LEU D 88 -1.43 -35.96 11.48
N GLY D 89 -1.46 -35.14 12.53
CA GLY D 89 -1.42 -35.65 13.88
C GLY D 89 -2.66 -36.47 14.20
N GLY D 90 -2.53 -37.28 15.26
CA GLY D 90 -3.58 -38.16 15.73
C GLY D 90 -3.26 -39.65 15.52
N VAL D 91 -2.16 -39.95 14.83
CA VAL D 91 -1.92 -41.26 14.24
C VAL D 91 -0.43 -41.57 14.22
N ASP D 92 -0.07 -42.85 14.40
CA ASP D 92 1.28 -43.35 14.20
C ASP D 92 1.41 -43.84 12.75
N TRP D 93 2.33 -43.24 11.99
CA TRP D 93 2.44 -43.49 10.55
C TRP D 93 3.62 -44.40 10.21
N SER D 94 4.23 -45.05 11.20
CA SER D 94 5.47 -45.76 10.97
C SER D 94 5.29 -46.92 10.00
N GLU D 95 4.14 -47.62 10.12
CA GLU D 95 3.86 -48.79 9.32
C GLU D 95 3.63 -48.40 7.85
N ILE D 96 2.83 -47.33 7.66
CA ILE D 96 2.53 -46.76 6.35
C ILE D 96 3.82 -46.28 5.67
N ASP D 97 4.71 -45.62 6.43
CA ASP D 97 5.94 -45.09 5.87
C ASP D 97 6.84 -46.25 5.42
N ARG D 98 6.91 -47.30 6.24
CA ARG D 98 7.82 -48.43 6.03
C ARG D 98 7.36 -49.30 4.86
N THR D 99 6.06 -49.32 4.52
CA THR D 99 5.56 -50.17 3.45
C THR D 99 5.23 -49.36 2.21
N MET D 100 5.75 -48.13 2.17
CA MET D 100 5.47 -47.19 1.11
C MET D 100 6.04 -47.70 -0.22
N PRO D 101 5.23 -47.95 -1.26
CA PRO D 101 5.76 -48.31 -2.56
C PRO D 101 6.42 -47.12 -3.25
N ARG D 102 7.26 -47.41 -4.25
CA ARG D 102 7.92 -46.39 -5.03
C ARG D 102 6.87 -45.46 -5.62
N ASN D 103 7.17 -44.16 -5.67
CA ASN D 103 6.27 -43.16 -6.23
C ASN D 103 6.37 -43.23 -7.76
N PRO D 104 5.26 -43.55 -8.46
CA PRO D 104 5.28 -43.69 -9.92
C PRO D 104 5.72 -42.43 -10.64
N ALA D 105 5.69 -41.29 -9.93
CA ALA D 105 6.12 -40.03 -10.50
C ALA D 105 7.57 -40.13 -10.94
N LEU D 106 8.38 -40.81 -10.10
CA LEU D 106 9.81 -40.99 -10.30
C LEU D 106 10.07 -41.72 -11.61
N ASP D 107 9.25 -42.73 -11.93
CA ASP D 107 9.41 -43.47 -13.18
C ASP D 107 9.17 -42.50 -14.34
N ILE D 108 8.10 -41.70 -14.25
CA ILE D 108 7.77 -40.76 -15.29
C ILE D 108 8.93 -39.77 -15.46
N LEU D 109 9.57 -39.37 -14.37
CA LEU D 109 10.59 -38.32 -14.43
C LEU D 109 11.99 -38.87 -14.73
N GLY D 110 12.21 -40.17 -14.58
CA GLY D 110 13.52 -40.77 -14.80
C GLY D 110 14.45 -40.58 -13.61
N TYR D 111 13.87 -40.37 -12.43
CA TYR D 111 14.63 -40.13 -11.22
C TYR D 111 14.86 -41.44 -10.48
N LYS D 112 16.04 -41.59 -9.85
CA LYS D 112 16.31 -42.76 -9.04
C LYS D 112 15.49 -42.73 -7.76
N ASP D 113 15.44 -41.56 -7.10
CA ASP D 113 14.80 -41.45 -5.79
C ASP D 113 14.20 -40.06 -5.61
N GLU D 114 13.66 -39.82 -4.40
CA GLU D 114 12.81 -38.67 -4.13
C GLU D 114 13.62 -37.39 -3.92
N SER D 115 14.91 -37.49 -3.65
CA SER D 115 15.71 -36.30 -3.38
C SER D 115 15.88 -35.46 -4.65
N GLU D 116 15.59 -36.06 -5.81
CA GLU D 116 15.68 -35.38 -7.10
C GLU D 116 14.40 -34.64 -7.45
N LEU D 117 13.34 -34.74 -6.62
CA LEU D 117 12.08 -34.10 -6.93
C LEU D 117 12.26 -32.59 -6.89
N ARG D 118 11.69 -31.92 -7.90
CA ARG D 118 11.79 -30.47 -8.05
C ARG D 118 10.38 -29.90 -8.17
N PRO D 119 10.15 -28.69 -7.60
CA PRO D 119 8.83 -28.05 -7.61
C PRO D 119 8.13 -28.00 -8.96
N ASP D 120 8.88 -27.85 -10.06
CA ASP D 120 8.26 -27.72 -11.38
C ASP D 120 8.11 -29.07 -12.07
N ASP D 121 8.39 -30.19 -11.37
CA ASP D 121 8.29 -31.52 -11.96
C ASP D 121 6.92 -31.71 -12.62
N PHE D 122 5.83 -31.26 -11.98
CA PHE D 122 4.48 -31.57 -12.44
C PHE D 122 4.16 -30.94 -13.80
N PHE D 123 4.94 -29.94 -14.21
CA PHE D 123 4.55 -29.03 -15.28
C PHE D 123 4.24 -29.79 -16.59
N LYS D 124 5.15 -30.66 -17.01
CA LYS D 124 5.00 -31.28 -18.32
C LYS D 124 3.84 -32.27 -18.31
N HIS D 125 3.63 -32.94 -17.17
CA HIS D 125 2.49 -33.85 -17.04
C HIS D 125 1.18 -33.06 -17.19
N LEU D 126 1.06 -31.94 -16.48
CA LEU D 126 -0.16 -31.13 -16.54
C LEU D 126 -0.40 -30.59 -17.94
N HIS D 127 0.69 -30.17 -18.61
CA HIS D 127 0.60 -29.61 -19.94
C HIS D 127 0.08 -30.68 -20.92
N ARG D 128 0.53 -31.93 -20.75
CA ARG D 128 -0.01 -32.99 -21.59
C ARG D 128 -1.51 -33.16 -21.35
N LEU D 129 -1.93 -33.08 -20.09
CA LEU D 129 -3.33 -33.26 -19.75
C LEU D 129 -4.18 -32.10 -20.26
N VAL D 130 -3.64 -30.88 -20.16
CA VAL D 130 -4.35 -29.72 -20.65
C VAL D 130 -4.54 -29.82 -22.17
N SER D 131 -3.48 -30.24 -22.89
CA SER D 131 -3.53 -30.30 -24.35
C SER D 131 -4.56 -31.34 -24.78
N ALA D 132 -4.55 -32.48 -24.08
CA ALA D 132 -5.39 -33.61 -24.40
C ALA D 132 -6.85 -33.32 -24.09
N ALA D 133 -7.14 -32.40 -23.16
CA ALA D 133 -8.52 -32.18 -22.77
C ALA D 133 -9.33 -31.61 -23.94
N GLU D 134 -10.58 -32.07 -24.06
CA GLU D 134 -11.47 -31.68 -25.13
C GLU D 134 -12.00 -30.28 -24.90
N ASP D 135 -12.15 -29.87 -23.65
CA ASP D 135 -12.62 -28.55 -23.30
C ASP D 135 -11.64 -27.94 -22.30
N LYS D 136 -11.76 -28.30 -21.02
CA LYS D 136 -10.82 -27.85 -20.02
C LYS D 136 -10.42 -29.02 -19.12
N PHE D 137 -9.22 -28.94 -18.55
CA PHE D 137 -8.76 -29.96 -17.61
C PHE D 137 -9.04 -29.51 -16.18
N ASP D 138 -9.52 -30.44 -15.37
CA ASP D 138 -10.01 -30.09 -14.05
C ASP D 138 -8.89 -30.22 -13.02
N ILE D 139 -8.63 -29.14 -12.28
CA ILE D 139 -7.76 -29.18 -11.12
C ILE D 139 -8.59 -28.88 -9.88
N ILE D 140 -8.43 -29.71 -8.85
CA ILE D 140 -8.99 -29.45 -7.54
C ILE D 140 -7.85 -28.94 -6.65
N SER D 141 -8.04 -27.75 -6.09
CA SER D 141 -7.00 -27.08 -5.33
C SER D 141 -7.55 -26.76 -3.93
N THR D 142 -6.82 -27.18 -2.88
CA THR D 142 -7.35 -27.08 -1.54
C THR D 142 -6.28 -26.75 -0.51
N GLY D 143 -5.12 -26.26 -0.99
CA GLY D 143 -4.14 -25.60 -0.15
C GLY D 143 -3.82 -24.23 -0.75
N SER D 144 -2.64 -23.65 -0.40
CA SER D 144 -2.12 -22.49 -1.11
C SER D 144 -2.23 -22.78 -2.60
N GLU D 145 -2.40 -21.74 -3.43
CA GLU D 145 -2.57 -21.95 -4.85
C GLU D 145 -1.33 -21.50 -5.64
N THR D 146 -0.18 -21.52 -4.94
CA THR D 146 1.12 -21.13 -5.46
C THR D 146 1.51 -21.93 -6.69
N ASN D 147 1.34 -23.27 -6.61
CA ASN D 147 1.75 -24.20 -7.66
C ASN D 147 1.05 -23.85 -8.97
N ILE D 148 -0.25 -23.57 -8.90
CA ILE D 148 -1.01 -23.29 -10.10
C ILE D 148 -0.62 -21.92 -10.68
N ALA D 149 -0.36 -20.94 -9.80
CA ALA D 149 0.16 -19.64 -10.24
C ALA D 149 1.50 -19.81 -10.95
N GLN D 150 2.41 -20.58 -10.35
CA GLN D 150 3.69 -20.89 -10.98
C GLN D 150 3.48 -21.56 -12.35
N TYR D 151 2.62 -22.58 -12.40
CA TYR D 151 2.38 -23.22 -13.68
C TYR D 151 1.98 -22.21 -14.74
N LEU D 152 1.04 -21.32 -14.39
CA LEU D 152 0.46 -20.39 -15.35
C LEU D 152 1.50 -19.37 -15.79
N LEU D 153 2.49 -19.08 -14.93
CA LEU D 153 3.57 -18.18 -15.29
C LEU D 153 4.45 -18.86 -16.32
N ALA D 154 4.66 -20.17 -16.19
CA ALA D 154 5.44 -20.92 -17.17
C ALA D 154 4.61 -21.23 -18.41
N TYR D 155 3.29 -21.45 -18.25
CA TYR D 155 2.40 -21.82 -19.36
C TYR D 155 1.15 -20.93 -19.40
N PRO D 156 1.29 -19.62 -19.74
CA PRO D 156 0.14 -18.72 -19.78
C PRO D 156 -0.97 -19.10 -20.78
N GLU D 157 -0.58 -19.80 -21.86
CA GLU D 157 -1.51 -20.11 -22.93
CA GLU D 157 -1.48 -20.16 -22.95
C GLU D 157 -2.47 -21.24 -22.52
N ASP D 158 -2.17 -21.91 -21.40
CA ASP D 158 -2.99 -23.03 -20.93
C ASP D 158 -4.11 -22.60 -19.99
N ALA D 159 -4.04 -21.35 -19.48
CA ALA D 159 -5.00 -20.87 -18.50
C ALA D 159 -6.42 -21.06 -19.03
N LYS D 160 -6.62 -20.69 -20.31
CA LYS D 160 -7.94 -20.74 -20.92
C LYS D 160 -8.46 -22.18 -20.99
N LYS D 161 -7.59 -23.19 -20.82
CA LYS D 161 -8.03 -24.58 -20.90
C LYS D 161 -7.90 -25.27 -19.54
N ILE D 162 -7.85 -24.46 -18.46
CA ILE D 162 -7.83 -25.01 -17.12
C ILE D 162 -9.11 -24.58 -16.39
N ARG D 163 -9.77 -25.56 -15.74
CA ARG D 163 -10.90 -25.31 -14.83
C ARG D 163 -10.48 -25.62 -13.39
N MET D 164 -10.55 -24.61 -12.53
CA MET D 164 -10.16 -24.77 -11.15
C MET D 164 -11.42 -24.95 -10.31
N THR D 165 -11.34 -25.88 -9.36
CA THR D 165 -12.38 -26.07 -8.37
C THR D 165 -11.71 -26.07 -7.00
N THR D 166 -12.03 -25.08 -6.16
CA THR D 166 -11.19 -24.80 -5.00
C THR D 166 -11.95 -24.83 -3.69
N MET D 167 -11.22 -25.11 -2.61
CA MET D 167 -11.57 -24.72 -1.27
C MET D 167 -10.71 -23.52 -0.92
N ALA D 168 -11.36 -22.35 -0.83
CA ALA D 168 -10.67 -21.10 -0.55
C ALA D 168 -11.68 -20.00 -0.32
N GLY D 169 -11.29 -19.06 0.54
CA GLY D 169 -11.98 -17.79 0.65
C GLY D 169 -13.15 -17.81 1.64
N ASN D 170 -13.71 -16.61 1.85
CA ASN D 170 -14.93 -16.40 2.62
C ASN D 170 -15.54 -15.10 2.09
N PHE D 171 -16.87 -15.10 1.95
CA PHE D 171 -17.56 -14.08 1.18
C PHE D 171 -18.60 -13.33 2.03
N MET D 172 -19.59 -14.07 2.59
CA MET D 172 -20.64 -13.45 3.38
C MET D 172 -20.40 -13.68 4.87
N ILE D 173 -19.29 -14.34 5.23
CA ILE D 173 -18.91 -14.50 6.63
C ILE D 173 -17.43 -14.15 6.76
N VAL D 174 -16.98 -14.01 8.01
CA VAL D 174 -15.63 -13.58 8.27
C VAL D 174 -14.67 -14.73 7.98
N GLY D 175 -13.35 -14.49 8.12
CA GLY D 175 -12.34 -15.47 7.77
C GLY D 175 -12.04 -16.39 8.94
N ASN D 176 -10.86 -17.01 8.97
CA ASN D 176 -10.48 -17.88 10.08
C ASN D 176 -9.18 -17.40 10.72
N ILE D 177 -8.04 -17.59 10.03
CA ILE D 177 -6.74 -17.30 10.62
C ILE D 177 -6.48 -15.79 10.65
N MET D 178 -7.16 -15.05 9.78
CA MET D 178 -7.18 -13.60 9.91
C MET D 178 -8.65 -13.15 9.89
N PRO D 179 -8.96 -11.97 10.46
CA PRO D 179 -10.34 -11.56 10.66
C PRO D 179 -11.26 -11.72 9.46
N PHE D 180 -10.80 -11.34 8.26
CA PHE D 180 -11.71 -11.28 7.11
C PHE D 180 -11.23 -12.17 5.97
N ALA D 181 -10.19 -12.98 6.22
CA ALA D 181 -9.63 -13.80 5.17
C ALA D 181 -9.43 -15.23 5.64
N GLU D 182 -9.43 -16.10 4.63
CA GLU D 182 -9.31 -17.54 4.81
C GLU D 182 -7.87 -17.98 4.49
N PHE D 183 -7.36 -18.96 5.26
CA PHE D 183 -5.97 -19.45 5.21
C PHE D 183 -5.43 -19.61 3.79
N ASN D 184 -6.10 -20.39 2.94
CA ASN D 184 -5.58 -20.75 1.61
C ASN D 184 -5.34 -19.52 0.75
N VAL D 185 -6.15 -18.48 0.90
CA VAL D 185 -5.97 -17.26 0.11
C VAL D 185 -4.88 -16.40 0.74
N LEU D 186 -4.91 -16.19 2.06
CA LEU D 186 -4.03 -15.20 2.68
C LEU D 186 -2.56 -15.65 2.60
N ILE D 187 -2.30 -16.96 2.62
CA ILE D 187 -0.93 -17.48 2.65
C ILE D 187 -0.25 -17.21 1.30
N ASP D 188 -1.02 -16.98 0.21
CA ASP D 188 -0.43 -16.47 -1.03
C ASP D 188 -1.52 -15.82 -1.89
N PRO D 189 -1.94 -14.56 -1.57
CA PRO D 189 -3.05 -13.92 -2.28
C PRO D 189 -2.70 -13.53 -3.70
N GLU D 190 -1.42 -13.21 -3.92
CA GLU D 190 -0.89 -12.91 -5.24
C GLU D 190 -1.12 -14.09 -6.18
N ALA D 191 -0.93 -15.31 -5.69
CA ALA D 191 -1.23 -16.51 -6.47
C ALA D 191 -2.67 -16.51 -7.00
N ILE D 192 -3.63 -16.36 -6.11
CA ILE D 192 -5.04 -16.42 -6.53
C ILE D 192 -5.36 -15.20 -7.39
N SER D 193 -4.84 -14.02 -7.01
CA SER D 193 -4.99 -12.83 -7.85
C SER D 193 -4.51 -13.10 -9.27
N ASN D 194 -3.30 -13.67 -9.40
CA ASN D 194 -2.79 -14.02 -10.73
C ASN D 194 -3.79 -14.91 -11.47
N ILE D 195 -4.25 -15.99 -10.81
CA ILE D 195 -5.07 -17.02 -11.45
C ILE D 195 -6.38 -16.40 -11.94
N LEU D 196 -6.98 -15.52 -11.14
CA LEU D 196 -8.25 -14.91 -11.49
C LEU D 196 -8.10 -14.02 -12.72
N GLN D 197 -6.91 -13.45 -12.94
CA GLN D 197 -6.70 -12.54 -14.06
C GLN D 197 -6.29 -13.30 -15.33
N SER D 198 -6.01 -14.60 -15.21
CA SER D 198 -5.26 -15.33 -16.23
C SER D 198 -6.14 -15.87 -17.35
N GLY D 199 -7.45 -16.07 -17.09
CA GLY D 199 -8.34 -16.73 -18.03
C GLY D 199 -8.82 -18.11 -17.54
N VAL D 200 -8.25 -18.60 -16.43
CA VAL D 200 -8.74 -19.82 -15.78
C VAL D 200 -10.23 -19.68 -15.48
N ASP D 201 -10.95 -20.80 -15.65
CA ASP D 201 -12.34 -20.90 -15.26
C ASP D 201 -12.34 -21.36 -13.80
N TYR D 202 -12.72 -20.46 -12.90
CA TYR D 202 -12.41 -20.58 -11.49
C TYR D 202 -13.71 -20.61 -10.70
N THR D 203 -13.79 -21.57 -9.79
CA THR D 203 -14.95 -21.76 -8.94
C THR D 203 -14.49 -21.82 -7.48
N PHE D 204 -15.00 -20.86 -6.70
CA PHE D 204 -14.92 -20.93 -5.25
C PHE D 204 -16.02 -21.87 -4.77
N ALA D 205 -15.72 -23.18 -4.82
CA ALA D 205 -16.71 -24.23 -4.64
C ALA D 205 -16.98 -24.47 -3.17
N ALA D 206 -15.99 -24.20 -2.34
CA ALA D 206 -16.10 -24.52 -0.92
C ALA D 206 -15.43 -23.42 -0.09
N PRO D 207 -16.02 -22.18 -0.07
CA PRO D 207 -15.62 -21.16 0.90
C PRO D 207 -16.06 -21.55 2.31
N LEU D 208 -15.61 -20.81 3.31
CA LEU D 208 -16.05 -21.03 4.67
C LEU D 208 -17.57 -20.94 4.74
N ASP D 209 -18.15 -20.09 3.88
CA ASP D 209 -19.60 -19.91 3.79
C ASP D 209 -20.30 -21.26 3.80
N ILE D 210 -19.81 -22.19 2.97
CA ILE D 210 -20.31 -23.55 2.89
C ILE D 210 -19.64 -24.43 3.93
N THR D 211 -18.30 -24.37 4.04
CA THR D 211 -17.56 -25.39 4.80
C THR D 211 -17.81 -25.28 6.30
N HIS D 212 -18.23 -24.10 6.76
CA HIS D 212 -18.52 -23.88 8.18
C HIS D 212 -19.85 -24.53 8.56
N THR D 213 -20.61 -25.04 7.57
CA THR D 213 -21.85 -25.76 7.82
C THR D 213 -21.69 -27.25 7.52
N VAL D 214 -20.47 -27.68 7.17
CA VAL D 214 -20.19 -29.10 6.93
C VAL D 214 -19.37 -29.60 8.12
N LEU D 215 -20.08 -29.98 9.17
CA LEU D 215 -19.51 -30.23 10.49
C LEU D 215 -19.57 -31.71 10.82
N VAL D 216 -18.60 -32.17 11.64
CA VAL D 216 -18.49 -33.56 12.04
C VAL D 216 -19.25 -33.76 13.36
N THR D 217 -20.56 -34.01 13.22
CA THR D 217 -21.50 -34.17 14.32
C THR D 217 -21.41 -35.58 14.91
N GLU D 218 -22.17 -35.83 15.99
CA GLU D 218 -22.34 -37.17 16.51
C GLU D 218 -22.95 -38.09 15.44
N LYS D 219 -23.88 -37.55 14.64
CA LYS D 219 -24.57 -38.34 13.62
C LYS D 219 -23.58 -38.76 12.53
N VAL D 220 -22.68 -37.86 12.14
CA VAL D 220 -21.65 -38.20 11.15
C VAL D 220 -20.72 -39.28 11.70
N ILE D 221 -20.26 -39.14 12.96
CA ILE D 221 -19.29 -40.05 13.55
C ILE D 221 -19.81 -41.48 13.59
N ASN D 222 -21.10 -41.65 13.92
CA ASN D 222 -21.73 -42.96 14.03
C ASN D 222 -22.00 -43.56 12.65
N ASP D 223 -22.30 -42.71 11.65
CA ASP D 223 -22.44 -43.18 10.28
C ASP D 223 -21.09 -43.66 9.77
N ILE D 224 -20.01 -43.00 10.21
CA ILE D 224 -18.68 -43.40 9.79
C ILE D 224 -18.40 -44.77 10.37
N LYS D 225 -18.63 -44.94 11.69
CA LYS D 225 -18.40 -46.19 12.38
C LYS D 225 -19.21 -47.31 11.75
N ALA D 226 -20.48 -47.02 11.41
CA ALA D 226 -21.35 -47.98 10.75
C ALA D 226 -20.77 -48.42 9.41
N ALA D 227 -20.27 -47.47 8.62
CA ALA D 227 -19.70 -47.79 7.31
C ALA D 227 -18.32 -48.46 7.39
N THR D 228 -17.57 -48.35 8.51
CA THR D 228 -16.16 -48.74 8.54
C THR D 228 -15.84 -49.81 9.57
N GLU D 229 -16.50 -49.79 10.72
CA GLU D 229 -16.09 -50.64 11.83
C GLU D 229 -16.25 -52.11 11.47
N PRO D 230 -17.28 -52.52 10.66
CA PRO D 230 -17.40 -53.93 10.30
C PRO D 230 -16.17 -54.46 9.56
N TYR D 231 -15.53 -53.61 8.75
CA TYR D 231 -14.52 -54.06 7.79
C TYR D 231 -13.12 -53.73 8.29
N SER D 232 -12.93 -52.60 8.96
CA SER D 232 -11.59 -52.18 9.37
C SER D 232 -11.68 -51.32 10.63
N PRO D 233 -11.67 -51.92 11.83
CA PRO D 233 -11.66 -51.15 13.09
C PRO D 233 -10.44 -50.24 13.23
N LYS D 234 -9.27 -50.68 12.72
CA LYS D 234 -8.06 -49.87 12.76
C LYS D 234 -8.31 -48.57 11.98
N PHE D 235 -8.91 -48.69 10.78
CA PHE D 235 -9.17 -47.53 9.95
C PHE D 235 -10.24 -46.64 10.56
N THR D 236 -11.22 -47.23 11.26
CA THR D 236 -12.25 -46.43 11.94
C THR D 236 -11.56 -45.51 12.95
N GLU D 237 -10.71 -46.12 13.78
CA GLU D 237 -9.98 -45.43 14.83
C GLU D 237 -9.15 -44.28 14.25
N MET D 238 -8.45 -44.57 13.14
CA MET D 238 -7.59 -43.61 12.47
C MET D 238 -8.38 -42.42 11.98
N ILE D 239 -9.45 -42.66 11.21
CA ILE D 239 -10.14 -41.58 10.54
C ILE D 239 -10.88 -40.70 11.55
N ILE D 240 -11.29 -41.26 12.70
CA ILE D 240 -11.97 -40.47 13.72
C ILE D 240 -10.95 -39.50 14.34
N LYS D 241 -9.78 -40.02 14.72
CA LYS D 241 -8.74 -39.23 15.36
C LYS D 241 -8.33 -38.07 14.46
N LEU D 242 -8.10 -38.37 13.18
CA LEU D 242 -7.68 -37.36 12.22
C LEU D 242 -8.76 -36.28 12.12
N LEU D 243 -10.05 -36.69 12.14
CA LEU D 243 -11.13 -35.73 11.99
C LEU D 243 -11.28 -34.89 13.26
N PHE D 244 -10.93 -35.43 14.45
CA PHE D 244 -11.09 -34.70 15.69
C PHE D 244 -9.78 -34.14 16.25
N PHE D 245 -8.67 -34.17 15.50
CA PHE D 245 -7.38 -33.79 16.07
C PHE D 245 -7.43 -32.34 16.54
N PHE D 246 -7.95 -31.44 15.68
CA PHE D 246 -7.97 -29.99 15.92
C PHE D 246 -9.30 -29.55 16.56
N LYS D 247 -9.98 -30.45 17.29
CA LYS D 247 -11.34 -30.21 17.77
C LYS D 247 -11.37 -29.10 18.84
N ASP D 248 -10.48 -29.22 19.84
CA ASP D 248 -10.45 -28.30 20.97
C ASP D 248 -10.17 -26.85 20.57
N THR D 249 -9.23 -26.67 19.64
CA THR D 249 -8.88 -25.34 19.16
C THR D 249 -10.02 -24.79 18.29
N TYR D 250 -10.68 -25.65 17.51
CA TYR D 250 -11.83 -25.23 16.71
C TYR D 250 -12.98 -24.76 17.63
N ARG D 251 -13.07 -25.32 18.84
CA ARG D 251 -14.10 -24.93 19.79
C ARG D 251 -13.68 -23.64 20.50
N ASP D 252 -12.47 -23.62 21.08
CA ASP D 252 -12.09 -22.56 22.01
C ASP D 252 -11.70 -21.30 21.23
N VAL D 253 -11.20 -21.49 20.01
CA VAL D 253 -10.78 -20.37 19.19
C VAL D 253 -11.94 -19.91 18.29
N PHE D 254 -12.68 -20.84 17.65
CA PHE D 254 -13.58 -20.42 16.58
C PHE D 254 -15.04 -20.79 16.86
N GLY D 255 -15.35 -21.20 18.10
CA GLY D 255 -16.72 -21.28 18.58
C GLY D 255 -17.48 -22.55 18.16
N PHE D 256 -16.93 -23.35 17.25
CA PHE D 256 -17.64 -24.52 16.74
C PHE D 256 -17.77 -25.58 17.83
N ILE D 257 -18.97 -26.15 17.91
CA ILE D 257 -19.27 -27.25 18.81
C ILE D 257 -18.65 -28.51 18.21
N ASP D 258 -18.88 -28.66 16.90
CA ASP D 258 -18.35 -29.74 16.08
C ASP D 258 -17.45 -29.09 15.03
N PRO D 259 -16.26 -29.67 14.71
CA PRO D 259 -15.32 -29.03 13.79
C PRO D 259 -15.72 -29.26 12.33
N PRO D 260 -15.35 -28.34 11.43
CA PRO D 260 -15.70 -28.46 10.01
C PRO D 260 -14.76 -29.41 9.26
N LEU D 261 -15.22 -29.86 8.11
CA LEU D 261 -14.41 -30.57 7.13
C LEU D 261 -14.51 -29.76 5.84
N HIS D 262 -13.39 -29.14 5.43
CA HIS D 262 -13.45 -28.18 4.35
C HIS D 262 -13.22 -28.85 3.01
N ASP D 263 -12.05 -29.44 2.81
CA ASP D 263 -11.50 -29.66 1.48
C ASP D 263 -12.28 -30.71 0.64
N PRO D 264 -12.80 -31.80 1.23
CA PRO D 264 -13.59 -32.74 0.46
C PRO D 264 -14.72 -32.08 -0.33
N VAL D 265 -15.21 -30.94 0.19
CA VAL D 265 -16.39 -30.31 -0.38
C VAL D 265 -16.11 -29.84 -1.82
N ALA D 266 -14.84 -29.52 -2.11
CA ALA D 266 -14.39 -29.09 -3.43
C ALA D 266 -14.29 -30.25 -4.41
N ALA D 267 -13.83 -31.41 -3.93
CA ALA D 267 -13.93 -32.61 -4.74
C ALA D 267 -15.40 -32.96 -4.98
N PHE D 268 -16.25 -32.73 -3.97
CA PHE D 268 -17.66 -33.04 -4.09
C PHE D 268 -18.26 -32.20 -5.21
N HIS D 269 -17.73 -30.98 -5.40
CA HIS D 269 -18.28 -30.07 -6.41
C HIS D 269 -18.06 -30.63 -7.82
N LEU D 270 -16.90 -31.27 -8.04
CA LEU D 270 -16.62 -31.86 -9.33
C LEU D 270 -17.42 -33.15 -9.51
N ILE D 271 -17.59 -33.90 -8.39
CA ILE D 271 -18.38 -35.12 -8.40
C ILE D 271 -19.84 -34.82 -8.72
N ALA D 272 -20.42 -33.83 -8.04
CA ALA D 272 -21.87 -33.57 -8.11
C ALA D 272 -22.11 -32.07 -7.93
N PRO D 273 -21.87 -31.26 -8.99
CA PRO D 273 -22.09 -29.81 -8.91
C PRO D 273 -23.51 -29.38 -8.53
N GLU D 274 -24.50 -30.24 -8.84
CA GLU D 274 -25.91 -29.88 -8.79
C GLU D 274 -26.36 -29.61 -7.35
N TRP D 275 -25.56 -30.02 -6.34
CA TRP D 275 -25.89 -29.75 -4.96
C TRP D 275 -25.50 -28.35 -4.51
N PHE D 276 -24.89 -27.50 -5.37
CA PHE D 276 -24.38 -26.21 -4.91
C PHE D 276 -25.13 -25.05 -5.56
N GLU D 277 -25.40 -24.00 -4.79
CA GLU D 277 -25.72 -22.71 -5.36
C GLU D 277 -24.48 -22.19 -6.07
N HIS D 278 -24.68 -21.39 -7.11
CA HIS D 278 -23.61 -20.84 -7.94
C HIS D 278 -23.98 -19.44 -8.37
N VAL D 279 -23.01 -18.50 -8.29
CA VAL D 279 -23.19 -17.19 -8.92
C VAL D 279 -21.87 -16.71 -9.53
N ARG D 280 -21.97 -16.16 -10.75
CA ARG D 280 -20.85 -15.53 -11.44
C ARG D 280 -20.72 -14.10 -10.95
N CYS D 281 -19.49 -13.66 -10.68
CA CYS D 281 -19.24 -12.34 -10.14
C CYS D 281 -17.77 -11.95 -10.36
N HIS D 282 -17.42 -10.69 -10.03
CA HIS D 282 -16.04 -10.25 -10.01
C HIS D 282 -15.48 -10.37 -8.60
N VAL D 283 -14.41 -11.15 -8.43
CA VAL D 283 -13.72 -11.26 -7.15
C VAL D 283 -12.37 -10.53 -7.23
N ASP D 284 -12.17 -9.56 -6.34
CA ASP D 284 -10.86 -8.94 -6.17
C ASP D 284 -10.16 -9.54 -4.96
N ILE D 285 -8.91 -9.98 -5.12
CA ILE D 285 -8.11 -10.43 -3.98
C ILE D 285 -7.27 -9.25 -3.47
N GLU D 286 -7.48 -8.89 -2.21
CA GLU D 286 -6.67 -7.90 -1.55
C GLU D 286 -5.24 -8.42 -1.46
N THR D 287 -4.32 -7.60 -1.98
CA THR D 287 -2.89 -7.81 -1.89
C THR D 287 -2.17 -6.66 -1.19
N LYS D 288 -2.75 -5.44 -1.22
CA LYS D 288 -2.08 -4.27 -0.66
C LYS D 288 -2.37 -4.13 0.84
N GLY D 289 -3.52 -4.63 1.29
CA GLY D 289 -3.94 -4.49 2.67
C GLY D 289 -2.93 -5.06 3.65
N GLU D 290 -2.72 -4.34 4.74
CA GLU D 290 -1.77 -4.71 5.77
C GLU D 290 -2.35 -5.81 6.66
N TYR D 291 -3.64 -5.66 6.98
CA TYR D 291 -4.33 -6.53 7.92
C TYR D 291 -5.39 -7.40 7.24
N THR D 292 -5.54 -7.25 5.91
CA THR D 292 -6.70 -7.75 5.17
C THR D 292 -6.28 -8.41 3.86
N TYR D 293 -5.00 -8.76 3.70
CA TYR D 293 -4.58 -9.48 2.50
C TYR D 293 -5.26 -10.85 2.51
N GLY D 294 -5.64 -11.30 1.31
CA GLY D 294 -6.32 -12.57 1.15
C GLY D 294 -7.84 -12.44 1.15
N CYS D 295 -8.37 -11.25 1.47
CA CYS D 295 -9.83 -11.02 1.44
C CYS D 295 -10.33 -11.18 0.01
N CYS D 296 -11.44 -11.93 -0.12
CA CYS D 296 -12.16 -12.08 -1.36
C CYS D 296 -13.28 -11.05 -1.42
N CYS D 297 -13.07 -9.97 -2.15
CA CYS D 297 -13.96 -8.81 -2.14
C CYS D 297 -14.82 -8.76 -3.41
N THR D 298 -16.15 -8.77 -3.17
CA THR D 298 -17.21 -8.76 -4.16
C THR D 298 -18.29 -7.79 -3.68
N ASN D 299 -19.30 -7.57 -4.54
CA ASN D 299 -20.47 -6.78 -4.22
C ASN D 299 -21.66 -7.70 -3.92
N LEU D 300 -21.40 -8.89 -3.34
CA LEU D 300 -22.47 -9.87 -3.13
C LEU D 300 -23.51 -9.40 -2.10
N ILE D 301 -23.08 -8.61 -1.11
CA ILE D 301 -23.96 -8.00 -0.13
C ILE D 301 -25.00 -7.11 -0.80
N LEU D 302 -24.64 -6.45 -1.90
CA LEU D 302 -25.50 -5.44 -2.49
C LEU D 302 -26.52 -6.14 -3.39
N LYS D 303 -27.78 -5.72 -3.29
CA LYS D 303 -28.80 -6.07 -4.28
C LYS D 303 -28.91 -4.95 -5.34
N PRO D 307 -25.77 0.56 -10.24
CA PRO D 307 -26.43 1.74 -10.84
C PRO D 307 -26.07 1.91 -12.31
N THR D 308 -25.49 3.06 -12.67
CA THR D 308 -24.75 3.24 -13.90
C THR D 308 -23.25 3.07 -13.65
N LYS D 309 -22.85 2.27 -12.65
CA LYS D 309 -21.45 2.15 -12.23
C LYS D 309 -20.71 1.11 -13.08
N ILE D 310 -19.49 1.41 -13.55
CA ILE D 310 -18.85 0.50 -14.49
C ILE D 310 -18.61 -0.83 -13.78
N VAL D 311 -19.22 -1.90 -14.31
CA VAL D 311 -19.08 -3.22 -13.71
C VAL D 311 -17.79 -3.77 -14.27
N LYS D 312 -16.83 -4.09 -13.40
CA LYS D 312 -15.67 -4.89 -13.78
C LYS D 312 -16.10 -6.34 -14.01
N PRO D 313 -15.71 -6.97 -15.15
CA PRO D 313 -16.36 -8.20 -15.59
C PRO D 313 -16.09 -9.41 -14.69
N ASP D 314 -16.98 -10.39 -14.78
CA ASP D 314 -16.93 -11.57 -13.95
C ASP D 314 -15.64 -12.31 -14.22
N ASN D 315 -15.11 -12.96 -13.17
CA ASN D 315 -13.87 -13.68 -13.26
C ASN D 315 -13.91 -14.95 -12.38
N ALA D 316 -15.07 -15.30 -11.82
CA ALA D 316 -15.16 -16.49 -10.97
C ALA D 316 -16.62 -16.90 -10.80
N THR D 317 -16.80 -18.18 -10.41
CA THR D 317 -18.05 -18.64 -9.87
C THR D 317 -17.89 -18.74 -8.36
N VAL D 318 -18.90 -18.28 -7.62
CA VAL D 318 -18.89 -18.38 -6.17
C VAL D 318 -20.09 -19.22 -5.73
N CYS D 319 -19.77 -20.23 -4.91
CA CYS D 319 -20.76 -21.12 -4.32
C CYS D 319 -20.90 -20.77 -2.83
N LEU D 320 -22.05 -20.18 -2.50
CA LEU D 320 -22.27 -19.58 -1.20
C LEU D 320 -22.95 -20.56 -0.26
N LYS D 321 -23.82 -21.44 -0.79
CA LYS D 321 -24.51 -22.44 0.02
C LYS D 321 -24.73 -23.72 -0.78
N LEU D 322 -24.92 -24.82 -0.05
CA LEU D 322 -25.38 -26.08 -0.61
C LEU D 322 -26.89 -26.01 -0.79
N LYS D 323 -27.40 -26.51 -1.93
CA LYS D 323 -28.81 -26.65 -2.18
C LYS D 323 -29.38 -27.67 -1.18
N GLU D 324 -30.72 -27.69 -1.08
CA GLU D 324 -31.39 -28.55 -0.13
C GLU D 324 -31.10 -30.02 -0.44
N GLY D 325 -30.71 -30.75 0.62
CA GLY D 325 -30.27 -32.13 0.54
C GLY D 325 -28.77 -32.23 0.26
N GLY D 326 -28.12 -31.07 0.20
CA GLY D 326 -26.74 -31.03 -0.23
C GLY D 326 -25.81 -31.60 0.82
N HIS D 327 -26.11 -31.37 2.11
CA HIS D 327 -25.25 -31.78 3.19
C HIS D 327 -25.29 -33.30 3.28
N ASP D 328 -26.50 -33.84 3.13
CA ASP D 328 -26.70 -35.29 3.17
C ASP D 328 -26.08 -35.96 1.93
N ALA D 329 -26.28 -35.38 0.74
CA ALA D 329 -25.62 -35.89 -0.47
C ALA D 329 -24.12 -35.99 -0.24
N PHE D 330 -23.53 -34.95 0.37
CA PHE D 330 -22.10 -34.85 0.61
C PHE D 330 -21.63 -35.98 1.54
N TRP D 331 -22.25 -36.11 2.71
CA TRP D 331 -21.83 -37.11 3.69
C TRP D 331 -22.03 -38.55 3.20
N ASN D 332 -23.10 -38.84 2.44
CA ASN D 332 -23.32 -40.19 1.94
CA ASN D 332 -23.25 -40.23 2.03
C ASN D 332 -22.18 -40.57 0.99
N GLN D 333 -21.75 -39.60 0.18
CA GLN D 333 -20.67 -39.81 -0.77
C GLN D 333 -19.33 -39.97 -0.03
N MET D 334 -19.12 -39.14 0.99
CA MET D 334 -17.90 -39.19 1.77
C MET D 334 -17.82 -40.48 2.59
N ILE D 335 -18.94 -40.87 3.20
CA ILE D 335 -18.97 -42.02 4.11
C ILE D 335 -18.95 -43.32 3.33
N THR D 336 -19.53 -43.33 2.13
CA THR D 336 -19.44 -44.50 1.26
C THR D 336 -17.99 -44.74 0.83
N VAL D 337 -17.25 -43.67 0.58
CA VAL D 337 -15.86 -43.80 0.21
C VAL D 337 -15.08 -44.38 1.39
N TRP D 338 -15.34 -43.87 2.59
CA TRP D 338 -14.65 -44.36 3.78
C TRP D 338 -14.97 -45.83 4.00
N GLY D 339 -16.20 -46.25 3.65
CA GLY D 339 -16.67 -47.62 3.73
C GLY D 339 -15.97 -48.56 2.75
N GLU D 340 -15.75 -48.08 1.51
N GLU D 340 -15.71 -48.09 1.52
CA GLU D 340 -15.03 -48.83 0.49
CA GLU D 340 -15.01 -48.89 0.52
C GLU D 340 -13.54 -48.96 0.85
C GLU D 340 -13.53 -48.97 0.87
N ILE D 341 -12.96 -47.86 1.34
CA ILE D 341 -11.57 -47.87 1.78
C ILE D 341 -11.39 -48.92 2.87
N ALA D 342 -12.23 -48.87 3.90
CA ALA D 342 -12.15 -49.79 5.03
C ALA D 342 -12.26 -51.23 4.55
N LYS D 343 -13.03 -51.48 3.47
CA LYS D 343 -13.14 -52.80 2.87
C LYS D 343 -11.79 -53.24 2.32
N GLU D 344 -11.18 -52.41 1.48
CA GLU D 344 -9.87 -52.71 0.90
C GLU D 344 -8.81 -52.91 1.97
N ILE D 345 -8.86 -52.16 3.09
CA ILE D 345 -7.85 -52.28 4.13
C ILE D 345 -8.05 -53.58 4.90
N GLY D 346 -9.28 -53.80 5.39
CA GLY D 346 -9.56 -54.90 6.29
C GLY D 346 -8.88 -54.72 7.64
#